data_6DHB
# 
_entry.id   6DHB 
# 
_audit_conform.dict_name       mmcif_pdbx.dic 
_audit_conform.dict_version    5.397 
_audit_conform.dict_location   http://mmcif.pdb.org/dictionaries/ascii/mmcif_pdbx.dic 
# 
loop_
_database_2.database_id 
_database_2.database_code 
_database_2.pdbx_database_accession 
_database_2.pdbx_DOI 
PDB   6DHB         pdb_00006dhb 10.2210/pdb6dhb/pdb 
WWPDB D_1000234599 ?            ?                   
# 
loop_
_pdbx_audit_revision_history.ordinal 
_pdbx_audit_revision_history.data_content_type 
_pdbx_audit_revision_history.major_revision 
_pdbx_audit_revision_history.minor_revision 
_pdbx_audit_revision_history.revision_date 
1 'Structure model' 1 0 2018-12-12 
2 'Structure model' 1 1 2018-12-19 
3 'Structure model' 1 2 2019-12-18 
4 'Structure model' 1 3 2023-10-11 
5 'Structure model' 1 4 2024-10-30 
# 
_pdbx_audit_revision_details.ordinal             1 
_pdbx_audit_revision_details.revision_ordinal    1 
_pdbx_audit_revision_details.data_content_type   'Structure model' 
_pdbx_audit_revision_details.provider            repository 
_pdbx_audit_revision_details.type                'Initial release' 
_pdbx_audit_revision_details.description         ? 
_pdbx_audit_revision_details.details             ? 
# 
loop_
_pdbx_audit_revision_group.ordinal 
_pdbx_audit_revision_group.revision_ordinal 
_pdbx_audit_revision_group.data_content_type 
_pdbx_audit_revision_group.group 
1 2 'Structure model' 'Data collection'            
2 2 'Structure model' 'Database references'        
3 3 'Structure model' 'Author supporting evidence' 
4 4 'Structure model' 'Data collection'            
5 4 'Structure model' 'Database references'        
6 4 'Structure model' 'Refinement description'     
7 5 'Structure model' 'Structure summary'          
# 
loop_
_pdbx_audit_revision_category.ordinal 
_pdbx_audit_revision_category.revision_ordinal 
_pdbx_audit_revision_category.data_content_type 
_pdbx_audit_revision_category.category 
1 2 'Structure model' citation                      
2 2 'Structure model' citation_author               
3 3 'Structure model' pdbx_audit_support            
4 4 'Structure model' chem_comp_atom                
5 4 'Structure model' chem_comp_bond                
6 4 'Structure model' database_2                    
7 4 'Structure model' pdbx_initial_refinement_model 
8 5 'Structure model' pdbx_entry_details            
9 5 'Structure model' pdbx_modification_feature     
# 
loop_
_pdbx_audit_revision_item.ordinal 
_pdbx_audit_revision_item.revision_ordinal 
_pdbx_audit_revision_item.data_content_type 
_pdbx_audit_revision_item.item 
1 2 'Structure model' '_citation.page_first'                     
2 2 'Structure model' '_citation.page_last'                      
3 2 'Structure model' '_citation.pdbx_database_id_PubMed'        
4 2 'Structure model' '_citation.title'                          
5 3 'Structure model' '_pdbx_audit_support.funding_organization' 
6 4 'Structure model' '_database_2.pdbx_DOI'                     
7 4 'Structure model' '_database_2.pdbx_database_accession'      
# 
_pdbx_database_status.status_code                     REL 
_pdbx_database_status.status_code_sf                  REL 
_pdbx_database_status.status_code_mr                  ? 
_pdbx_database_status.entry_id                        6DHB 
_pdbx_database_status.recvd_initial_deposition_date   2018-05-19 
_pdbx_database_status.SG_entry                        N 
_pdbx_database_status.deposit_site                    RCSB 
_pdbx_database_status.process_site                    RCSB 
_pdbx_database_status.status_code_cs                  ? 
_pdbx_database_status.methods_development_category    ? 
_pdbx_database_status.pdb_format_compatible           Y 
_pdbx_database_status.status_code_nmr_data            ? 
# 
loop_
_audit_author.name 
_audit_author.pdbx_ordinal 
_audit_author.identifier_ORCID 
'Gandhi, A.K.'   1 ? 
'Kim, W.M.'      2 ? 
'Huang, Y.H.'    3 ? 
'Bonsor, D.'     4 ? 
'Sundberg, E.'   5 ? 
'Sun, Z.-Y.'     6 ? 
'Petsko, G.A.'   7 ? 
'Kuchroo, V.'    8 ? 
'Blumberg, R.S.' 9 ? 
# 
_citation.abstract                  ? 
_citation.abstract_id_CAS           ? 
_citation.book_id_ISBN              ? 
_citation.book_publisher            ? 
_citation.book_publisher_city       ? 
_citation.book_title                ? 
_citation.coordinate_linkage        ? 
_citation.country                   UK 
_citation.database_id_Medline       ? 
_citation.details                   ? 
_citation.id                        primary 
_citation.journal_abbrev            'Sci Rep' 
_citation.journal_id_ASTM           ? 
_citation.journal_id_CSD            ? 
_citation.journal_id_ISSN           2045-2322 
_citation.journal_full              ? 
_citation.journal_issue             ? 
_citation.journal_volume            8 
_citation.language                  ? 
_citation.page_first                17512 
_citation.page_last                 17512 
_citation.title                     
'High resolution X-ray and NMR structural study of human T-cell immunoglobulin and mucin domain containing protein-3.' 
_citation.year                      2018 
_citation.database_id_CSD           ? 
_citation.pdbx_database_id_DOI      10.1038/s41598-018-35754-0 
_citation.pdbx_database_id_PubMed   30504845 
_citation.unpublished_flag          ? 
# 
loop_
_citation_author.citation_id 
_citation_author.name 
_citation_author.ordinal 
_citation_author.identifier_ORCID 
primary 'Gandhi, A.K.'   1  ? 
primary 'Kim, W.M.'      2  ? 
primary 'Sun, Z.J.'      3  ? 
primary 'Huang, Y.H.'    4  ? 
primary 'Bonsor, D.A.'   5  ? 
primary 'Sundberg, E.J.' 6  ? 
primary 'Kondo, Y.'      7  ? 
primary 'Wagner, G.'     8  ? 
primary 'Kuchroo, V.K.'  9  ? 
primary 'Petsko, G.'     10 ? 
primary 'Blumberg, R.S.' 11 ? 
# 
loop_
_entity.id 
_entity.type 
_entity.src_method 
_entity.pdbx_description 
_entity.formula_weight 
_entity.pdbx_number_of_molecules 
_entity.pdbx_ec 
_entity.pdbx_mutation 
_entity.pdbx_fragment 
_entity.details 
1 polymer     man 'Hepatitis A virus cellular receptor 2' 12213.006 1   ? ? 'unp residues 24-130' ? 
2 non-polymer syn 'CALCIUM ION'                           40.078    1   ? ? ?                     ? 
3 non-polymer syn 'BENZOIC ACID'                          122.121   1   ? ? ?                     ? 
4 non-polymer syn 1,2-ETHANEDIOL                          62.068    2   ? ? ?                     ? 
5 water       nat water                                   18.015    100 ? ? ?                     ? 
# 
_entity_name_com.entity_id   1 
_entity_name_com.name        
;HAVcr-2,T-cell immunoglobulin and mucin domain-containing protein 3,TIMD-3,T-cell immunoglobulin mucin receptor 3,TIM-3,T-cell membrane protein 3
;
# 
_entity_poly.entity_id                      1 
_entity_poly.type                           'polypeptide(L)' 
_entity_poly.nstd_linkage                   no 
_entity_poly.nstd_monomer                   no 
_entity_poly.pdbx_seq_one_letter_code       
;MVEYRAEVGQNAYLPCFYTPAAPGNLVPVCWGKGACPVFECGNVVLRTDERDVNYWTSRYWLNGDFRKGDVSLTIENVTL
ADSGIYCCRIQIPGIMNDEKFNLKLVIK
;
_entity_poly.pdbx_seq_one_letter_code_can   
;MVEYRAEVGQNAYLPCFYTPAAPGNLVPVCWGKGACPVFECGNVVLRTDERDVNYWTSRYWLNGDFRKGDVSLTIENVTL
ADSGIYCCRIQIPGIMNDEKFNLKLVIK
;
_entity_poly.pdbx_strand_id                 A 
_entity_poly.pdbx_target_identifier         ? 
# 
loop_
_pdbx_entity_nonpoly.entity_id 
_pdbx_entity_nonpoly.name 
_pdbx_entity_nonpoly.comp_id 
2 'CALCIUM ION'  CA  
3 'BENZOIC ACID' BEZ 
4 1,2-ETHANEDIOL EDO 
5 water          HOH 
# 
loop_
_entity_poly_seq.entity_id 
_entity_poly_seq.num 
_entity_poly_seq.mon_id 
_entity_poly_seq.hetero 
1 1   MET n 
1 2   VAL n 
1 3   GLU n 
1 4   TYR n 
1 5   ARG n 
1 6   ALA n 
1 7   GLU n 
1 8   VAL n 
1 9   GLY n 
1 10  GLN n 
1 11  ASN n 
1 12  ALA n 
1 13  TYR n 
1 14  LEU n 
1 15  PRO n 
1 16  CYS n 
1 17  PHE n 
1 18  TYR n 
1 19  THR n 
1 20  PRO n 
1 21  ALA n 
1 22  ALA n 
1 23  PRO n 
1 24  GLY n 
1 25  ASN n 
1 26  LEU n 
1 27  VAL n 
1 28  PRO n 
1 29  VAL n 
1 30  CYS n 
1 31  TRP n 
1 32  GLY n 
1 33  LYS n 
1 34  GLY n 
1 35  ALA n 
1 36  CYS n 
1 37  PRO n 
1 38  VAL n 
1 39  PHE n 
1 40  GLU n 
1 41  CYS n 
1 42  GLY n 
1 43  ASN n 
1 44  VAL n 
1 45  VAL n 
1 46  LEU n 
1 47  ARG n 
1 48  THR n 
1 49  ASP n 
1 50  GLU n 
1 51  ARG n 
1 52  ASP n 
1 53  VAL n 
1 54  ASN n 
1 55  TYR n 
1 56  TRP n 
1 57  THR n 
1 58  SER n 
1 59  ARG n 
1 60  TYR n 
1 61  TRP n 
1 62  LEU n 
1 63  ASN n 
1 64  GLY n 
1 65  ASP n 
1 66  PHE n 
1 67  ARG n 
1 68  LYS n 
1 69  GLY n 
1 70  ASP n 
1 71  VAL n 
1 72  SER n 
1 73  LEU n 
1 74  THR n 
1 75  ILE n 
1 76  GLU n 
1 77  ASN n 
1 78  VAL n 
1 79  THR n 
1 80  LEU n 
1 81  ALA n 
1 82  ASP n 
1 83  SER n 
1 84  GLY n 
1 85  ILE n 
1 86  TYR n 
1 87  CYS n 
1 88  CYS n 
1 89  ARG n 
1 90  ILE n 
1 91  GLN n 
1 92  ILE n 
1 93  PRO n 
1 94  GLY n 
1 95  ILE n 
1 96  MET n 
1 97  ASN n 
1 98  ASP n 
1 99  GLU n 
1 100 LYS n 
1 101 PHE n 
1 102 ASN n 
1 103 LEU n 
1 104 LYS n 
1 105 LEU n 
1 106 VAL n 
1 107 ILE n 
1 108 LYS n 
# 
_entity_src_gen.entity_id                          1 
_entity_src_gen.pdbx_src_id                        1 
_entity_src_gen.pdbx_alt_source_flag               sample 
_entity_src_gen.pdbx_seq_type                      'Biological sequence' 
_entity_src_gen.pdbx_beg_seq_num                   1 
_entity_src_gen.pdbx_end_seq_num                   108 
_entity_src_gen.gene_src_common_name               Human 
_entity_src_gen.gene_src_genus                     ? 
_entity_src_gen.pdbx_gene_src_gene                 'HAVCR2, TIM3, TIMD3' 
_entity_src_gen.gene_src_species                   ? 
_entity_src_gen.gene_src_strain                    ? 
_entity_src_gen.gene_src_tissue                    ? 
_entity_src_gen.gene_src_tissue_fraction           ? 
_entity_src_gen.gene_src_details                   ? 
_entity_src_gen.pdbx_gene_src_fragment             ? 
_entity_src_gen.pdbx_gene_src_scientific_name      'Homo sapiens' 
_entity_src_gen.pdbx_gene_src_ncbi_taxonomy_id     9606 
_entity_src_gen.pdbx_gene_src_variant              ? 
_entity_src_gen.pdbx_gene_src_cell_line            ? 
_entity_src_gen.pdbx_gene_src_atcc                 ? 
_entity_src_gen.pdbx_gene_src_organ                ? 
_entity_src_gen.pdbx_gene_src_organelle            ? 
_entity_src_gen.pdbx_gene_src_cell                 ? 
_entity_src_gen.pdbx_gene_src_cellular_location    ? 
_entity_src_gen.host_org_common_name               ? 
_entity_src_gen.pdbx_host_org_scientific_name      'Escherichia coli' 
_entity_src_gen.pdbx_host_org_ncbi_taxonomy_id     562 
_entity_src_gen.host_org_genus                     ? 
_entity_src_gen.pdbx_host_org_gene                 ? 
_entity_src_gen.pdbx_host_org_organ                ? 
_entity_src_gen.host_org_species                   ? 
_entity_src_gen.pdbx_host_org_tissue               ? 
_entity_src_gen.pdbx_host_org_tissue_fraction      ? 
_entity_src_gen.pdbx_host_org_strain               ? 
_entity_src_gen.pdbx_host_org_variant              ? 
_entity_src_gen.pdbx_host_org_cell_line            ? 
_entity_src_gen.pdbx_host_org_atcc                 ? 
_entity_src_gen.pdbx_host_org_culture_collection   ? 
_entity_src_gen.pdbx_host_org_cell                 ? 
_entity_src_gen.pdbx_host_org_organelle            ? 
_entity_src_gen.pdbx_host_org_cellular_location    ? 
_entity_src_gen.pdbx_host_org_vector_type          ? 
_entity_src_gen.pdbx_host_org_vector               ? 
_entity_src_gen.host_org_details                   ? 
_entity_src_gen.expression_system_id               ? 
_entity_src_gen.plasmid_name                       ? 
_entity_src_gen.plasmid_details                    ? 
_entity_src_gen.pdbx_description                   ? 
# 
loop_
_chem_comp.id 
_chem_comp.type 
_chem_comp.mon_nstd_flag 
_chem_comp.name 
_chem_comp.pdbx_synonyms 
_chem_comp.formula 
_chem_comp.formula_weight 
ALA 'L-peptide linking' y ALANINE         ?                 'C3 H7 N O2'     89.093  
ARG 'L-peptide linking' y ARGININE        ?                 'C6 H15 N4 O2 1' 175.209 
ASN 'L-peptide linking' y ASPARAGINE      ?                 'C4 H8 N2 O3'    132.118 
ASP 'L-peptide linking' y 'ASPARTIC ACID' ?                 'C4 H7 N O4'     133.103 
BEZ non-polymer         . 'BENZOIC ACID'  ?                 'C7 H6 O2'       122.121 
CA  non-polymer         . 'CALCIUM ION'   ?                 'Ca 2'           40.078  
CYS 'L-peptide linking' y CYSTEINE        ?                 'C3 H7 N O2 S'   121.158 
EDO non-polymer         . 1,2-ETHANEDIOL  'ETHYLENE GLYCOL' 'C2 H6 O2'       62.068  
GLN 'L-peptide linking' y GLUTAMINE       ?                 'C5 H10 N2 O3'   146.144 
GLU 'L-peptide linking' y 'GLUTAMIC ACID' ?                 'C5 H9 N O4'     147.129 
GLY 'peptide linking'   y GLYCINE         ?                 'C2 H5 N O2'     75.067  
HOH non-polymer         . WATER           ?                 'H2 O'           18.015  
ILE 'L-peptide linking' y ISOLEUCINE      ?                 'C6 H13 N O2'    131.173 
LEU 'L-peptide linking' y LEUCINE         ?                 'C6 H13 N O2'    131.173 
LYS 'L-peptide linking' y LYSINE          ?                 'C6 H15 N2 O2 1' 147.195 
MET 'L-peptide linking' y METHIONINE      ?                 'C5 H11 N O2 S'  149.211 
PHE 'L-peptide linking' y PHENYLALANINE   ?                 'C9 H11 N O2'    165.189 
PRO 'L-peptide linking' y PROLINE         ?                 'C5 H9 N O2'     115.130 
SER 'L-peptide linking' y SERINE          ?                 'C3 H7 N O3'     105.093 
THR 'L-peptide linking' y THREONINE       ?                 'C4 H9 N O3'     119.119 
TRP 'L-peptide linking' y TRYPTOPHAN      ?                 'C11 H12 N2 O2'  204.225 
TYR 'L-peptide linking' y TYROSINE        ?                 'C9 H11 N O3'    181.189 
VAL 'L-peptide linking' y VALINE          ?                 'C5 H11 N O2'    117.146 
# 
loop_
_pdbx_poly_seq_scheme.asym_id 
_pdbx_poly_seq_scheme.entity_id 
_pdbx_poly_seq_scheme.seq_id 
_pdbx_poly_seq_scheme.mon_id 
_pdbx_poly_seq_scheme.ndb_seq_num 
_pdbx_poly_seq_scheme.pdb_seq_num 
_pdbx_poly_seq_scheme.auth_seq_num 
_pdbx_poly_seq_scheme.pdb_mon_id 
_pdbx_poly_seq_scheme.auth_mon_id 
_pdbx_poly_seq_scheme.pdb_strand_id 
_pdbx_poly_seq_scheme.pdb_ins_code 
_pdbx_poly_seq_scheme.hetero 
A 1 1   MET 1   1   1   MET MET A . n 
A 1 2   VAL 2   2   2   VAL VAL A . n 
A 1 3   GLU 3   3   3   GLU GLU A . n 
A 1 4   TYR 4   4   4   TYR TYR A . n 
A 1 5   ARG 5   5   5   ARG ARG A . n 
A 1 6   ALA 6   6   6   ALA ALA A . n 
A 1 7   GLU 7   7   7   GLU GLU A . n 
A 1 8   VAL 8   8   8   VAL VAL A . n 
A 1 9   GLY 9   9   9   GLY GLY A . n 
A 1 10  GLN 10  10  10  GLN GLN A . n 
A 1 11  ASN 11  11  11  ASN ASN A . n 
A 1 12  ALA 12  12  12  ALA ALA A . n 
A 1 13  TYR 13  13  13  TYR TYR A . n 
A 1 14  LEU 14  14  14  LEU LEU A . n 
A 1 15  PRO 15  15  15  PRO PRO A . n 
A 1 16  CYS 16  16  16  CYS CYS A . n 
A 1 17  PHE 17  17  17  PHE PHE A . n 
A 1 18  TYR 18  18  18  TYR TYR A . n 
A 1 19  THR 19  19  19  THR THR A . n 
A 1 20  PRO 20  20  20  PRO PRO A . n 
A 1 21  ALA 21  21  21  ALA ALA A . n 
A 1 22  ALA 22  22  22  ALA ALA A . n 
A 1 23  PRO 23  23  23  PRO PRO A . n 
A 1 24  GLY 24  24  24  GLY GLY A . n 
A 1 25  ASN 25  25  25  ASN ASN A . n 
A 1 26  LEU 26  26  26  LEU LEU A . n 
A 1 27  VAL 27  27  27  VAL VAL A . n 
A 1 28  PRO 28  28  28  PRO PRO A . n 
A 1 29  VAL 29  29  29  VAL VAL A . n 
A 1 30  CYS 30  30  30  CYS CYS A . n 
A 1 31  TRP 31  31  31  TRP TRP A . n 
A 1 32  GLY 32  32  32  GLY GLY A . n 
A 1 33  LYS 33  33  33  LYS LYS A . n 
A 1 34  GLY 34  34  34  GLY GLY A . n 
A 1 35  ALA 35  35  35  ALA ALA A . n 
A 1 36  CYS 36  36  36  CYS CYS A . n 
A 1 37  PRO 37  37  37  PRO PRO A . n 
A 1 38  VAL 38  38  38  VAL VAL A . n 
A 1 39  PHE 39  39  39  PHE PHE A . n 
A 1 40  GLU 40  40  40  GLU GLU A . n 
A 1 41  CYS 41  41  41  CYS CYS A . n 
A 1 42  GLY 42  42  42  GLY GLY A . n 
A 1 43  ASN 43  43  43  ASN ASN A . n 
A 1 44  VAL 44  44  44  VAL VAL A . n 
A 1 45  VAL 45  45  45  VAL VAL A . n 
A 1 46  LEU 46  46  46  LEU LEU A . n 
A 1 47  ARG 47  47  47  ARG ARG A . n 
A 1 48  THR 48  48  48  THR THR A . n 
A 1 49  ASP 49  49  49  ASP ASP A . n 
A 1 50  GLU 50  50  50  GLU GLU A . n 
A 1 51  ARG 51  51  51  ARG ARG A . n 
A 1 52  ASP 52  52  52  ASP ASP A . n 
A 1 53  VAL 53  53  53  VAL VAL A . n 
A 1 54  ASN 54  54  54  ASN ASN A . n 
A 1 55  TYR 55  55  55  TYR TYR A . n 
A 1 56  TRP 56  56  56  TRP TRP A . n 
A 1 57  THR 57  57  57  THR THR A . n 
A 1 58  SER 58  58  58  SER SER A . n 
A 1 59  ARG 59  59  59  ARG ARG A . n 
A 1 60  TYR 60  60  60  TYR TYR A . n 
A 1 61  TRP 61  61  61  TRP TRP A . n 
A 1 62  LEU 62  62  62  LEU LEU A . n 
A 1 63  ASN 63  63  63  ASN ASN A . n 
A 1 64  GLY 64  64  64  GLY GLY A . n 
A 1 65  ASP 65  65  65  ASP ASP A . n 
A 1 66  PHE 66  66  66  PHE PHE A . n 
A 1 67  ARG 67  67  67  ARG ARG A . n 
A 1 68  LYS 68  68  68  LYS LYS A . n 
A 1 69  GLY 69  69  69  GLY GLY A . n 
A 1 70  ASP 70  70  70  ASP ASP A . n 
A 1 71  VAL 71  71  71  VAL VAL A . n 
A 1 72  SER 72  72  72  SER SER A . n 
A 1 73  LEU 73  73  73  LEU LEU A . n 
A 1 74  THR 74  74  74  THR THR A . n 
A 1 75  ILE 75  75  75  ILE ILE A . n 
A 1 76  GLU 76  76  76  GLU GLU A . n 
A 1 77  ASN 77  77  77  ASN ASN A . n 
A 1 78  VAL 78  78  78  VAL VAL A . n 
A 1 79  THR 79  79  79  THR THR A . n 
A 1 80  LEU 80  80  80  LEU LEU A . n 
A 1 81  ALA 81  81  81  ALA ALA A . n 
A 1 82  ASP 82  82  82  ASP ASP A . n 
A 1 83  SER 83  83  83  SER SER A . n 
A 1 84  GLY 84  84  84  GLY GLY A . n 
A 1 85  ILE 85  85  85  ILE ILE A . n 
A 1 86  TYR 86  86  86  TYR TYR A . n 
A 1 87  CYS 87  87  87  CYS CYS A . n 
A 1 88  CYS 88  88  88  CYS CYS A . n 
A 1 89  ARG 89  89  89  ARG ARG A . n 
A 1 90  ILE 90  90  90  ILE ILE A . n 
A 1 91  GLN 91  91  91  GLN GLN A . n 
A 1 92  ILE 92  92  92  ILE ILE A . n 
A 1 93  PRO 93  93  93  PRO PRO A . n 
A 1 94  GLY 94  94  94  GLY GLY A . n 
A 1 95  ILE 95  95  95  ILE ILE A . n 
A 1 96  MET 96  96  96  MET MET A . n 
A 1 97  ASN 97  97  97  ASN ASN A . n 
A 1 98  ASP 98  98  98  ASP ASP A . n 
A 1 99  GLU 99  99  99  GLU GLU A . n 
A 1 100 LYS 100 100 100 LYS LYS A . n 
A 1 101 PHE 101 101 101 PHE PHE A . n 
A 1 102 ASN 102 102 102 ASN ASN A . n 
A 1 103 LEU 103 103 103 LEU LEU A . n 
A 1 104 LYS 104 104 104 LYS LYS A . n 
A 1 105 LEU 105 105 105 LEU LEU A . n 
A 1 106 VAL 106 106 106 VAL VAL A . n 
A 1 107 ILE 107 107 107 ILE ILE A . n 
A 1 108 LYS 108 108 108 LYS LYS A . n 
# 
_pdbx_entity_instance_feature.ordinal        1 
_pdbx_entity_instance_feature.comp_id        CA 
_pdbx_entity_instance_feature.asym_id        ? 
_pdbx_entity_instance_feature.seq_num        ? 
_pdbx_entity_instance_feature.auth_comp_id   CA 
_pdbx_entity_instance_feature.auth_asym_id   ? 
_pdbx_entity_instance_feature.auth_seq_num   ? 
_pdbx_entity_instance_feature.feature_type   'SUBJECT OF INVESTIGATION' 
_pdbx_entity_instance_feature.details        ? 
# 
loop_
_pdbx_nonpoly_scheme.asym_id 
_pdbx_nonpoly_scheme.entity_id 
_pdbx_nonpoly_scheme.mon_id 
_pdbx_nonpoly_scheme.ndb_seq_num 
_pdbx_nonpoly_scheme.pdb_seq_num 
_pdbx_nonpoly_scheme.auth_seq_num 
_pdbx_nonpoly_scheme.pdb_mon_id 
_pdbx_nonpoly_scheme.auth_mon_id 
_pdbx_nonpoly_scheme.pdb_strand_id 
_pdbx_nonpoly_scheme.pdb_ins_code 
B 2 CA  1   201 201 CA  CA  A . 
C 3 BEZ 1   202 202 BEZ BEZ A . 
D 4 EDO 1   203 203 EDO EDO A . 
E 4 EDO 1   204 204 EDO EDO A . 
F 5 HOH 1   301 301 HOH HOH A . 
F 5 HOH 2   302 302 HOH HOH A . 
F 5 HOH 3   303 303 HOH HOH A . 
F 5 HOH 4   304 304 HOH HOH A . 
F 5 HOH 5   305 305 HOH HOH A . 
F 5 HOH 6   306 306 HOH HOH A . 
F 5 HOH 7   307 307 HOH HOH A . 
F 5 HOH 8   308 308 HOH HOH A . 
F 5 HOH 9   309 309 HOH HOH A . 
F 5 HOH 10  310 310 HOH HOH A . 
F 5 HOH 11  311 311 HOH HOH A . 
F 5 HOH 12  312 312 HOH HOH A . 
F 5 HOH 13  313 313 HOH HOH A . 
F 5 HOH 14  314 314 HOH HOH A . 
F 5 HOH 15  315 315 HOH HOH A . 
F 5 HOH 16  316 316 HOH HOH A . 
F 5 HOH 17  317 317 HOH HOH A . 
F 5 HOH 18  318 318 HOH HOH A . 
F 5 HOH 19  319 319 HOH HOH A . 
F 5 HOH 20  320 320 HOH HOH A . 
F 5 HOH 21  321 321 HOH HOH A . 
F 5 HOH 22  322 322 HOH HOH A . 
F 5 HOH 23  323 323 HOH HOH A . 
F 5 HOH 24  324 324 HOH HOH A . 
F 5 HOH 25  325 325 HOH HOH A . 
F 5 HOH 26  326 326 HOH HOH A . 
F 5 HOH 27  327 327 HOH HOH A . 
F 5 HOH 28  328 328 HOH HOH A . 
F 5 HOH 29  329 329 HOH HOH A . 
F 5 HOH 30  330 330 HOH HOH A . 
F 5 HOH 31  331 331 HOH HOH A . 
F 5 HOH 32  332 332 HOH HOH A . 
F 5 HOH 33  333 333 HOH HOH A . 
F 5 HOH 34  334 334 HOH HOH A . 
F 5 HOH 35  335 335 HOH HOH A . 
F 5 HOH 36  336 336 HOH HOH A . 
F 5 HOH 37  337 337 HOH HOH A . 
F 5 HOH 38  338 338 HOH HOH A . 
F 5 HOH 39  339 339 HOH HOH A . 
F 5 HOH 40  340 340 HOH HOH A . 
F 5 HOH 41  341 341 HOH HOH A . 
F 5 HOH 42  342 342 HOH HOH A . 
F 5 HOH 43  343 343 HOH HOH A . 
F 5 HOH 44  344 344 HOH HOH A . 
F 5 HOH 45  345 345 HOH HOH A . 
F 5 HOH 46  346 346 HOH HOH A . 
F 5 HOH 47  347 347 HOH HOH A . 
F 5 HOH 48  348 348 HOH HOH A . 
F 5 HOH 49  349 349 HOH HOH A . 
F 5 HOH 50  350 350 HOH HOH A . 
F 5 HOH 51  351 351 HOH HOH A . 
F 5 HOH 52  352 352 HOH HOH A . 
F 5 HOH 53  353 353 HOH HOH A . 
F 5 HOH 54  354 354 HOH HOH A . 
F 5 HOH 55  355 355 HOH HOH A . 
F 5 HOH 56  356 356 HOH HOH A . 
F 5 HOH 57  357 357 HOH HOH A . 
F 5 HOH 58  358 358 HOH HOH A . 
F 5 HOH 59  359 359 HOH HOH A . 
F 5 HOH 60  360 360 HOH HOH A . 
F 5 HOH 61  361 361 HOH HOH A . 
F 5 HOH 62  362 362 HOH HOH A . 
F 5 HOH 63  363 363 HOH HOH A . 
F 5 HOH 64  364 364 HOH HOH A . 
F 5 HOH 65  365 365 HOH HOH A . 
F 5 HOH 66  366 366 HOH HOH A . 
F 5 HOH 67  367 367 HOH HOH A . 
F 5 HOH 68  368 368 HOH HOH A . 
F 5 HOH 69  369 369 HOH HOH A . 
F 5 HOH 70  370 370 HOH HOH A . 
F 5 HOH 71  371 371 HOH HOH A . 
F 5 HOH 72  372 372 HOH HOH A . 
F 5 HOH 73  373 373 HOH HOH A . 
F 5 HOH 74  374 374 HOH HOH A . 
F 5 HOH 75  375 375 HOH HOH A . 
F 5 HOH 76  376 376 HOH HOH A . 
F 5 HOH 77  377 377 HOH HOH A . 
F 5 HOH 78  378 378 HOH HOH A . 
F 5 HOH 79  379 379 HOH HOH A . 
F 5 HOH 80  380 380 HOH HOH A . 
F 5 HOH 81  381 381 HOH HOH A . 
F 5 HOH 82  382 382 HOH HOH A . 
F 5 HOH 83  383 383 HOH HOH A . 
F 5 HOH 84  384 384 HOH HOH A . 
F 5 HOH 85  385 385 HOH HOH A . 
F 5 HOH 86  386 386 HOH HOH A . 
F 5 HOH 87  387 387 HOH HOH A . 
F 5 HOH 88  388 388 HOH HOH A . 
F 5 HOH 89  389 389 HOH HOH A . 
F 5 HOH 90  390 390 HOH HOH A . 
F 5 HOH 91  391 391 HOH HOH A . 
F 5 HOH 92  392 392 HOH HOH A . 
F 5 HOH 93  393 393 HOH HOH A . 
F 5 HOH 94  394 394 HOH HOH A . 
F 5 HOH 95  395 395 HOH HOH A . 
F 5 HOH 96  396 396 HOH HOH A . 
F 5 HOH 97  397 397 HOH HOH A . 
F 5 HOH 98  398 398 HOH HOH A . 
F 5 HOH 99  399 399 HOH HOH A . 
F 5 HOH 100 400 400 HOH HOH A . 
# 
loop_
_software.citation_id 
_software.classification 
_software.compiler_name 
_software.compiler_version 
_software.contact_author 
_software.contact_author_email 
_software.date 
_software.description 
_software.dependencies 
_software.hardware 
_software.language 
_software.location 
_software.mods 
_software.name 
_software.os 
_software.os_version 
_software.type 
_software.version 
_software.pdbx_ordinal 
? refinement       ? ? ? ? ? ? ? ? ? ? ? REFMAC  ? ? ? 5.8.0103 1 
? 'data reduction' ? ? ? ? ? ? ? ? ? ? ? MOSFLM  ? ? ? .        2 
? 'data scaling'   ? ? ? ? ? ? ? ? ? ? ? Aimless ? ? ? .        3 
? phasing          ? ? ? ? ? ? ? ? ? ? ? MOLREP  ? ? ? .        4 
# 
_cell.angle_alpha                  90.00 
_cell.angle_alpha_esd              ? 
_cell.angle_beta                   90.00 
_cell.angle_beta_esd               ? 
_cell.angle_gamma                  90.00 
_cell.angle_gamma_esd              ? 
_cell.entry_id                     6DHB 
_cell.details                      ? 
_cell.formula_units_Z              ? 
_cell.length_a                     42.310 
_cell.length_a_esd                 ? 
_cell.length_b                     43.060 
_cell.length_b_esd                 ? 
_cell.length_c                     51.720 
_cell.length_c_esd                 ? 
_cell.volume                       ? 
_cell.volume_esd                   ? 
_cell.Z_PDB                        4 
_cell.reciprocal_angle_alpha       ? 
_cell.reciprocal_angle_beta        ? 
_cell.reciprocal_angle_gamma       ? 
_cell.reciprocal_angle_alpha_esd   ? 
_cell.reciprocal_angle_beta_esd    ? 
_cell.reciprocal_angle_gamma_esd   ? 
_cell.reciprocal_length_a          ? 
_cell.reciprocal_length_b          ? 
_cell.reciprocal_length_c          ? 
_cell.reciprocal_length_a_esd      ? 
_cell.reciprocal_length_b_esd      ? 
_cell.reciprocal_length_c_esd      ? 
_cell.pdbx_unique_axis             ? 
# 
_symmetry.entry_id                         6DHB 
_symmetry.cell_setting                     ? 
_symmetry.Int_Tables_number                19 
_symmetry.space_group_name_Hall            ? 
_symmetry.space_group_name_H-M             'P 21 21 21' 
_symmetry.pdbx_full_space_group_name_H-M   ? 
# 
_exptl.absorpt_coefficient_mu     ? 
_exptl.absorpt_correction_T_max   ? 
_exptl.absorpt_correction_T_min   ? 
_exptl.absorpt_correction_type    ? 
_exptl.absorpt_process_details    ? 
_exptl.entry_id                   6DHB 
_exptl.crystals_number            1 
_exptl.details                    ? 
_exptl.method                     'X-RAY DIFFRACTION' 
_exptl.method_details             ? 
# 
_exptl_crystal.colour                      ? 
_exptl_crystal.density_diffrn              ? 
_exptl_crystal.density_Matthews            1.93 
_exptl_crystal.density_method              ? 
_exptl_crystal.density_percent_sol         36.23 
_exptl_crystal.description                 ? 
_exptl_crystal.F_000                       ? 
_exptl_crystal.id                          1 
_exptl_crystal.preparation                 ? 
_exptl_crystal.size_max                    ? 
_exptl_crystal.size_mid                    ? 
_exptl_crystal.size_min                    ? 
_exptl_crystal.size_rad                    ? 
_exptl_crystal.colour_lustre               ? 
_exptl_crystal.colour_modifier             ? 
_exptl_crystal.colour_primary              ? 
_exptl_crystal.density_meas                ? 
_exptl_crystal.density_meas_esd            ? 
_exptl_crystal.density_meas_gt             ? 
_exptl_crystal.density_meas_lt             ? 
_exptl_crystal.density_meas_temp           ? 
_exptl_crystal.density_meas_temp_esd       ? 
_exptl_crystal.density_meas_temp_gt        ? 
_exptl_crystal.density_meas_temp_lt        ? 
_exptl_crystal.pdbx_crystal_image_url      ? 
_exptl_crystal.pdbx_crystal_image_format   ? 
_exptl_crystal.pdbx_mosaicity              ? 
_exptl_crystal.pdbx_mosaicity_esd          ? 
# 
_exptl_crystal_grow.apparatus       ? 
_exptl_crystal_grow.atmosphere      ? 
_exptl_crystal_grow.crystal_id      1 
_exptl_crystal_grow.details         ? 
_exptl_crystal_grow.method          'VAPOR DIFFUSION, SITTING DROP' 
_exptl_crystal_grow.method_ref      ? 
_exptl_crystal_grow.pH              8.5 
_exptl_crystal_grow.pressure        ? 
_exptl_crystal_grow.pressure_esd    ? 
_exptl_crystal_grow.seeding         ? 
_exptl_crystal_grow.seeding_ref     ? 
_exptl_crystal_grow.temp            298.0 
_exptl_crystal_grow.temp_details    ? 
_exptl_crystal_grow.temp_esd        ? 
_exptl_crystal_grow.time            ? 
_exptl_crystal_grow.pdbx_details    'Tris, PEG' 
_exptl_crystal_grow.pdbx_pH_range   ? 
# 
_diffrn.ambient_environment    ? 
_diffrn.ambient_temp           100 
_diffrn.ambient_temp_details   ? 
_diffrn.ambient_temp_esd       ? 
_diffrn.crystal_id             1 
_diffrn.crystal_support        ? 
_diffrn.crystal_treatment      ? 
_diffrn.details                ? 
_diffrn.id                     1 
_diffrn.ambient_pressure       ? 
_diffrn.ambient_pressure_esd   ? 
_diffrn.ambient_pressure_gt    ? 
_diffrn.ambient_pressure_lt    ? 
_diffrn.ambient_temp_gt        ? 
_diffrn.ambient_temp_lt        ? 
# 
_diffrn_detector.details                      ? 
_diffrn_detector.detector                     PIXEL 
_diffrn_detector.diffrn_id                    1 
_diffrn_detector.type                         'DECTRIS EIGER X 9M' 
_diffrn_detector.area_resol_mean              ? 
_diffrn_detector.dtime                        ? 
_diffrn_detector.pdbx_frames_total            ? 
_diffrn_detector.pdbx_collection_time_total   ? 
_diffrn_detector.pdbx_collection_date         2017-04-18 
# 
_diffrn_radiation.collimation                      ? 
_diffrn_radiation.diffrn_id                        1 
_diffrn_radiation.filter_edge                      ? 
_diffrn_radiation.inhomogeneity                    ? 
_diffrn_radiation.monochromator                    ? 
_diffrn_radiation.polarisn_norm                    ? 
_diffrn_radiation.polarisn_ratio                   ? 
_diffrn_radiation.probe                            ? 
_diffrn_radiation.type                             ? 
_diffrn_radiation.xray_symbol                      ? 
_diffrn_radiation.wavelength_id                    1 
_diffrn_radiation.pdbx_monochromatic_or_laue_m_l   M 
_diffrn_radiation.pdbx_wavelength_list             ? 
_diffrn_radiation.pdbx_wavelength                  ? 
_diffrn_radiation.pdbx_diffrn_protocol             'SINGLE WAVELENGTH' 
_diffrn_radiation.pdbx_analyzer                    ? 
_diffrn_radiation.pdbx_scattering_type             x-ray 
# 
_diffrn_radiation_wavelength.id           1 
_diffrn_radiation_wavelength.wavelength   0.97857 
_diffrn_radiation_wavelength.wt           1.0 
# 
_diffrn_source.current                     ? 
_diffrn_source.details                     ? 
_diffrn_source.diffrn_id                   1 
_diffrn_source.power                       ? 
_diffrn_source.size                        ? 
_diffrn_source.source                      SYNCHROTRON 
_diffrn_source.target                      ? 
_diffrn_source.type                        'APS BEAMLINE 21-ID-G' 
_diffrn_source.voltage                     ? 
_diffrn_source.take-off_angle              ? 
_diffrn_source.pdbx_wavelength_list        0.97857 
_diffrn_source.pdbx_wavelength             ? 
_diffrn_source.pdbx_synchrotron_beamline   21-ID-G 
_diffrn_source.pdbx_synchrotron_site       APS 
# 
_reflns.B_iso_Wilson_estimate            ? 
_reflns.entry_id                         6DHB 
_reflns.data_reduction_details           ? 
_reflns.data_reduction_method            ? 
_reflns.d_resolution_high                1.7 
_reflns.d_resolution_low                 43.06 
_reflns.details                          ? 
_reflns.limit_h_max                      ? 
_reflns.limit_h_min                      ? 
_reflns.limit_k_max                      ? 
_reflns.limit_k_min                      ? 
_reflns.limit_l_max                      ? 
_reflns.limit_l_min                      ? 
_reflns.number_all                       ? 
_reflns.number_obs                       10879 
_reflns.observed_criterion               ? 
_reflns.observed_criterion_F_max         ? 
_reflns.observed_criterion_F_min         ? 
_reflns.observed_criterion_I_max         ? 
_reflns.observed_criterion_I_min         ? 
_reflns.observed_criterion_sigma_F       ? 
_reflns.observed_criterion_sigma_I       ? 
_reflns.percent_possible_obs             99.1 
_reflns.R_free_details                   ? 
_reflns.Rmerge_F_all                     ? 
_reflns.Rmerge_F_obs                     ? 
_reflns.Friedel_coverage                 ? 
_reflns.number_gt                        ? 
_reflns.threshold_expression             ? 
_reflns.pdbx_redundancy                  9.1 
_reflns.pdbx_Rmerge_I_obs                0.046 
_reflns.pdbx_Rmerge_I_all                ? 
_reflns.pdbx_Rsym_value                  ? 
_reflns.pdbx_netI_over_av_sigmaI         ? 
_reflns.pdbx_netI_over_sigmaI            31.1 
_reflns.pdbx_res_netI_over_av_sigmaI_2   ? 
_reflns.pdbx_res_netI_over_sigmaI_2      ? 
_reflns.pdbx_chi_squared                 ? 
_reflns.pdbx_scaling_rejects             ? 
_reflns.pdbx_d_res_high_opt              ? 
_reflns.pdbx_d_res_low_opt               ? 
_reflns.pdbx_d_res_opt_method            ? 
_reflns.phase_calculation_details        ? 
_reflns.pdbx_Rrim_I_all                  ? 
_reflns.pdbx_Rpim_I_all                  ? 
_reflns.pdbx_d_opt                       ? 
_reflns.pdbx_number_measured_all         ? 
_reflns.pdbx_diffrn_id                   1 
_reflns.pdbx_ordinal                     1 
_reflns.pdbx_CC_half                     ? 
_reflns.pdbx_R_split                     ? 
# 
_reflns_shell.d_res_high                  1.70 
_reflns_shell.d_res_low                   1.73 
_reflns_shell.meanI_over_sigI_all         ? 
_reflns_shell.meanI_over_sigI_obs         ? 
_reflns_shell.number_measured_all         ? 
_reflns_shell.number_measured_obs         ? 
_reflns_shell.number_possible             ? 
_reflns_shell.number_unique_all           ? 
_reflns_shell.number_unique_obs           ? 
_reflns_shell.percent_possible_all        ? 
_reflns_shell.percent_possible_obs        ? 
_reflns_shell.Rmerge_F_all                ? 
_reflns_shell.Rmerge_F_obs                ? 
_reflns_shell.Rmerge_I_all                ? 
_reflns_shell.Rmerge_I_obs                0.085 
_reflns_shell.meanI_over_sigI_gt          ? 
_reflns_shell.meanI_over_uI_all           ? 
_reflns_shell.meanI_over_uI_gt            ? 
_reflns_shell.number_measured_gt          ? 
_reflns_shell.number_unique_gt            ? 
_reflns_shell.percent_possible_gt         ? 
_reflns_shell.Rmerge_F_gt                 ? 
_reflns_shell.Rmerge_I_gt                 ? 
_reflns_shell.pdbx_redundancy             ? 
_reflns_shell.pdbx_Rsym_value             ? 
_reflns_shell.pdbx_chi_squared            ? 
_reflns_shell.pdbx_netI_over_sigmaI_all   ? 
_reflns_shell.pdbx_netI_over_sigmaI_obs   ? 
_reflns_shell.pdbx_Rrim_I_all             ? 
_reflns_shell.pdbx_Rpim_I_all             ? 
_reflns_shell.pdbx_rejects                ? 
_reflns_shell.pdbx_ordinal                1 
_reflns_shell.pdbx_diffrn_id              1 
_reflns_shell.pdbx_CC_half                ? 
_reflns_shell.pdbx_R_split                ? 
# 
_refine.aniso_B[1][1]                            0.51 
_refine.aniso_B[1][2]                            0.00 
_refine.aniso_B[1][3]                            0.00 
_refine.aniso_B[2][2]                            -0.02 
_refine.aniso_B[2][3]                            0.00 
_refine.aniso_B[3][3]                            -0.50 
_refine.B_iso_max                                ? 
_refine.B_iso_mean                               13.759 
_refine.B_iso_min                                ? 
_refine.correlation_coeff_Fo_to_Fc               0.964 
_refine.correlation_coeff_Fo_to_Fc_free          0.942 
_refine.details                                  'HYDROGENS HAVE BEEN ADDED IN THE RIDING POSITIONS' 
_refine.diff_density_max                         ? 
_refine.diff_density_max_esd                     ? 
_refine.diff_density_min                         ? 
_refine.diff_density_min_esd                     ? 
_refine.diff_density_rms                         ? 
_refine.diff_density_rms_esd                     ? 
_refine.entry_id                                 6DHB 
_refine.pdbx_refine_id                           'X-RAY DIFFRACTION' 
_refine.ls_abs_structure_details                 ? 
_refine.ls_abs_structure_Flack                   ? 
_refine.ls_abs_structure_Flack_esd               ? 
_refine.ls_abs_structure_Rogers                  ? 
_refine.ls_abs_structure_Rogers_esd              ? 
_refine.ls_d_res_high                            1.70 
_refine.ls_d_res_low                             33.09 
_refine.ls_extinction_coef                       ? 
_refine.ls_extinction_coef_esd                   ? 
_refine.ls_extinction_expression                 ? 
_refine.ls_extinction_method                     ? 
_refine.ls_goodness_of_fit_all                   ? 
_refine.ls_goodness_of_fit_all_esd               ? 
_refine.ls_goodness_of_fit_obs                   ? 
_refine.ls_goodness_of_fit_obs_esd               ? 
_refine.ls_hydrogen_treatment                    ? 
_refine.ls_matrix_type                           ? 
_refine.ls_number_constraints                    ? 
_refine.ls_number_parameters                     ? 
_refine.ls_number_reflns_all                     ? 
_refine.ls_number_reflns_obs                     10256 
_refine.ls_number_reflns_R_free                  528 
_refine.ls_number_reflns_R_work                  ? 
_refine.ls_number_restraints                     ? 
_refine.ls_percent_reflns_obs                    99.13 
_refine.ls_percent_reflns_R_free                 4.9 
_refine.ls_R_factor_all                          ? 
_refine.ls_R_factor_obs                          0.15174 
_refine.ls_R_factor_R_free                       0.18054 
_refine.ls_R_factor_R_free_error                 ? 
_refine.ls_R_factor_R_free_error_details         ? 
_refine.ls_R_factor_R_work                       0.15024 
_refine.ls_R_Fsqd_factor_obs                     ? 
_refine.ls_R_I_factor_obs                        ? 
_refine.ls_redundancy_reflns_all                 ? 
_refine.ls_redundancy_reflns_obs                 ? 
_refine.ls_restrained_S_all                      ? 
_refine.ls_restrained_S_obs                      ? 
_refine.ls_shift_over_esd_max                    ? 
_refine.ls_shift_over_esd_mean                   ? 
_refine.ls_structure_factor_coef                 ? 
_refine.ls_weighting_details                     ? 
_refine.ls_weighting_scheme                      ? 
_refine.ls_wR_factor_all                         ? 
_refine.ls_wR_factor_obs                         ? 
_refine.ls_wR_factor_R_free                      ? 
_refine.ls_wR_factor_R_work                      ? 
_refine.occupancy_max                            ? 
_refine.occupancy_min                            ? 
_refine.solvent_model_details                    ? 
_refine.solvent_model_param_bsol                 ? 
_refine.solvent_model_param_ksol                 ? 
_refine.ls_R_factor_gt                           ? 
_refine.ls_goodness_of_fit_gt                    ? 
_refine.ls_goodness_of_fit_ref                   ? 
_refine.ls_shift_over_su_max                     ? 
_refine.ls_shift_over_su_max_lt                  ? 
_refine.ls_shift_over_su_mean                    ? 
_refine.ls_shift_over_su_mean_lt                 ? 
_refine.pdbx_ls_sigma_I                          ? 
_refine.pdbx_ls_sigma_F                          ? 
_refine.pdbx_ls_sigma_Fsqd                       ? 
_refine.pdbx_data_cutoff_high_absF               ? 
_refine.pdbx_data_cutoff_high_rms_absF           ? 
_refine.pdbx_data_cutoff_low_absF                ? 
_refine.pdbx_isotropic_thermal_model             ? 
_refine.pdbx_ls_cross_valid_method               THROUGHOUT 
_refine.pdbx_method_to_determine_struct          'MOLECULAR REPLACEMENT' 
_refine.pdbx_starting_model                      '5F71, 2OYP' 
_refine.pdbx_stereochemistry_target_values       ? 
_refine.pdbx_R_Free_selection_details            RANDOM 
_refine.pdbx_stereochem_target_val_spec_case     ? 
_refine.pdbx_overall_ESU_R                       0.102 
_refine.pdbx_overall_ESU_R_Free                  0.097 
_refine.pdbx_solvent_vdw_probe_radii             1.20 
_refine.pdbx_solvent_ion_probe_radii             0.80 
_refine.pdbx_solvent_shrinkage_radii             0.80 
_refine.pdbx_real_space_R                        ? 
_refine.pdbx_density_correlation                 ? 
_refine.pdbx_pd_number_of_powder_patterns        ? 
_refine.pdbx_pd_number_of_points                 ? 
_refine.pdbx_pd_meas_number_of_points            ? 
_refine.pdbx_pd_proc_ls_prof_R_factor            ? 
_refine.pdbx_pd_proc_ls_prof_wR_factor           ? 
_refine.pdbx_pd_Marquardt_correlation_coeff      ? 
_refine.pdbx_pd_Fsqrd_R_factor                   ? 
_refine.pdbx_pd_ls_matrix_band_width             ? 
_refine.pdbx_overall_phase_error                 ? 
_refine.pdbx_overall_SU_R_free_Cruickshank_DPI   ? 
_refine.pdbx_overall_SU_R_free_Blow_DPI          ? 
_refine.pdbx_overall_SU_R_Blow_DPI               ? 
_refine.pdbx_TLS_residual_ADP_flag               ? 
_refine.pdbx_diffrn_id                           1 
_refine.overall_SU_B                             1.665 
_refine.overall_SU_ML                            0.056 
_refine.overall_SU_R_Cruickshank_DPI             ? 
_refine.overall_SU_R_free                        ? 
_refine.overall_FOM_free_R_set                   ? 
_refine.overall_FOM_work_R_set                   ? 
_refine.pdbx_average_fsc_overall                 ? 
_refine.pdbx_average_fsc_work                    ? 
_refine.pdbx_average_fsc_free                    ? 
# 
_refine_hist.pdbx_refine_id                   'X-RAY DIFFRACTION' 
_refine_hist.cycle_id                         1 
_refine_hist.pdbx_number_atoms_protein        856 
_refine_hist.pdbx_number_atoms_nucleic_acid   0 
_refine_hist.pdbx_number_atoms_ligand         18 
_refine_hist.number_atoms_solvent             100 
_refine_hist.number_atoms_total               974 
_refine_hist.d_res_high                       1.70 
_refine_hist.d_res_low                        33.09 
# 
loop_
_refine_ls_restr.pdbx_refine_id 
_refine_ls_restr.criterion 
_refine_ls_restr.dev_ideal 
_refine_ls_restr.dev_ideal_target 
_refine_ls_restr.number 
_refine_ls_restr.rejects 
_refine_ls_restr.type 
_refine_ls_restr.weight 
_refine_ls_restr.pdbx_restraint_function 
'X-RAY DIFFRACTION' ? 0.023  0.020  898  ? r_bond_refined_d             ? ? 
'X-RAY DIFFRACTION' ? 0.003  0.020  839  ? r_bond_other_d               ? ? 
'X-RAY DIFFRACTION' ? 2.056  1.968  1217 ? r_angle_refined_deg          ? ? 
'X-RAY DIFFRACTION' ? 1.092  3.000  1923 ? r_angle_other_deg            ? ? 
'X-RAY DIFFRACTION' ? 6.682  5.000  107  ? r_dihedral_angle_1_deg       ? ? 
'X-RAY DIFFRACTION' ? 26.986 23.902 41   ? r_dihedral_angle_2_deg       ? ? 
'X-RAY DIFFRACTION' ? 13.584 15.000 140  ? r_dihedral_angle_3_deg       ? ? 
'X-RAY DIFFRACTION' ? 23.637 15.000 6    ? r_dihedral_angle_4_deg       ? ? 
'X-RAY DIFFRACTION' ? 0.125  0.200  129  ? r_chiral_restr               ? ? 
'X-RAY DIFFRACTION' ? 0.012  0.021  1014 ? r_gen_planes_refined         ? ? 
'X-RAY DIFFRACTION' ? 0.002  0.020  212  ? r_gen_planes_other           ? ? 
'X-RAY DIFFRACTION' ? ?      ?      ?    ? r_nbd_refined                ? ? 
'X-RAY DIFFRACTION' ? ?      ?      ?    ? r_nbd_other                  ? ? 
'X-RAY DIFFRACTION' ? ?      ?      ?    ? r_nbtor_refined              ? ? 
'X-RAY DIFFRACTION' ? ?      ?      ?    ? r_nbtor_other                ? ? 
'X-RAY DIFFRACTION' ? ?      ?      ?    ? r_xyhbond_nbd_refined        ? ? 
'X-RAY DIFFRACTION' ? ?      ?      ?    ? r_xyhbond_nbd_other          ? ? 
'X-RAY DIFFRACTION' ? ?      ?      ?    ? r_metal_ion_refined          ? ? 
'X-RAY DIFFRACTION' ? ?      ?      ?    ? r_metal_ion_other            ? ? 
'X-RAY DIFFRACTION' ? ?      ?      ?    ? r_symmetry_vdw_refined       ? ? 
'X-RAY DIFFRACTION' ? ?      ?      ?    ? r_symmetry_vdw_other         ? ? 
'X-RAY DIFFRACTION' ? ?      ?      ?    ? r_symmetry_hbond_refined     ? ? 
'X-RAY DIFFRACTION' ? ?      ?      ?    ? r_symmetry_hbond_other       ? ? 
'X-RAY DIFFRACTION' ? ?      ?      ?    ? r_symmetry_metal_ion_refined ? ? 
'X-RAY DIFFRACTION' ? ?      ?      ?    ? r_symmetry_metal_ion_other   ? ? 
'X-RAY DIFFRACTION' ? 1.391  1.054  431  ? r_mcbond_it                  ? ? 
'X-RAY DIFFRACTION' ? 1.327  1.049  430  ? r_mcbond_other               ? ? 
'X-RAY DIFFRACTION' ? 2.073  1.574  537  ? r_mcangle_it                 ? ? 
'X-RAY DIFFRACTION' ? 2.072  1.582  538  ? r_mcangle_other              ? ? 
'X-RAY DIFFRACTION' ? 2.865  1.394  467  ? r_scbond_it                  ? ? 
'X-RAY DIFFRACTION' ? 2.866  1.394  467  ? r_scbond_other               ? ? 
'X-RAY DIFFRACTION' ? ?      ?      ?    ? r_scangle_it                 ? ? 
'X-RAY DIFFRACTION' ? 4.481  1.933  681  ? r_scangle_other              ? ? 
'X-RAY DIFFRACTION' ? 6.200  9.804  1034 ? r_long_range_B_refined       ? ? 
'X-RAY DIFFRACTION' ? 6.066  9.368  998  ? r_long_range_B_other         ? ? 
'X-RAY DIFFRACTION' ? ?      ?      ?    ? r_rigid_bond_restr           ? ? 
'X-RAY DIFFRACTION' ? ?      ?      ?    ? r_sphericity_free            ? ? 
'X-RAY DIFFRACTION' ? ?      ?      ?    ? r_sphericity_bonded          ? ? 
# 
_refine_ls_shell.pdbx_refine_id                   'X-RAY DIFFRACTION' 
_refine_ls_shell.d_res_high                       1.700 
_refine_ls_shell.d_res_low                        1.744 
_refine_ls_shell.number_reflns_all                ? 
_refine_ls_shell.number_reflns_obs                ? 
_refine_ls_shell.number_reflns_R_free             36 
_refine_ls_shell.number_reflns_R_work             684 
_refine_ls_shell.percent_reflns_obs               91.60 
_refine_ls_shell.percent_reflns_R_free            ? 
_refine_ls_shell.R_factor_all                     ? 
_refine_ls_shell.R_factor_obs                     ? 
_refine_ls_shell.R_factor_R_free                  0.235 
_refine_ls_shell.R_factor_R_free_error            ? 
_refine_ls_shell.R_factor_R_work                  0.139 
_refine_ls_shell.redundancy_reflns_all            ? 
_refine_ls_shell.redundancy_reflns_obs            ? 
_refine_ls_shell.wR_factor_all                    ? 
_refine_ls_shell.wR_factor_obs                    ? 
_refine_ls_shell.wR_factor_R_free                 ? 
_refine_ls_shell.wR_factor_R_work                 ? 
_refine_ls_shell.pdbx_total_number_of_bins_used   20 
_refine_ls_shell.pdbx_phase_error                 ? 
_refine_ls_shell.pdbx_fsc_work                    ? 
_refine_ls_shell.pdbx_fsc_free                    ? 
# 
_struct.entry_id                     6DHB 
_struct.title                        'Crystal structure of the human TIM-3 with bound Calcium' 
_struct.pdbx_model_details           ? 
_struct.pdbx_formula_weight          ? 
_struct.pdbx_formula_weight_method   ? 
_struct.pdbx_model_type_details      ? 
_struct.pdbx_CASP_flag               N 
# 
_struct_keywords.entry_id        6DHB 
_struct_keywords.text            'T Cell Immunoglobulin Mucin-3 Immunological tolerance, IMMUNE SYSTEM' 
_struct_keywords.pdbx_keywords   'IMMUNE SYSTEM' 
# 
loop_
_struct_asym.id 
_struct_asym.pdbx_blank_PDB_chainid_flag 
_struct_asym.pdbx_modified 
_struct_asym.entity_id 
_struct_asym.details 
A N N 1 ? 
B N N 2 ? 
C N N 3 ? 
D N N 4 ? 
E N N 4 ? 
F N N 5 ? 
# 
_struct_ref.id                         1 
_struct_ref.db_name                    UNP 
_struct_ref.db_code                    HAVR2_HUMAN 
_struct_ref.pdbx_db_accession          Q8TDQ0 
_struct_ref.pdbx_db_isoform            ? 
_struct_ref.entity_id                  1 
_struct_ref.pdbx_seq_one_letter_code   
;VEYRAEVGQNAYLPCFYTPAAPGNLVPVCWGKGACPVFECGNVVLRTDERDVNYWTSRYWLNGDFRKGDVSLTIENVTLA
DSGIYCCRIQIPGIMNDEKFNLKLVIK
;
_struct_ref.pdbx_align_begin           24 
# 
_struct_ref_seq.align_id                      1 
_struct_ref_seq.ref_id                        1 
_struct_ref_seq.pdbx_PDB_id_code              6DHB 
_struct_ref_seq.pdbx_strand_id                A 
_struct_ref_seq.seq_align_beg                 2 
_struct_ref_seq.pdbx_seq_align_beg_ins_code   ? 
_struct_ref_seq.seq_align_end                 108 
_struct_ref_seq.pdbx_seq_align_end_ins_code   ? 
_struct_ref_seq.pdbx_db_accession             Q8TDQ0 
_struct_ref_seq.db_align_beg                  24 
_struct_ref_seq.pdbx_db_align_beg_ins_code    ? 
_struct_ref_seq.db_align_end                  130 
_struct_ref_seq.pdbx_db_align_end_ins_code    ? 
_struct_ref_seq.pdbx_auth_seq_align_beg       2 
_struct_ref_seq.pdbx_auth_seq_align_end       108 
# 
_struct_ref_seq_dif.align_id                     1 
_struct_ref_seq_dif.pdbx_pdb_id_code             6DHB 
_struct_ref_seq_dif.mon_id                       MET 
_struct_ref_seq_dif.pdbx_pdb_strand_id           A 
_struct_ref_seq_dif.seq_num                      1 
_struct_ref_seq_dif.pdbx_pdb_ins_code            ? 
_struct_ref_seq_dif.pdbx_seq_db_name             UNP 
_struct_ref_seq_dif.pdbx_seq_db_accession_code   Q8TDQ0 
_struct_ref_seq_dif.db_mon_id                    ? 
_struct_ref_seq_dif.pdbx_seq_db_seq_num          ? 
_struct_ref_seq_dif.details                      'initiating methionine' 
_struct_ref_seq_dif.pdbx_auth_seq_num            1 
_struct_ref_seq_dif.pdbx_ordinal                 1 
# 
_pdbx_struct_assembly.id                   1 
_pdbx_struct_assembly.details              author_and_software_defined_assembly 
_pdbx_struct_assembly.method_details       PISA 
_pdbx_struct_assembly.oligomeric_details   monomeric 
_pdbx_struct_assembly.oligomeric_count     1 
# 
_pdbx_struct_assembly_gen.assembly_id       1 
_pdbx_struct_assembly_gen.oper_expression   1 
_pdbx_struct_assembly_gen.asym_id_list      A,B,C,D,E,F 
# 
_pdbx_struct_assembly_auth_evidence.id                     1 
_pdbx_struct_assembly_auth_evidence.assembly_id            1 
_pdbx_struct_assembly_auth_evidence.experimental_support   'gel filtration' 
_pdbx_struct_assembly_auth_evidence.details                ? 
# 
_pdbx_struct_oper_list.id                   1 
_pdbx_struct_oper_list.type                 'identity operation' 
_pdbx_struct_oper_list.name                 1_555 
_pdbx_struct_oper_list.symmetry_operation   x,y,z 
_pdbx_struct_oper_list.matrix[1][1]         1.0000000000 
_pdbx_struct_oper_list.matrix[1][2]         0.0000000000 
_pdbx_struct_oper_list.matrix[1][3]         0.0000000000 
_pdbx_struct_oper_list.vector[1]            0.0000000000 
_pdbx_struct_oper_list.matrix[2][1]         0.0000000000 
_pdbx_struct_oper_list.matrix[2][2]         1.0000000000 
_pdbx_struct_oper_list.matrix[2][3]         0.0000000000 
_pdbx_struct_oper_list.vector[2]            0.0000000000 
_pdbx_struct_oper_list.matrix[3][1]         0.0000000000 
_pdbx_struct_oper_list.matrix[3][2]         0.0000000000 
_pdbx_struct_oper_list.matrix[3][3]         1.0000000000 
_pdbx_struct_oper_list.vector[3]            0.0000000000 
# 
loop_
_struct_conf.conf_type_id 
_struct_conf.id 
_struct_conf.pdbx_PDB_helix_id 
_struct_conf.beg_label_comp_id 
_struct_conf.beg_label_asym_id 
_struct_conf.beg_label_seq_id 
_struct_conf.pdbx_beg_PDB_ins_code 
_struct_conf.end_label_comp_id 
_struct_conf.end_label_asym_id 
_struct_conf.end_label_seq_id 
_struct_conf.pdbx_end_PDB_ins_code 
_struct_conf.beg_auth_comp_id 
_struct_conf.beg_auth_asym_id 
_struct_conf.beg_auth_seq_id 
_struct_conf.end_auth_comp_id 
_struct_conf.end_auth_asym_id 
_struct_conf.end_auth_seq_id 
_struct_conf.pdbx_PDB_helix_class 
_struct_conf.details 
_struct_conf.pdbx_PDB_helix_length 
HELX_P HELX_P1 AA1 ASP A 65 ? GLY A 69 ? ASP A 65 GLY A 69 5 ? 5 
HELX_P HELX_P2 AA2 THR A 79 ? SER A 83 ? THR A 79 SER A 83 5 ? 5 
# 
_struct_conf_type.id          HELX_P 
_struct_conf_type.criteria    ? 
_struct_conf_type.reference   ? 
# 
loop_
_struct_conn.id 
_struct_conn.conn_type_id 
_struct_conn.pdbx_leaving_atom_flag 
_struct_conn.pdbx_PDB_id 
_struct_conn.ptnr1_label_asym_id 
_struct_conn.ptnr1_label_comp_id 
_struct_conn.ptnr1_label_seq_id 
_struct_conn.ptnr1_label_atom_id 
_struct_conn.pdbx_ptnr1_label_alt_id 
_struct_conn.pdbx_ptnr1_PDB_ins_code 
_struct_conn.pdbx_ptnr1_standard_comp_id 
_struct_conn.ptnr1_symmetry 
_struct_conn.ptnr2_label_asym_id 
_struct_conn.ptnr2_label_comp_id 
_struct_conn.ptnr2_label_seq_id 
_struct_conn.ptnr2_label_atom_id 
_struct_conn.pdbx_ptnr2_label_alt_id 
_struct_conn.pdbx_ptnr2_PDB_ins_code 
_struct_conn.ptnr1_auth_asym_id 
_struct_conn.ptnr1_auth_comp_id 
_struct_conn.ptnr1_auth_seq_id 
_struct_conn.ptnr2_auth_asym_id 
_struct_conn.ptnr2_auth_comp_id 
_struct_conn.ptnr2_auth_seq_id 
_struct_conn.ptnr2_symmetry 
_struct_conn.pdbx_ptnr3_label_atom_id 
_struct_conn.pdbx_ptnr3_label_seq_id 
_struct_conn.pdbx_ptnr3_label_comp_id 
_struct_conn.pdbx_ptnr3_label_asym_id 
_struct_conn.pdbx_ptnr3_label_alt_id 
_struct_conn.pdbx_ptnr3_PDB_ins_code 
_struct_conn.details 
_struct_conn.pdbx_dist_value 
_struct_conn.pdbx_value_order 
_struct_conn.pdbx_role 
disulf1 disulf ? ? A CYS 16 SG  ? ? ? 1_555 A CYS 88 SG ? ? A CYS 16  A CYS 88  1_555 ? ? ? ? ? ? ? 2.025 ? ? 
disulf2 disulf ? ? A CYS 30 SG  ? ? ? 1_555 A CYS 41 SG ? ? A CYS 30  A CYS 41  1_555 ? ? ? ? ? ? ? 2.124 ? ? 
disulf3 disulf ? ? A CYS 36 SG  ? ? ? 1_555 A CYS 87 SG ? ? A CYS 36  A CYS 87  1_555 ? ? ? ? ? ? ? 2.069 ? ? 
metalc1 metalc ? ? A ILE 92 O   ? ? ? 1_555 B CA  .  CA ? ? A ILE 92  A CA  201 1_555 ? ? ? ? ? ? ? 2.260 ? ? 
metalc2 metalc ? ? A GLY 94 O   ? ? ? 1_555 B CA  .  CA ? ? A GLY 94  A CA  201 1_555 ? ? ? ? ? ? ? 2.332 ? ? 
metalc3 metalc ? ? A ASN 97 OD1 ? ? ? 1_555 B CA  .  CA ? ? A ASN 97  A CA  201 1_555 ? ? ? ? ? ? ? 2.284 ? ? 
metalc4 metalc ? ? A ASP 98 OD1 ? ? ? 1_555 B CA  .  CA ? ? A ASP 98  A CA  201 1_555 ? ? ? ? ? ? ? 2.299 ? ? 
metalc5 metalc ? ? B CA  .  CA  ? ? ? 1_555 C BEZ .  O2 ? ? A CA  201 A BEZ 202 1_555 ? ? ? ? ? ? ? 2.310 ? ? 
metalc6 metalc ? ? B CA  .  CA  ? ? ? 1_555 F HOH .  O  ? ? A CA  201 A HOH 387 1_555 ? ? ? ? ? ? ? 2.345 ? ? 
# 
loop_
_struct_conn_type.id 
_struct_conn_type.criteria 
_struct_conn_type.reference 
disulf ? ? 
metalc ? ? 
# 
loop_
_pdbx_struct_conn_angle.id 
_pdbx_struct_conn_angle.ptnr1_label_atom_id 
_pdbx_struct_conn_angle.ptnr1_label_alt_id 
_pdbx_struct_conn_angle.ptnr1_label_asym_id 
_pdbx_struct_conn_angle.ptnr1_label_comp_id 
_pdbx_struct_conn_angle.ptnr1_label_seq_id 
_pdbx_struct_conn_angle.ptnr1_auth_atom_id 
_pdbx_struct_conn_angle.ptnr1_auth_asym_id 
_pdbx_struct_conn_angle.ptnr1_auth_comp_id 
_pdbx_struct_conn_angle.ptnr1_auth_seq_id 
_pdbx_struct_conn_angle.ptnr1_PDB_ins_code 
_pdbx_struct_conn_angle.ptnr1_symmetry 
_pdbx_struct_conn_angle.ptnr2_label_atom_id 
_pdbx_struct_conn_angle.ptnr2_label_alt_id 
_pdbx_struct_conn_angle.ptnr2_label_asym_id 
_pdbx_struct_conn_angle.ptnr2_label_comp_id 
_pdbx_struct_conn_angle.ptnr2_label_seq_id 
_pdbx_struct_conn_angle.ptnr2_auth_atom_id 
_pdbx_struct_conn_angle.ptnr2_auth_asym_id 
_pdbx_struct_conn_angle.ptnr2_auth_comp_id 
_pdbx_struct_conn_angle.ptnr2_auth_seq_id 
_pdbx_struct_conn_angle.ptnr2_PDB_ins_code 
_pdbx_struct_conn_angle.ptnr2_symmetry 
_pdbx_struct_conn_angle.ptnr3_label_atom_id 
_pdbx_struct_conn_angle.ptnr3_label_alt_id 
_pdbx_struct_conn_angle.ptnr3_label_asym_id 
_pdbx_struct_conn_angle.ptnr3_label_comp_id 
_pdbx_struct_conn_angle.ptnr3_label_seq_id 
_pdbx_struct_conn_angle.ptnr3_auth_atom_id 
_pdbx_struct_conn_angle.ptnr3_auth_asym_id 
_pdbx_struct_conn_angle.ptnr3_auth_comp_id 
_pdbx_struct_conn_angle.ptnr3_auth_seq_id 
_pdbx_struct_conn_angle.ptnr3_PDB_ins_code 
_pdbx_struct_conn_angle.ptnr3_symmetry 
_pdbx_struct_conn_angle.value 
_pdbx_struct_conn_angle.value_esd 
1  O   ? A ILE 92 ? A ILE 92  ? 1_555 CA ? B CA . ? A CA 201 ? 1_555 O   ? A GLY 94 ? A GLY 94  ? 1_555 100.9 ? 
2  O   ? A ILE 92 ? A ILE 92  ? 1_555 CA ? B CA . ? A CA 201 ? 1_555 OD1 ? A ASN 97 ? A ASN 97  ? 1_555 85.7  ? 
3  O   ? A GLY 94 ? A GLY 94  ? 1_555 CA ? B CA . ? A CA 201 ? 1_555 OD1 ? A ASN 97 ? A ASN 97  ? 1_555 81.9  ? 
4  O   ? A ILE 92 ? A ILE 92  ? 1_555 CA ? B CA . ? A CA 201 ? 1_555 OD1 ? A ASP 98 ? A ASP 98  ? 1_555 92.3  ? 
5  O   ? A GLY 94 ? A GLY 94  ? 1_555 CA ? B CA . ? A CA 201 ? 1_555 OD1 ? A ASP 98 ? A ASP 98  ? 1_555 166.7 ? 
6  OD1 ? A ASN 97 ? A ASN 97  ? 1_555 CA ? B CA . ? A CA 201 ? 1_555 OD1 ? A ASP 98 ? A ASP 98  ? 1_555 101.2 ? 
7  O   ? A ILE 92 ? A ILE 92  ? 1_555 CA ? B CA . ? A CA 201 ? 1_555 O2  ? C BEZ .  ? A BEZ 202 ? 1_555 167.5 ? 
8  O   ? A GLY 94 ? A GLY 94  ? 1_555 CA ? B CA . ? A CA 201 ? 1_555 O2  ? C BEZ .  ? A BEZ 202 ? 1_555 87.3  ? 
9  OD1 ? A ASN 97 ? A ASN 97  ? 1_555 CA ? B CA . ? A CA 201 ? 1_555 O2  ? C BEZ .  ? A BEZ 202 ? 1_555 86.1  ? 
10 OD1 ? A ASP 98 ? A ASP 98  ? 1_555 CA ? B CA . ? A CA 201 ? 1_555 O2  ? C BEZ .  ? A BEZ 202 ? 1_555 80.0  ? 
11 O   ? A ILE 92 ? A ILE 92  ? 1_555 CA ? B CA . ? A CA 201 ? 1_555 O   ? F HOH .  ? A HOH 387 ? 1_555 89.1  ? 
12 O   ? A GLY 94 ? A GLY 94  ? 1_555 CA ? B CA . ? A CA 201 ? 1_555 O   ? F HOH .  ? A HOH 387 ? 1_555 86.0  ? 
13 OD1 ? A ASN 97 ? A ASN 97  ? 1_555 CA ? B CA . ? A CA 201 ? 1_555 O   ? F HOH .  ? A HOH 387 ? 1_555 165.7 ? 
14 OD1 ? A ASP 98 ? A ASP 98  ? 1_555 CA ? B CA . ? A CA 201 ? 1_555 O   ? F HOH .  ? A HOH 387 ? 1_555 92.4  ? 
15 O2  ? C BEZ .  ? A BEZ 202 ? 1_555 CA ? B CA . ? A CA 201 ? 1_555 O   ? F HOH .  ? A HOH 387 ? 1_555 100.9 ? 
# 
loop_
_pdbx_modification_feature.ordinal 
_pdbx_modification_feature.label_comp_id 
_pdbx_modification_feature.label_asym_id 
_pdbx_modification_feature.label_seq_id 
_pdbx_modification_feature.label_alt_id 
_pdbx_modification_feature.modified_residue_label_comp_id 
_pdbx_modification_feature.modified_residue_label_asym_id 
_pdbx_modification_feature.modified_residue_label_seq_id 
_pdbx_modification_feature.modified_residue_label_alt_id 
_pdbx_modification_feature.auth_comp_id 
_pdbx_modification_feature.auth_asym_id 
_pdbx_modification_feature.auth_seq_id 
_pdbx_modification_feature.PDB_ins_code 
_pdbx_modification_feature.symmetry 
_pdbx_modification_feature.modified_residue_auth_comp_id 
_pdbx_modification_feature.modified_residue_auth_asym_id 
_pdbx_modification_feature.modified_residue_auth_seq_id 
_pdbx_modification_feature.modified_residue_PDB_ins_code 
_pdbx_modification_feature.modified_residue_symmetry 
_pdbx_modification_feature.comp_id_linking_atom 
_pdbx_modification_feature.modified_residue_id_linking_atom 
_pdbx_modification_feature.modified_residue_id 
_pdbx_modification_feature.ref_pcm_id 
_pdbx_modification_feature.ref_comp_id 
_pdbx_modification_feature.type 
_pdbx_modification_feature.category 
1 CYS A 16 ? CYS A 88 ? CYS A 16 ? 1_555 CYS A 88 ? 1_555 SG SG . . . None 'Disulfide bridge' 
2 CYS A 30 ? CYS A 41 ? CYS A 30 ? 1_555 CYS A 41 ? 1_555 SG SG . . . None 'Disulfide bridge' 
3 CYS A 36 ? CYS A 87 ? CYS A 36 ? 1_555 CYS A 87 ? 1_555 SG SG . . . None 'Disulfide bridge' 
# 
loop_
_struct_sheet.id 
_struct_sheet.type 
_struct_sheet.number_strands 
_struct_sheet.details 
AA1 ? 6 ? 
AA2 ? 3 ? 
# 
loop_
_struct_sheet_order.sheet_id 
_struct_sheet_order.range_id_1 
_struct_sheet_order.range_id_2 
_struct_sheet_order.offset 
_struct_sheet_order.sense 
AA1 1 2 ? parallel      
AA1 2 3 ? anti-parallel 
AA1 3 4 ? anti-parallel 
AA1 4 5 ? anti-parallel 
AA1 5 6 ? anti-parallel 
AA2 1 2 ? anti-parallel 
AA2 2 3 ? anti-parallel 
# 
loop_
_struct_sheet_range.sheet_id 
_struct_sheet_range.id 
_struct_sheet_range.beg_label_comp_id 
_struct_sheet_range.beg_label_asym_id 
_struct_sheet_range.beg_label_seq_id 
_struct_sheet_range.pdbx_beg_PDB_ins_code 
_struct_sheet_range.end_label_comp_id 
_struct_sheet_range.end_label_asym_id 
_struct_sheet_range.end_label_seq_id 
_struct_sheet_range.pdbx_end_PDB_ins_code 
_struct_sheet_range.beg_auth_comp_id 
_struct_sheet_range.beg_auth_asym_id 
_struct_sheet_range.beg_auth_seq_id 
_struct_sheet_range.end_auth_comp_id 
_struct_sheet_range.end_auth_asym_id 
_struct_sheet_range.end_auth_seq_id 
AA1 1 VAL A 2  ? GLU A 7   ? VAL A 2  GLU A 7   
AA1 2 GLU A 99 ? LYS A 108 ? GLU A 99 LYS A 108 
AA1 3 GLY A 84 ? ILE A 90  ? GLY A 84 ILE A 90  
AA1 4 VAL A 29 ? LYS A 33  ? VAL A 29 LYS A 33  
AA1 5 VAL A 44 ? THR A 48  ? VAL A 44 THR A 48  
AA1 6 VAL A 53 ? TYR A 55  ? VAL A 53 TYR A 55  
AA2 1 ALA A 12 ? LEU A 14  ? ALA A 12 LEU A 14  
AA2 2 LEU A 73 ? ILE A 75  ? LEU A 73 ILE A 75  
AA2 3 TYR A 60 ? LEU A 62  ? TYR A 60 LEU A 62  
# 
loop_
_pdbx_struct_sheet_hbond.sheet_id 
_pdbx_struct_sheet_hbond.range_id_1 
_pdbx_struct_sheet_hbond.range_id_2 
_pdbx_struct_sheet_hbond.range_1_label_atom_id 
_pdbx_struct_sheet_hbond.range_1_label_comp_id 
_pdbx_struct_sheet_hbond.range_1_label_asym_id 
_pdbx_struct_sheet_hbond.range_1_label_seq_id 
_pdbx_struct_sheet_hbond.range_1_PDB_ins_code 
_pdbx_struct_sheet_hbond.range_1_auth_atom_id 
_pdbx_struct_sheet_hbond.range_1_auth_comp_id 
_pdbx_struct_sheet_hbond.range_1_auth_asym_id 
_pdbx_struct_sheet_hbond.range_1_auth_seq_id 
_pdbx_struct_sheet_hbond.range_2_label_atom_id 
_pdbx_struct_sheet_hbond.range_2_label_comp_id 
_pdbx_struct_sheet_hbond.range_2_label_asym_id 
_pdbx_struct_sheet_hbond.range_2_label_seq_id 
_pdbx_struct_sheet_hbond.range_2_PDB_ins_code 
_pdbx_struct_sheet_hbond.range_2_auth_atom_id 
_pdbx_struct_sheet_hbond.range_2_auth_comp_id 
_pdbx_struct_sheet_hbond.range_2_auth_asym_id 
_pdbx_struct_sheet_hbond.range_2_auth_seq_id 
AA1 1 2 N TYR A 4   ? N TYR A 4   O LYS A 104 ? O LYS A 104 
AA1 2 3 O LEU A 105 ? O LEU A 105 N GLY A 84  ? N GLY A 84  
AA1 3 4 O ARG A 89  ? O ARG A 89  N CYS A 30  ? N CYS A 30  
AA1 4 5 N TRP A 31  ? N TRP A 31  O VAL A 45  ? O VAL A 45  
AA1 5 6 N ARG A 47  ? N ARG A 47  O TYR A 55  ? O TYR A 55  
AA2 1 2 N ALA A 12  ? N ALA A 12  O ILE A 75  ? O ILE A 75  
AA2 2 3 O THR A 74  ? O THR A 74  N TRP A 61  ? N TRP A 61  
# 
loop_
_struct_site.id 
_struct_site.pdbx_evidence_code 
_struct_site.pdbx_auth_asym_id 
_struct_site.pdbx_auth_comp_id 
_struct_site.pdbx_auth_seq_id 
_struct_site.pdbx_auth_ins_code 
_struct_site.pdbx_num_residues 
_struct_site.details 
AC1 Software A CA  201 ? 6  'binding site for residue CA A 201'  
AC2 Software A BEZ 202 ? 10 'binding site for residue BEZ A 202' 
AC3 Software A EDO 203 ? 5  'binding site for residue EDO A 203' 
AC4 Software A EDO 204 ? 5  'binding site for residue EDO A 204' 
# 
loop_
_struct_site_gen.id 
_struct_site_gen.site_id 
_struct_site_gen.pdbx_num_res 
_struct_site_gen.label_comp_id 
_struct_site_gen.label_asym_id 
_struct_site_gen.label_seq_id 
_struct_site_gen.pdbx_auth_ins_code 
_struct_site_gen.auth_comp_id 
_struct_site_gen.auth_asym_id 
_struct_site_gen.auth_seq_id 
_struct_site_gen.label_atom_id 
_struct_site_gen.label_alt_id 
_struct_site_gen.symmetry 
_struct_site_gen.details 
1  AC1 6  ILE A 92  ? ILE A 92  . ? 1_555 ? 
2  AC1 6  GLY A 94  ? GLY A 94  . ? 1_555 ? 
3  AC1 6  ASN A 97  ? ASN A 97  . ? 1_555 ? 
4  AC1 6  ASP A 98  ? ASP A 98  . ? 1_555 ? 
5  AC1 6  BEZ C .   ? BEZ A 202 . ? 1_555 ? 
6  AC1 6  HOH F .   ? HOH A 387 . ? 1_555 ? 
7  AC2 10 TYR A 13  ? TYR A 13  . ? 4_545 ? 
8  AC2 10 VAL A 38  ? VAL A 38  . ? 1_555 ? 
9  AC2 10 PHE A 39  ? PHE A 39  . ? 1_555 ? 
10 AC2 10 ARG A 89  ? ARG A 89  . ? 1_555 ? 
11 AC2 10 GLY A 94  ? GLY A 94  . ? 1_555 ? 
12 AC2 10 MET A 96  ? MET A 96  . ? 1_555 ? 
13 AC2 10 ASN A 97  ? ASN A 97  . ? 1_555 ? 
14 AC2 10 ASP A 98  ? ASP A 98  . ? 1_555 ? 
15 AC2 10 CA  B .   ? CA  A 201 . ? 1_555 ? 
16 AC2 10 HOH F .   ? HOH A 331 . ? 1_555 ? 
17 AC3 5  GLY A 34  ? GLY A 34  . ? 1_555 ? 
18 AC3 5  ALA A 81  ? ALA A 81  . ? 1_555 ? 
19 AC3 5  SER A 83  ? SER A 83  . ? 1_555 ? 
20 AC3 5  ILE A 85  ? ILE A 85  . ? 1_555 ? 
21 AC3 5  TYR A 86  ? TYR A 86  . ? 1_555 ? 
22 AC4 5  GLU A 3   ? GLU A 3   . ? 2_455 ? 
23 AC4 5  TRP A 56  ? TRP A 56  . ? 1_555 ? 
24 AC4 5  LEU A 62  ? LEU A 62  . ? 1_555 ? 
25 AC4 5  LYS A 104 ? LYS A 104 . ? 2_455 ? 
26 AC4 5  HOH F .   ? HOH A 350 . ? 1_555 ? 
# 
_pdbx_entry_details.entry_id                   6DHB 
_pdbx_entry_details.compound_details           ? 
_pdbx_entry_details.source_details             ? 
_pdbx_entry_details.nonpolymer_details         ? 
_pdbx_entry_details.sequence_details           ? 
_pdbx_entry_details.has_ligand_of_interest     ? 
_pdbx_entry_details.has_protein_modification   Y 
# 
_pdbx_validate_symm_contact.id                1 
_pdbx_validate_symm_contact.PDB_model_num     1 
_pdbx_validate_symm_contact.auth_atom_id_1    O 
_pdbx_validate_symm_contact.auth_asym_id_1    A 
_pdbx_validate_symm_contact.auth_comp_id_1    HOH 
_pdbx_validate_symm_contact.auth_seq_id_1     320 
_pdbx_validate_symm_contact.PDB_ins_code_1    ? 
_pdbx_validate_symm_contact.label_alt_id_1    ? 
_pdbx_validate_symm_contact.site_symmetry_1   1_555 
_pdbx_validate_symm_contact.auth_atom_id_2    O 
_pdbx_validate_symm_contact.auth_asym_id_2    A 
_pdbx_validate_symm_contact.auth_comp_id_2    HOH 
_pdbx_validate_symm_contact.auth_seq_id_2     337 
_pdbx_validate_symm_contact.PDB_ins_code_2    ? 
_pdbx_validate_symm_contact.label_alt_id_2    ? 
_pdbx_validate_symm_contact.site_symmetry_2   4_545 
_pdbx_validate_symm_contact.dist              2.12 
# 
_pdbx_validate_rmsd_angle.id                         1 
_pdbx_validate_rmsd_angle.PDB_model_num              1 
_pdbx_validate_rmsd_angle.auth_atom_id_1             NE 
_pdbx_validate_rmsd_angle.auth_asym_id_1             A 
_pdbx_validate_rmsd_angle.auth_comp_id_1             ARG 
_pdbx_validate_rmsd_angle.auth_seq_id_1              47 
_pdbx_validate_rmsd_angle.PDB_ins_code_1             ? 
_pdbx_validate_rmsd_angle.label_alt_id_1             ? 
_pdbx_validate_rmsd_angle.auth_atom_id_2             CZ 
_pdbx_validate_rmsd_angle.auth_asym_id_2             A 
_pdbx_validate_rmsd_angle.auth_comp_id_2             ARG 
_pdbx_validate_rmsd_angle.auth_seq_id_2              47 
_pdbx_validate_rmsd_angle.PDB_ins_code_2             ? 
_pdbx_validate_rmsd_angle.label_alt_id_2             ? 
_pdbx_validate_rmsd_angle.auth_atom_id_3             NH1 
_pdbx_validate_rmsd_angle.auth_asym_id_3             A 
_pdbx_validate_rmsd_angle.auth_comp_id_3             ARG 
_pdbx_validate_rmsd_angle.auth_seq_id_3              47 
_pdbx_validate_rmsd_angle.PDB_ins_code_3             ? 
_pdbx_validate_rmsd_angle.label_alt_id_3             ? 
_pdbx_validate_rmsd_angle.angle_value                116.68 
_pdbx_validate_rmsd_angle.angle_target_value         120.30 
_pdbx_validate_rmsd_angle.angle_deviation            -3.62 
_pdbx_validate_rmsd_angle.angle_standard_deviation   0.50 
_pdbx_validate_rmsd_angle.linker_flag                N 
# 
loop_
_pdbx_validate_torsion.id 
_pdbx_validate_torsion.PDB_model_num 
_pdbx_validate_torsion.auth_comp_id 
_pdbx_validate_torsion.auth_asym_id 
_pdbx_validate_torsion.auth_seq_id 
_pdbx_validate_torsion.PDB_ins_code 
_pdbx_validate_torsion.label_alt_id 
_pdbx_validate_torsion.phi 
_pdbx_validate_torsion.psi 
1 1 GLU A 40 ? ? 68.30   -166.02 
2 1 ASP A 49 ? ? -127.98 -149.57 
3 1 ARG A 51 ? ? -140.88 -21.98  
# 
loop_
_chem_comp_atom.comp_id 
_chem_comp_atom.atom_id 
_chem_comp_atom.type_symbol 
_chem_comp_atom.pdbx_aromatic_flag 
_chem_comp_atom.pdbx_stereo_config 
_chem_comp_atom.pdbx_ordinal 
ALA N    N  N N 1   
ALA CA   C  N S 2   
ALA C    C  N N 3   
ALA O    O  N N 4   
ALA CB   C  N N 5   
ALA OXT  O  N N 6   
ALA H    H  N N 7   
ALA H2   H  N N 8   
ALA HA   H  N N 9   
ALA HB1  H  N N 10  
ALA HB2  H  N N 11  
ALA HB3  H  N N 12  
ALA HXT  H  N N 13  
ARG N    N  N N 14  
ARG CA   C  N S 15  
ARG C    C  N N 16  
ARG O    O  N N 17  
ARG CB   C  N N 18  
ARG CG   C  N N 19  
ARG CD   C  N N 20  
ARG NE   N  N N 21  
ARG CZ   C  N N 22  
ARG NH1  N  N N 23  
ARG NH2  N  N N 24  
ARG OXT  O  N N 25  
ARG H    H  N N 26  
ARG H2   H  N N 27  
ARG HA   H  N N 28  
ARG HB2  H  N N 29  
ARG HB3  H  N N 30  
ARG HG2  H  N N 31  
ARG HG3  H  N N 32  
ARG HD2  H  N N 33  
ARG HD3  H  N N 34  
ARG HE   H  N N 35  
ARG HH11 H  N N 36  
ARG HH12 H  N N 37  
ARG HH21 H  N N 38  
ARG HH22 H  N N 39  
ARG HXT  H  N N 40  
ASN N    N  N N 41  
ASN CA   C  N S 42  
ASN C    C  N N 43  
ASN O    O  N N 44  
ASN CB   C  N N 45  
ASN CG   C  N N 46  
ASN OD1  O  N N 47  
ASN ND2  N  N N 48  
ASN OXT  O  N N 49  
ASN H    H  N N 50  
ASN H2   H  N N 51  
ASN HA   H  N N 52  
ASN HB2  H  N N 53  
ASN HB3  H  N N 54  
ASN HD21 H  N N 55  
ASN HD22 H  N N 56  
ASN HXT  H  N N 57  
ASP N    N  N N 58  
ASP CA   C  N S 59  
ASP C    C  N N 60  
ASP O    O  N N 61  
ASP CB   C  N N 62  
ASP CG   C  N N 63  
ASP OD1  O  N N 64  
ASP OD2  O  N N 65  
ASP OXT  O  N N 66  
ASP H    H  N N 67  
ASP H2   H  N N 68  
ASP HA   H  N N 69  
ASP HB2  H  N N 70  
ASP HB3  H  N N 71  
ASP HD2  H  N N 72  
ASP HXT  H  N N 73  
BEZ C    C  N N 74  
BEZ O1   O  N N 75  
BEZ O2   O  N N 76  
BEZ C1   C  Y N 77  
BEZ C2   C  Y N 78  
BEZ C3   C  Y N 79  
BEZ C4   C  Y N 80  
BEZ C5   C  Y N 81  
BEZ C6   C  Y N 82  
BEZ HO2  H  N N 83  
BEZ H2   H  N N 84  
BEZ H3   H  N N 85  
BEZ H4   H  N N 86  
BEZ H5   H  N N 87  
BEZ H6   H  N N 88  
CA  CA   CA N N 89  
CYS N    N  N N 90  
CYS CA   C  N R 91  
CYS C    C  N N 92  
CYS O    O  N N 93  
CYS CB   C  N N 94  
CYS SG   S  N N 95  
CYS OXT  O  N N 96  
CYS H    H  N N 97  
CYS H2   H  N N 98  
CYS HA   H  N N 99  
CYS HB2  H  N N 100 
CYS HB3  H  N N 101 
CYS HG   H  N N 102 
CYS HXT  H  N N 103 
EDO C1   C  N N 104 
EDO O1   O  N N 105 
EDO C2   C  N N 106 
EDO O2   O  N N 107 
EDO H11  H  N N 108 
EDO H12  H  N N 109 
EDO HO1  H  N N 110 
EDO H21  H  N N 111 
EDO H22  H  N N 112 
EDO HO2  H  N N 113 
GLN N    N  N N 114 
GLN CA   C  N S 115 
GLN C    C  N N 116 
GLN O    O  N N 117 
GLN CB   C  N N 118 
GLN CG   C  N N 119 
GLN CD   C  N N 120 
GLN OE1  O  N N 121 
GLN NE2  N  N N 122 
GLN OXT  O  N N 123 
GLN H    H  N N 124 
GLN H2   H  N N 125 
GLN HA   H  N N 126 
GLN HB2  H  N N 127 
GLN HB3  H  N N 128 
GLN HG2  H  N N 129 
GLN HG3  H  N N 130 
GLN HE21 H  N N 131 
GLN HE22 H  N N 132 
GLN HXT  H  N N 133 
GLU N    N  N N 134 
GLU CA   C  N S 135 
GLU C    C  N N 136 
GLU O    O  N N 137 
GLU CB   C  N N 138 
GLU CG   C  N N 139 
GLU CD   C  N N 140 
GLU OE1  O  N N 141 
GLU OE2  O  N N 142 
GLU OXT  O  N N 143 
GLU H    H  N N 144 
GLU H2   H  N N 145 
GLU HA   H  N N 146 
GLU HB2  H  N N 147 
GLU HB3  H  N N 148 
GLU HG2  H  N N 149 
GLU HG3  H  N N 150 
GLU HE2  H  N N 151 
GLU HXT  H  N N 152 
GLY N    N  N N 153 
GLY CA   C  N N 154 
GLY C    C  N N 155 
GLY O    O  N N 156 
GLY OXT  O  N N 157 
GLY H    H  N N 158 
GLY H2   H  N N 159 
GLY HA2  H  N N 160 
GLY HA3  H  N N 161 
GLY HXT  H  N N 162 
HOH O    O  N N 163 
HOH H1   H  N N 164 
HOH H2   H  N N 165 
ILE N    N  N N 166 
ILE CA   C  N S 167 
ILE C    C  N N 168 
ILE O    O  N N 169 
ILE CB   C  N S 170 
ILE CG1  C  N N 171 
ILE CG2  C  N N 172 
ILE CD1  C  N N 173 
ILE OXT  O  N N 174 
ILE H    H  N N 175 
ILE H2   H  N N 176 
ILE HA   H  N N 177 
ILE HB   H  N N 178 
ILE HG12 H  N N 179 
ILE HG13 H  N N 180 
ILE HG21 H  N N 181 
ILE HG22 H  N N 182 
ILE HG23 H  N N 183 
ILE HD11 H  N N 184 
ILE HD12 H  N N 185 
ILE HD13 H  N N 186 
ILE HXT  H  N N 187 
LEU N    N  N N 188 
LEU CA   C  N S 189 
LEU C    C  N N 190 
LEU O    O  N N 191 
LEU CB   C  N N 192 
LEU CG   C  N N 193 
LEU CD1  C  N N 194 
LEU CD2  C  N N 195 
LEU OXT  O  N N 196 
LEU H    H  N N 197 
LEU H2   H  N N 198 
LEU HA   H  N N 199 
LEU HB2  H  N N 200 
LEU HB3  H  N N 201 
LEU HG   H  N N 202 
LEU HD11 H  N N 203 
LEU HD12 H  N N 204 
LEU HD13 H  N N 205 
LEU HD21 H  N N 206 
LEU HD22 H  N N 207 
LEU HD23 H  N N 208 
LEU HXT  H  N N 209 
LYS N    N  N N 210 
LYS CA   C  N S 211 
LYS C    C  N N 212 
LYS O    O  N N 213 
LYS CB   C  N N 214 
LYS CG   C  N N 215 
LYS CD   C  N N 216 
LYS CE   C  N N 217 
LYS NZ   N  N N 218 
LYS OXT  O  N N 219 
LYS H    H  N N 220 
LYS H2   H  N N 221 
LYS HA   H  N N 222 
LYS HB2  H  N N 223 
LYS HB3  H  N N 224 
LYS HG2  H  N N 225 
LYS HG3  H  N N 226 
LYS HD2  H  N N 227 
LYS HD3  H  N N 228 
LYS HE2  H  N N 229 
LYS HE3  H  N N 230 
LYS HZ1  H  N N 231 
LYS HZ2  H  N N 232 
LYS HZ3  H  N N 233 
LYS HXT  H  N N 234 
MET N    N  N N 235 
MET CA   C  N S 236 
MET C    C  N N 237 
MET O    O  N N 238 
MET CB   C  N N 239 
MET CG   C  N N 240 
MET SD   S  N N 241 
MET CE   C  N N 242 
MET OXT  O  N N 243 
MET H    H  N N 244 
MET H2   H  N N 245 
MET HA   H  N N 246 
MET HB2  H  N N 247 
MET HB3  H  N N 248 
MET HG2  H  N N 249 
MET HG3  H  N N 250 
MET HE1  H  N N 251 
MET HE2  H  N N 252 
MET HE3  H  N N 253 
MET HXT  H  N N 254 
PHE N    N  N N 255 
PHE CA   C  N S 256 
PHE C    C  N N 257 
PHE O    O  N N 258 
PHE CB   C  N N 259 
PHE CG   C  Y N 260 
PHE CD1  C  Y N 261 
PHE CD2  C  Y N 262 
PHE CE1  C  Y N 263 
PHE CE2  C  Y N 264 
PHE CZ   C  Y N 265 
PHE OXT  O  N N 266 
PHE H    H  N N 267 
PHE H2   H  N N 268 
PHE HA   H  N N 269 
PHE HB2  H  N N 270 
PHE HB3  H  N N 271 
PHE HD1  H  N N 272 
PHE HD2  H  N N 273 
PHE HE1  H  N N 274 
PHE HE2  H  N N 275 
PHE HZ   H  N N 276 
PHE HXT  H  N N 277 
PRO N    N  N N 278 
PRO CA   C  N S 279 
PRO C    C  N N 280 
PRO O    O  N N 281 
PRO CB   C  N N 282 
PRO CG   C  N N 283 
PRO CD   C  N N 284 
PRO OXT  O  N N 285 
PRO H    H  N N 286 
PRO HA   H  N N 287 
PRO HB2  H  N N 288 
PRO HB3  H  N N 289 
PRO HG2  H  N N 290 
PRO HG3  H  N N 291 
PRO HD2  H  N N 292 
PRO HD3  H  N N 293 
PRO HXT  H  N N 294 
SER N    N  N N 295 
SER CA   C  N S 296 
SER C    C  N N 297 
SER O    O  N N 298 
SER CB   C  N N 299 
SER OG   O  N N 300 
SER OXT  O  N N 301 
SER H    H  N N 302 
SER H2   H  N N 303 
SER HA   H  N N 304 
SER HB2  H  N N 305 
SER HB3  H  N N 306 
SER HG   H  N N 307 
SER HXT  H  N N 308 
THR N    N  N N 309 
THR CA   C  N S 310 
THR C    C  N N 311 
THR O    O  N N 312 
THR CB   C  N R 313 
THR OG1  O  N N 314 
THR CG2  C  N N 315 
THR OXT  O  N N 316 
THR H    H  N N 317 
THR H2   H  N N 318 
THR HA   H  N N 319 
THR HB   H  N N 320 
THR HG1  H  N N 321 
THR HG21 H  N N 322 
THR HG22 H  N N 323 
THR HG23 H  N N 324 
THR HXT  H  N N 325 
TRP N    N  N N 326 
TRP CA   C  N S 327 
TRP C    C  N N 328 
TRP O    O  N N 329 
TRP CB   C  N N 330 
TRP CG   C  Y N 331 
TRP CD1  C  Y N 332 
TRP CD2  C  Y N 333 
TRP NE1  N  Y N 334 
TRP CE2  C  Y N 335 
TRP CE3  C  Y N 336 
TRP CZ2  C  Y N 337 
TRP CZ3  C  Y N 338 
TRP CH2  C  Y N 339 
TRP OXT  O  N N 340 
TRP H    H  N N 341 
TRP H2   H  N N 342 
TRP HA   H  N N 343 
TRP HB2  H  N N 344 
TRP HB3  H  N N 345 
TRP HD1  H  N N 346 
TRP HE1  H  N N 347 
TRP HE3  H  N N 348 
TRP HZ2  H  N N 349 
TRP HZ3  H  N N 350 
TRP HH2  H  N N 351 
TRP HXT  H  N N 352 
TYR N    N  N N 353 
TYR CA   C  N S 354 
TYR C    C  N N 355 
TYR O    O  N N 356 
TYR CB   C  N N 357 
TYR CG   C  Y N 358 
TYR CD1  C  Y N 359 
TYR CD2  C  Y N 360 
TYR CE1  C  Y N 361 
TYR CE2  C  Y N 362 
TYR CZ   C  Y N 363 
TYR OH   O  N N 364 
TYR OXT  O  N N 365 
TYR H    H  N N 366 
TYR H2   H  N N 367 
TYR HA   H  N N 368 
TYR HB2  H  N N 369 
TYR HB3  H  N N 370 
TYR HD1  H  N N 371 
TYR HD2  H  N N 372 
TYR HE1  H  N N 373 
TYR HE2  H  N N 374 
TYR HH   H  N N 375 
TYR HXT  H  N N 376 
VAL N    N  N N 377 
VAL CA   C  N S 378 
VAL C    C  N N 379 
VAL O    O  N N 380 
VAL CB   C  N N 381 
VAL CG1  C  N N 382 
VAL CG2  C  N N 383 
VAL OXT  O  N N 384 
VAL H    H  N N 385 
VAL H2   H  N N 386 
VAL HA   H  N N 387 
VAL HB   H  N N 388 
VAL HG11 H  N N 389 
VAL HG12 H  N N 390 
VAL HG13 H  N N 391 
VAL HG21 H  N N 392 
VAL HG22 H  N N 393 
VAL HG23 H  N N 394 
VAL HXT  H  N N 395 
# 
loop_
_chem_comp_bond.comp_id 
_chem_comp_bond.atom_id_1 
_chem_comp_bond.atom_id_2 
_chem_comp_bond.value_order 
_chem_comp_bond.pdbx_aromatic_flag 
_chem_comp_bond.pdbx_stereo_config 
_chem_comp_bond.pdbx_ordinal 
ALA N   CA   sing N N 1   
ALA N   H    sing N N 2   
ALA N   H2   sing N N 3   
ALA CA  C    sing N N 4   
ALA CA  CB   sing N N 5   
ALA CA  HA   sing N N 6   
ALA C   O    doub N N 7   
ALA C   OXT  sing N N 8   
ALA CB  HB1  sing N N 9   
ALA CB  HB2  sing N N 10  
ALA CB  HB3  sing N N 11  
ALA OXT HXT  sing N N 12  
ARG N   CA   sing N N 13  
ARG N   H    sing N N 14  
ARG N   H2   sing N N 15  
ARG CA  C    sing N N 16  
ARG CA  CB   sing N N 17  
ARG CA  HA   sing N N 18  
ARG C   O    doub N N 19  
ARG C   OXT  sing N N 20  
ARG CB  CG   sing N N 21  
ARG CB  HB2  sing N N 22  
ARG CB  HB3  sing N N 23  
ARG CG  CD   sing N N 24  
ARG CG  HG2  sing N N 25  
ARG CG  HG3  sing N N 26  
ARG CD  NE   sing N N 27  
ARG CD  HD2  sing N N 28  
ARG CD  HD3  sing N N 29  
ARG NE  CZ   sing N N 30  
ARG NE  HE   sing N N 31  
ARG CZ  NH1  sing N N 32  
ARG CZ  NH2  doub N N 33  
ARG NH1 HH11 sing N N 34  
ARG NH1 HH12 sing N N 35  
ARG NH2 HH21 sing N N 36  
ARG NH2 HH22 sing N N 37  
ARG OXT HXT  sing N N 38  
ASN N   CA   sing N N 39  
ASN N   H    sing N N 40  
ASN N   H2   sing N N 41  
ASN CA  C    sing N N 42  
ASN CA  CB   sing N N 43  
ASN CA  HA   sing N N 44  
ASN C   O    doub N N 45  
ASN C   OXT  sing N N 46  
ASN CB  CG   sing N N 47  
ASN CB  HB2  sing N N 48  
ASN CB  HB3  sing N N 49  
ASN CG  OD1  doub N N 50  
ASN CG  ND2  sing N N 51  
ASN ND2 HD21 sing N N 52  
ASN ND2 HD22 sing N N 53  
ASN OXT HXT  sing N N 54  
ASP N   CA   sing N N 55  
ASP N   H    sing N N 56  
ASP N   H2   sing N N 57  
ASP CA  C    sing N N 58  
ASP CA  CB   sing N N 59  
ASP CA  HA   sing N N 60  
ASP C   O    doub N N 61  
ASP C   OXT  sing N N 62  
ASP CB  CG   sing N N 63  
ASP CB  HB2  sing N N 64  
ASP CB  HB3  sing N N 65  
ASP CG  OD1  doub N N 66  
ASP CG  OD2  sing N N 67  
ASP OD2 HD2  sing N N 68  
ASP OXT HXT  sing N N 69  
BEZ C   O1   doub N N 70  
BEZ C   O2   sing N N 71  
BEZ C   C1   sing N N 72  
BEZ O2  HO2  sing N N 73  
BEZ C1  C2   doub Y N 74  
BEZ C1  C6   sing Y N 75  
BEZ C2  C3   sing Y N 76  
BEZ C2  H2   sing N N 77  
BEZ C3  C4   doub Y N 78  
BEZ C3  H3   sing N N 79  
BEZ C4  C5   sing Y N 80  
BEZ C4  H4   sing N N 81  
BEZ C5  C6   doub Y N 82  
BEZ C5  H5   sing N N 83  
BEZ C6  H6   sing N N 84  
CYS N   CA   sing N N 85  
CYS N   H    sing N N 86  
CYS N   H2   sing N N 87  
CYS CA  C    sing N N 88  
CYS CA  CB   sing N N 89  
CYS CA  HA   sing N N 90  
CYS C   O    doub N N 91  
CYS C   OXT  sing N N 92  
CYS CB  SG   sing N N 93  
CYS CB  HB2  sing N N 94  
CYS CB  HB3  sing N N 95  
CYS SG  HG   sing N N 96  
CYS OXT HXT  sing N N 97  
EDO C1  O1   sing N N 98  
EDO C1  C2   sing N N 99  
EDO C1  H11  sing N N 100 
EDO C1  H12  sing N N 101 
EDO O1  HO1  sing N N 102 
EDO C2  O2   sing N N 103 
EDO C2  H21  sing N N 104 
EDO C2  H22  sing N N 105 
EDO O2  HO2  sing N N 106 
GLN N   CA   sing N N 107 
GLN N   H    sing N N 108 
GLN N   H2   sing N N 109 
GLN CA  C    sing N N 110 
GLN CA  CB   sing N N 111 
GLN CA  HA   sing N N 112 
GLN C   O    doub N N 113 
GLN C   OXT  sing N N 114 
GLN CB  CG   sing N N 115 
GLN CB  HB2  sing N N 116 
GLN CB  HB3  sing N N 117 
GLN CG  CD   sing N N 118 
GLN CG  HG2  sing N N 119 
GLN CG  HG3  sing N N 120 
GLN CD  OE1  doub N N 121 
GLN CD  NE2  sing N N 122 
GLN NE2 HE21 sing N N 123 
GLN NE2 HE22 sing N N 124 
GLN OXT HXT  sing N N 125 
GLU N   CA   sing N N 126 
GLU N   H    sing N N 127 
GLU N   H2   sing N N 128 
GLU CA  C    sing N N 129 
GLU CA  CB   sing N N 130 
GLU CA  HA   sing N N 131 
GLU C   O    doub N N 132 
GLU C   OXT  sing N N 133 
GLU CB  CG   sing N N 134 
GLU CB  HB2  sing N N 135 
GLU CB  HB3  sing N N 136 
GLU CG  CD   sing N N 137 
GLU CG  HG2  sing N N 138 
GLU CG  HG3  sing N N 139 
GLU CD  OE1  doub N N 140 
GLU CD  OE2  sing N N 141 
GLU OE2 HE2  sing N N 142 
GLU OXT HXT  sing N N 143 
GLY N   CA   sing N N 144 
GLY N   H    sing N N 145 
GLY N   H2   sing N N 146 
GLY CA  C    sing N N 147 
GLY CA  HA2  sing N N 148 
GLY CA  HA3  sing N N 149 
GLY C   O    doub N N 150 
GLY C   OXT  sing N N 151 
GLY OXT HXT  sing N N 152 
HOH O   H1   sing N N 153 
HOH O   H2   sing N N 154 
ILE N   CA   sing N N 155 
ILE N   H    sing N N 156 
ILE N   H2   sing N N 157 
ILE CA  C    sing N N 158 
ILE CA  CB   sing N N 159 
ILE CA  HA   sing N N 160 
ILE C   O    doub N N 161 
ILE C   OXT  sing N N 162 
ILE CB  CG1  sing N N 163 
ILE CB  CG2  sing N N 164 
ILE CB  HB   sing N N 165 
ILE CG1 CD1  sing N N 166 
ILE CG1 HG12 sing N N 167 
ILE CG1 HG13 sing N N 168 
ILE CG2 HG21 sing N N 169 
ILE CG2 HG22 sing N N 170 
ILE CG2 HG23 sing N N 171 
ILE CD1 HD11 sing N N 172 
ILE CD1 HD12 sing N N 173 
ILE CD1 HD13 sing N N 174 
ILE OXT HXT  sing N N 175 
LEU N   CA   sing N N 176 
LEU N   H    sing N N 177 
LEU N   H2   sing N N 178 
LEU CA  C    sing N N 179 
LEU CA  CB   sing N N 180 
LEU CA  HA   sing N N 181 
LEU C   O    doub N N 182 
LEU C   OXT  sing N N 183 
LEU CB  CG   sing N N 184 
LEU CB  HB2  sing N N 185 
LEU CB  HB3  sing N N 186 
LEU CG  CD1  sing N N 187 
LEU CG  CD2  sing N N 188 
LEU CG  HG   sing N N 189 
LEU CD1 HD11 sing N N 190 
LEU CD1 HD12 sing N N 191 
LEU CD1 HD13 sing N N 192 
LEU CD2 HD21 sing N N 193 
LEU CD2 HD22 sing N N 194 
LEU CD2 HD23 sing N N 195 
LEU OXT HXT  sing N N 196 
LYS N   CA   sing N N 197 
LYS N   H    sing N N 198 
LYS N   H2   sing N N 199 
LYS CA  C    sing N N 200 
LYS CA  CB   sing N N 201 
LYS CA  HA   sing N N 202 
LYS C   O    doub N N 203 
LYS C   OXT  sing N N 204 
LYS CB  CG   sing N N 205 
LYS CB  HB2  sing N N 206 
LYS CB  HB3  sing N N 207 
LYS CG  CD   sing N N 208 
LYS CG  HG2  sing N N 209 
LYS CG  HG3  sing N N 210 
LYS CD  CE   sing N N 211 
LYS CD  HD2  sing N N 212 
LYS CD  HD3  sing N N 213 
LYS CE  NZ   sing N N 214 
LYS CE  HE2  sing N N 215 
LYS CE  HE3  sing N N 216 
LYS NZ  HZ1  sing N N 217 
LYS NZ  HZ2  sing N N 218 
LYS NZ  HZ3  sing N N 219 
LYS OXT HXT  sing N N 220 
MET N   CA   sing N N 221 
MET N   H    sing N N 222 
MET N   H2   sing N N 223 
MET CA  C    sing N N 224 
MET CA  CB   sing N N 225 
MET CA  HA   sing N N 226 
MET C   O    doub N N 227 
MET C   OXT  sing N N 228 
MET CB  CG   sing N N 229 
MET CB  HB2  sing N N 230 
MET CB  HB3  sing N N 231 
MET CG  SD   sing N N 232 
MET CG  HG2  sing N N 233 
MET CG  HG3  sing N N 234 
MET SD  CE   sing N N 235 
MET CE  HE1  sing N N 236 
MET CE  HE2  sing N N 237 
MET CE  HE3  sing N N 238 
MET OXT HXT  sing N N 239 
PHE N   CA   sing N N 240 
PHE N   H    sing N N 241 
PHE N   H2   sing N N 242 
PHE CA  C    sing N N 243 
PHE CA  CB   sing N N 244 
PHE CA  HA   sing N N 245 
PHE C   O    doub N N 246 
PHE C   OXT  sing N N 247 
PHE CB  CG   sing N N 248 
PHE CB  HB2  sing N N 249 
PHE CB  HB3  sing N N 250 
PHE CG  CD1  doub Y N 251 
PHE CG  CD2  sing Y N 252 
PHE CD1 CE1  sing Y N 253 
PHE CD1 HD1  sing N N 254 
PHE CD2 CE2  doub Y N 255 
PHE CD2 HD2  sing N N 256 
PHE CE1 CZ   doub Y N 257 
PHE CE1 HE1  sing N N 258 
PHE CE2 CZ   sing Y N 259 
PHE CE2 HE2  sing N N 260 
PHE CZ  HZ   sing N N 261 
PHE OXT HXT  sing N N 262 
PRO N   CA   sing N N 263 
PRO N   CD   sing N N 264 
PRO N   H    sing N N 265 
PRO CA  C    sing N N 266 
PRO CA  CB   sing N N 267 
PRO CA  HA   sing N N 268 
PRO C   O    doub N N 269 
PRO C   OXT  sing N N 270 
PRO CB  CG   sing N N 271 
PRO CB  HB2  sing N N 272 
PRO CB  HB3  sing N N 273 
PRO CG  CD   sing N N 274 
PRO CG  HG2  sing N N 275 
PRO CG  HG3  sing N N 276 
PRO CD  HD2  sing N N 277 
PRO CD  HD3  sing N N 278 
PRO OXT HXT  sing N N 279 
SER N   CA   sing N N 280 
SER N   H    sing N N 281 
SER N   H2   sing N N 282 
SER CA  C    sing N N 283 
SER CA  CB   sing N N 284 
SER CA  HA   sing N N 285 
SER C   O    doub N N 286 
SER C   OXT  sing N N 287 
SER CB  OG   sing N N 288 
SER CB  HB2  sing N N 289 
SER CB  HB3  sing N N 290 
SER OG  HG   sing N N 291 
SER OXT HXT  sing N N 292 
THR N   CA   sing N N 293 
THR N   H    sing N N 294 
THR N   H2   sing N N 295 
THR CA  C    sing N N 296 
THR CA  CB   sing N N 297 
THR CA  HA   sing N N 298 
THR C   O    doub N N 299 
THR C   OXT  sing N N 300 
THR CB  OG1  sing N N 301 
THR CB  CG2  sing N N 302 
THR CB  HB   sing N N 303 
THR OG1 HG1  sing N N 304 
THR CG2 HG21 sing N N 305 
THR CG2 HG22 sing N N 306 
THR CG2 HG23 sing N N 307 
THR OXT HXT  sing N N 308 
TRP N   CA   sing N N 309 
TRP N   H    sing N N 310 
TRP N   H2   sing N N 311 
TRP CA  C    sing N N 312 
TRP CA  CB   sing N N 313 
TRP CA  HA   sing N N 314 
TRP C   O    doub N N 315 
TRP C   OXT  sing N N 316 
TRP CB  CG   sing N N 317 
TRP CB  HB2  sing N N 318 
TRP CB  HB3  sing N N 319 
TRP CG  CD1  doub Y N 320 
TRP CG  CD2  sing Y N 321 
TRP CD1 NE1  sing Y N 322 
TRP CD1 HD1  sing N N 323 
TRP CD2 CE2  doub Y N 324 
TRP CD2 CE3  sing Y N 325 
TRP NE1 CE2  sing Y N 326 
TRP NE1 HE1  sing N N 327 
TRP CE2 CZ2  sing Y N 328 
TRP CE3 CZ3  doub Y N 329 
TRP CE3 HE3  sing N N 330 
TRP CZ2 CH2  doub Y N 331 
TRP CZ2 HZ2  sing N N 332 
TRP CZ3 CH2  sing Y N 333 
TRP CZ3 HZ3  sing N N 334 
TRP CH2 HH2  sing N N 335 
TRP OXT HXT  sing N N 336 
TYR N   CA   sing N N 337 
TYR N   H    sing N N 338 
TYR N   H2   sing N N 339 
TYR CA  C    sing N N 340 
TYR CA  CB   sing N N 341 
TYR CA  HA   sing N N 342 
TYR C   O    doub N N 343 
TYR C   OXT  sing N N 344 
TYR CB  CG   sing N N 345 
TYR CB  HB2  sing N N 346 
TYR CB  HB3  sing N N 347 
TYR CG  CD1  doub Y N 348 
TYR CG  CD2  sing Y N 349 
TYR CD1 CE1  sing Y N 350 
TYR CD1 HD1  sing N N 351 
TYR CD2 CE2  doub Y N 352 
TYR CD2 HD2  sing N N 353 
TYR CE1 CZ   doub Y N 354 
TYR CE1 HE1  sing N N 355 
TYR CE2 CZ   sing Y N 356 
TYR CE2 HE2  sing N N 357 
TYR CZ  OH   sing N N 358 
TYR OH  HH   sing N N 359 
TYR OXT HXT  sing N N 360 
VAL N   CA   sing N N 361 
VAL N   H    sing N N 362 
VAL N   H2   sing N N 363 
VAL CA  C    sing N N 364 
VAL CA  CB   sing N N 365 
VAL CA  HA   sing N N 366 
VAL C   O    doub N N 367 
VAL C   OXT  sing N N 368 
VAL CB  CG1  sing N N 369 
VAL CB  CG2  sing N N 370 
VAL CB  HB   sing N N 371 
VAL CG1 HG11 sing N N 372 
VAL CG1 HG12 sing N N 373 
VAL CG1 HG13 sing N N 374 
VAL CG2 HG21 sing N N 375 
VAL CG2 HG22 sing N N 376 
VAL CG2 HG23 sing N N 377 
VAL OXT HXT  sing N N 378 
# 
_pdbx_audit_support.funding_organization   'National Institutes of Health/National Human Genome Research Institute (NIH/NHGRI)' 
_pdbx_audit_support.country                'United States' 
_pdbx_audit_support.grant_number           ? 
_pdbx_audit_support.ordinal                1 
# 
loop_
_pdbx_initial_refinement_model.id 
_pdbx_initial_refinement_model.entity_id_list 
_pdbx_initial_refinement_model.type 
_pdbx_initial_refinement_model.source_name 
_pdbx_initial_refinement_model.accession_code 
_pdbx_initial_refinement_model.details 
1 ? 'experimental model' PDB 5F71 '5F71, 2OYP' 
2 ? 'experimental model' PDB 2OYP '5F71, 2OYP' 
# 
_atom_sites.entry_id                    6DHB 
_atom_sites.fract_transf_matrix[1][1]   -0.01205969 
_atom_sites.fract_transf_matrix[1][2]   -0.01997974 
_atom_sites.fract_transf_matrix[1][3]   -0.00373992 
_atom_sites.fract_transf_matrix[2][1]   0.01879483 
_atom_sites.fract_transf_matrix[2][2]   -0.00951496 
_atom_sites.fract_transf_matrix[2][3]   -0.00977383 
_atom_sites.fract_transf_matrix[3][1]   0.00562545 
_atom_sites.fract_transf_matrix[3][2]   -0.00662824 
_atom_sites.fract_transf_matrix[3][3]   0.01727029 
_atom_sites.fract_transf_vector[1]      -0.209694 
_atom_sites.fract_transf_vector[2]      -0.122196 
_atom_sites.fract_transf_vector[3]      0.105836 
# 
loop_
_atom_type.symbol 
C  
CA 
N  
O  
S  
# 
loop_
_atom_site.group_PDB 
_atom_site.id 
_atom_site.type_symbol 
_atom_site.label_atom_id 
_atom_site.label_alt_id 
_atom_site.label_comp_id 
_atom_site.label_asym_id 
_atom_site.label_entity_id 
_atom_site.label_seq_id 
_atom_site.pdbx_PDB_ins_code 
_atom_site.Cartn_x 
_atom_site.Cartn_y 
_atom_site.Cartn_z 
_atom_site.occupancy 
_atom_site.B_iso_or_equiv 
_atom_site.pdbx_formal_charge 
_atom_site.auth_seq_id 
_atom_site.auth_comp_id 
_atom_site.auth_asym_id 
_atom_site.auth_atom_id 
_atom_site.pdbx_PDB_model_num 
ATOM   1   N  N   . MET A 1 1   ? 1.163   9.354   -10.931 1.00 10.40 ? 1   MET A N   1 
ATOM   2   C  CA  . MET A 1 1   ? 2.117   8.247   -10.581 1.00 10.33 ? 1   MET A CA  1 
ATOM   3   C  C   . MET A 1 1   ? 3.414   8.899   -10.186 1.00 10.30 ? 1   MET A C   1 
ATOM   4   O  O   . MET A 1 1   ? 3.770   9.977   -10.729 1.00 10.84 ? 1   MET A O   1 
ATOM   5   C  CB  . MET A 1 1   ? 2.348   7.225   -11.722 1.00 12.35 ? 1   MET A CB  1 
ATOM   6   C  CG  . MET A 1 1   ? 3.147   5.898   -11.359 1.00 14.46 ? 1   MET A CG  1 
ATOM   7   S  SD  . MET A 1 1   ? 4.850   6.338   -11.786 1.00 22.32 ? 1   MET A SD  1 
ATOM   8   C  CE  . MET A 1 1   ? 4.781   5.835   -13.509 1.00 19.04 ? 1   MET A CE  1 
ATOM   9   N  N   . VAL A 1 2   ? 4.025   8.352   -9.136  1.00 9.68  ? 2   VAL A N   1 
ATOM   10  C  CA  . VAL A 1 2   ? 5.322   8.822   -8.610  1.00 11.03 ? 2   VAL A CA  1 
ATOM   11  C  C   . VAL A 1 2   ? 6.239   7.608   -8.568  1.00 10.84 ? 2   VAL A C   1 
ATOM   12  O  O   . VAL A 1 2   ? 5.840   6.513   -8.294  1.00 10.65 ? 2   VAL A O   1 
ATOM   13  C  CB  . VAL A 1 2   ? 5.198   9.475   -7.211  1.00 11.43 ? 2   VAL A CB  1 
ATOM   14  C  CG1 . VAL A 1 2   ? 6.545   9.904   -6.769  1.00 13.19 ? 2   VAL A CG1 1 
ATOM   15  C  CG2 . VAL A 1 2   ? 4.273   10.676  -7.184  1.00 12.50 ? 2   VAL A CG2 1 
ATOM   16  N  N   . GLU A 1 3   ? 7.524   7.813   -8.852  1.00 10.97 ? 3   GLU A N   1 
ATOM   17  C  CA  . GLU A 1 3   ? 8.526   6.777   -8.864  1.00 12.38 ? 3   GLU A CA  1 
ATOM   18  C  C   . GLU A 1 3   ? 9.377   6.766   -7.616  1.00 12.16 ? 3   GLU A C   1 
ATOM   19  O  O   . GLU A 1 3   ? 9.758   7.856   -7.099  1.00 13.30 ? 3   GLU A O   1 
ATOM   20  C  CB  . GLU A 1 3   ? 9.490   7.051   -10.038 1.00 16.42 ? 3   GLU A CB  1 
ATOM   21  C  CG  . GLU A 1 3   ? 9.981   5.855   -10.718 1.00 19.48 ? 3   GLU A CG  1 
ATOM   22  C  CD  . GLU A 1 3   ? 10.565  6.189   -12.109 1.00 21.34 ? 3   GLU A CD  1 
ATOM   23  O  OE1 . GLU A 1 3   ? 10.148  5.664   -13.219 1.00 25.60 ? 3   GLU A OE1 1 
ATOM   24  O  OE2 . GLU A 1 3   ? 11.472  7.006   -11.992 1.00 20.73 ? 3   GLU A OE2 1 
ATOM   25  N  N   . TYR A 1 4   ? 9.682   5.558   -7.151  1.00 12.13 ? 4   TYR A N   1 
ATOM   26  C  CA  . TYR A 1 4   ? 10.510  5.330   -5.980  1.00 13.54 ? 4   TYR A CA  1 
ATOM   27  C  C   . TYR A 1 4   ? 11.577  4.306   -6.355  1.00 13.90 ? 4   TYR A C   1 
ATOM   28  O  O   . TYR A 1 4   ? 11.388  3.505   -7.270  1.00 13.46 ? 4   TYR A O   1 
ATOM   29  C  CB  . TYR A 1 4   ? 9.666   4.815   -4.813  1.00 14.38 ? 4   TYR A CB  1 
ATOM   30  C  CG  . TYR A 1 4   ? 8.619   5.796   -4.337  1.00 14.24 ? 4   TYR A CG  1 
ATOM   31  C  CD1 . TYR A 1 4   ? 8.911   6.728   -3.350  1.00 16.08 ? 4   TYR A CD1 1 
ATOM   32  C  CD2 . TYR A 1 4   ? 7.337   5.788   -4.872  1.00 15.15 ? 4   TYR A CD2 1 
ATOM   33  C  CE1 . TYR A 1 4   ? 7.957   7.626   -2.910  1.00 16.31 ? 4   TYR A CE1 1 
ATOM   34  C  CE2 . TYR A 1 4   ? 6.376   6.682   -4.438  1.00 16.87 ? 4   TYR A CE2 1 
ATOM   35  C  CZ  . TYR A 1 4   ? 6.692   7.599   -3.458  1.00 16.58 ? 4   TYR A CZ  1 
ATOM   36  O  OH  . TYR A 1 4   ? 5.738   8.490   -3.024  1.00 20.34 ? 4   TYR A OH  1 
ATOM   37  N  N   . ARG A 1 5   ? 12.699  4.340   -5.647  1.00 13.71 ? 5   ARG A N   1 
ATOM   38  C  CA  . ARG A 1 5   ? 13.805  3.438   -5.900  1.00 17.35 ? 5   ARG A CA  1 
ATOM   39  C  C   . ARG A 1 5   ? 14.094  2.511   -4.698  1.00 13.54 ? 5   ARG A C   1 
ATOM   40  O  O   . ARG A 1 5   ? 13.916  2.891   -3.532  1.00 15.74 ? 5   ARG A O   1 
ATOM   41  C  CB  . ARG A 1 5   ? 15.071  4.268   -6.123  1.00 24.06 ? 5   ARG A CB  1 
ATOM   42  C  CG  . ARG A 1 5   ? 14.920  5.356   -7.169  1.00 36.61 ? 5   ARG A CG  1 
ATOM   43  C  CD  . ARG A 1 5   ? 14.766  4.799   -8.579  1.00 45.85 ? 5   ARG A CD  1 
ATOM   44  N  NE  . ARG A 1 5   ? 15.621  5.545   -9.518  1.00 62.06 ? 5   ARG A NE  1 
ATOM   45  C  CZ  . ARG A 1 5   ? 16.782  5.109   -10.037 1.00 72.75 ? 5   ARG A CZ  1 
ATOM   46  N  NH1 . ARG A 1 5   ? 17.274  3.871   -9.791  1.00 71.34 ? 5   ARG A NH1 1 
ATOM   47  N  NH2 . ARG A 1 5   ? 17.459  5.928   -10.850 1.00 77.29 ? 5   ARG A NH2 1 
ATOM   48  N  N   . ALA A 1 6   ? 14.563  1.329   -5.012  1.00 12.43 ? 6   ALA A N   1 
ATOM   49  C  CA  . ALA A 1 6   ? 15.147  0.459   -4.047  1.00 13.87 ? 6   ALA A CA  1 
ATOM   50  C  C   . ALA A 1 6   ? 16.371  -0.249  -4.646  1.00 16.55 ? 6   ALA A C   1 
ATOM   51  O  O   . ALA A 1 6   ? 16.529  -0.357  -5.855  1.00 16.49 ? 6   ALA A O   1 
ATOM   52  C  CB  . ALA A 1 6   ? 14.133  -0.552  -3.492  1.00 14.17 ? 6   ALA A CB  1 
ATOM   53  N  N   . GLU A 1 7   ? 17.200  -0.812  -3.785  1.00 17.42 ? 7   GLU A N   1 
ATOM   54  C  CA  . GLU A 1 7   ? 18.307  -1.669  -4.179  1.00 18.30 ? 7   GLU A CA  1 
ATOM   55  C  C   . GLU A 1 7   ? 18.030  -3.141  -3.948  1.00 14.62 ? 7   GLU A C   1 
ATOM   56  O  O   . GLU A 1 7   ? 17.407  -3.481  -2.929  1.00 13.81 ? 7   GLU A O   1 
ATOM   57  C  CB  . GLU A 1 7   ? 19.535  -1.271  -3.364  1.00 21.43 ? 7   GLU A CB  1 
ATOM   58  C  CG  . GLU A 1 7   ? 19.957  0.138   -3.614  1.00 27.77 ? 7   GLU A CG  1 
ATOM   59  C  CD  . GLU A 1 7   ? 20.939  0.675   -2.564  1.00 40.14 ? 7   GLU A CD  1 
ATOM   60  O  OE1 . GLU A 1 7   ? 21.367  -0.094  -1.655  1.00 44.97 ? 7   GLU A OE1 1 
ATOM   61  O  OE2 . GLU A 1 7   ? 21.283  1.900   -2.667  1.00 49.04 ? 7   GLU A OE2 1 
ATOM   62  N  N   . VAL A 1 8   ? 18.491  -4.010  -4.875  1.00 15.26 ? 8   VAL A N   1 
ATOM   63  C  CA  . VAL A 1 8   ? 18.363  -5.502  -4.760  1.00 14.92 ? 8   VAL A CA  1 
ATOM   64  C  C   . VAL A 1 8   ? 18.936  -5.935  -3.406  1.00 13.93 ? 8   VAL A C   1 
ATOM   65  O  O   . VAL A 1 8   ? 20.026  -5.488  -3.026  1.00 14.75 ? 8   VAL A O   1 
ATOM   66  C  CB  . VAL A 1 8   ? 19.143  -6.269  -5.865  1.00 17.73 ? 8   VAL A CB  1 
ATOM   67  C  CG1 . VAL A 1 8   ? 19.303  -7.722  -5.538  1.00 17.30 ? 8   VAL A CG1 1 
ATOM   68  C  CG2 . VAL A 1 8   ? 18.423  -6.096  -7.216  1.00 17.98 ? 8   VAL A CG2 1 
ATOM   69  N  N   . GLY A 1 9   ? 18.175  -6.771  -2.688  1.00 12.69 ? 9   GLY A N   1 
ATOM   70  C  CA  . GLY A 1 9   ? 18.585  -7.263  -1.368  1.00 12.47 ? 9   GLY A CA  1 
ATOM   71  C  C   . GLY A 1 9   ? 18.212  -6.330  -0.211  1.00 12.68 ? 9   GLY A C   1 
ATOM   72  O  O   . GLY A 1 9   ? 18.302  -6.736  0.920   1.00 14.39 ? 9   GLY A O   1 
ATOM   73  N  N   . GLN A 1 10  ? 17.760  -5.109  -0.433  1.00 10.90 ? 10  GLN A N   1 
ATOM   74  C  CA  . GLN A 1 10  ? 17.294  -4.215  0.587   1.00 10.79 ? 10  GLN A CA  1 
ATOM   75  C  C   . GLN A 1 10  ? 15.781  -4.179  0.615   1.00 10.53 ? 10  GLN A C   1 
ATOM   76  O  O   . GLN A 1 10  ? 15.157  -4.885  -0.123  1.00 10.50 ? 10  GLN A O   1 
ATOM   77  C  CB  . GLN A 1 10  ? 17.894  -2.843  0.365   1.00 12.10 ? 10  GLN A CB  1 
ATOM   78  C  CG  . GLN A 1 10  ? 19.463  -2.884  0.348   1.00 12.41 ? 10  GLN A CG  1 
ATOM   79  C  CD  . GLN A 1 10  ? 19.999  -3.441  1.662   1.00 14.43 ? 10  GLN A CD  1 
ATOM   80  O  OE1 . GLN A 1 10  ? 19.388  -3.277  2.736   1.00 17.99 ? 10  GLN A OE1 1 
ATOM   81  N  NE2 . GLN A 1 10  ? 21.122  -4.119  1.602   1.00 15.54 ? 10  GLN A NE2 1 
ATOM   82  N  N   . ASN A 1 11  ? 15.217  -3.403  1.512   1.00 8.65  ? 11  ASN A N   1 
ATOM   83  C  CA  . ASN A 1 11  ? 13.771  -3.277  1.589   1.00 8.84  ? 11  ASN A CA  1 
ATOM   84  C  C   . ASN A 1 11  ? 13.247  -2.088  0.817   1.00 9.02  ? 11  ASN A C   1 
ATOM   85  O  O   . ASN A 1 11  ? 13.829  -1.010  0.955   1.00 12.17 ? 11  ASN A O   1 
ATOM   86  C  CB  . ASN A 1 11  ? 13.333  -3.152  3.052   1.00 8.57  ? 11  ASN A CB  1 
ATOM   87  C  CG  . ASN A 1 11  ? 13.679  -4.361  3.903   1.00 7.99  ? 11  ASN A CG  1 
ATOM   88  O  OD1 . ASN A 1 11  ? 14.122  -5.398  3.400   1.00 8.51  ? 11  ASN A OD1 1 
ATOM   89  N  ND2 . ASN A 1 11  ? 13.618  -4.181  5.210   1.00 9.48  ? 11  ASN A ND2 1 
ATOM   90  N  N   . ALA A 1 12  ? 12.131  -2.213  0.119   1.00 7.28  ? 12  ALA A N   1 
ATOM   91  C  CA  . ALA A 1 12  ? 11.510  -1.081  -0.564  1.00 7.42  ? 12  ALA A CA  1 
ATOM   92  C  C   . ALA A 1 12  ? 10.610  -0.374  0.401   1.00 7.44  ? 12  ALA A C   1 
ATOM   93  O  O   . ALA A 1 12  ? 10.034  -0.993  1.305   1.00 7.84  ? 12  ALA A O   1 
ATOM   94  C  CB  . ALA A 1 12  ? 10.721  -1.498  -1.736  1.00 7.81  ? 12  ALA A CB  1 
ATOM   95  N  N   . TYR A 1 13  ? 10.517  0.935   0.237   1.00 7.80  ? 13  TYR A N   1 
ATOM   96  C  CA  . TYR A 1 13  ? 9.588   1.765   1.015   1.00 7.90  ? 13  TYR A CA  1 
ATOM   97  C  C   . TYR A 1 13  ? 8.691   2.541   0.036   1.00 8.84  ? 13  TYR A C   1 
ATOM   98  O  O   . TYR A 1 13  ? 9.180   3.360   -0.777  1.00 9.23  ? 13  TYR A O   1 
ATOM   99  C  CB  . TYR A 1 13  ? 10.351  2.729   1.942   1.00 8.15  ? 13  TYR A CB  1 
ATOM   100 C  CG  . TYR A 1 13  ? 9.494   3.755   2.641   1.00 8.01  ? 13  TYR A CG  1 
ATOM   101 C  CD1 . TYR A 1 13  ? 8.575   3.368   3.664   1.00 8.24  ? 13  TYR A CD1 1 
ATOM   102 C  CD2 . TYR A 1 13  ? 9.541   5.115   2.318   1.00 8.32  ? 13  TYR A CD2 1 
ATOM   103 C  CE1 . TYR A 1 13  ? 7.788   4.319   4.285   1.00 8.85  ? 13  TYR A CE1 1 
ATOM   104 C  CE2 . TYR A 1 13  ? 8.745   6.039   2.955   1.00 9.52  ? 13  TYR A CE2 1 
ATOM   105 C  CZ  . TYR A 1 13  ? 7.906   5.649   3.928   1.00 9.25  ? 13  TYR A CZ  1 
ATOM   106 O  OH  . TYR A 1 13  ? 7.143   6.615   4.555   1.00 11.81 ? 13  TYR A OH  1 
ATOM   107 N  N   . LEU A 1 14  ? 7.331   2.395   0.218   1.00 8.65  ? 14  LEU A N   1 
ATOM   108 C  CA  . LEU A 1 14  ? 6.361   2.984   -0.680  1.00 7.15  ? 14  LEU A CA  1 
ATOM   109 C  C   . LEU A 1 14  ? 5.376   3.717   0.209   1.00 7.39  ? 14  LEU A C   1 
ATOM   110 O  O   . LEU A 1 14  ? 4.497   3.126   0.783   1.00 6.29  ? 14  LEU A O   1 
ATOM   111 C  CB  . LEU A 1 14  ? 5.663   1.876   -1.532  1.00 7.92  ? 14  LEU A CB  1 
ATOM   112 C  CG  . LEU A 1 14  ? 6.609   1.114   -2.513  1.00 9.67  ? 14  LEU A CG  1 
ATOM   113 C  CD1 . LEU A 1 14  ? 5.833   0.005   -3.136  1.00 10.26 ? 14  LEU A CD1 1 
ATOM   114 C  CD2 . LEU A 1 14  ? 7.155   2.058   -3.551  1.00 9.43  ? 14  LEU A CD2 1 
ATOM   115 N  N   . PRO A 1 15  ? 5.568   5.029   0.147   1.00 6.84  ? 15  PRO A N   1 
ATOM   116 C  CA  . PRO A 1 15  ? 4.786   5.810   1.109   1.00 6.81  ? 15  PRO A CA  1 
ATOM   117 C  C   . PRO A 1 15  ? 3.352   5.931   0.725   1.00 7.05  ? 15  PRO A C   1 
ATOM   118 O  O   . PRO A 1 15  ? 3.040   6.112   -0.430  1.00 7.21  ? 15  PRO A O   1 
ATOM   119 C  CB  . PRO A 1 15  ? 5.438   7.201   1.079   1.00 7.09  ? 15  PRO A CB  1 
ATOM   120 C  CG  . PRO A 1 15  ? 6.144   7.278   -0.257  1.00 7.72  ? 15  PRO A CG  1 
ATOM   121 C  CD  . PRO A 1 15  ? 6.577   5.856   -0.565  1.00 7.30  ? 15  PRO A CD  1 
ATOM   122 N  N   . CYS A 1 16  ? 2.468   5.910   1.695   1.00 6.51  ? 16  CYS A N   1 
ATOM   123 C  CA  . CYS A 1 16  ? 1.035   6.078   1.455   1.00 7.13  ? 16  CYS A CA  1 
ATOM   124 C  C   . CYS A 1 16  ? 0.379   6.424   2.801   1.00 7.42  ? 16  CYS A C   1 
ATOM   125 O  O   . CYS A 1 16  ? 0.588   5.683   3.735   1.00 7.44  ? 16  CYS A O   1 
ATOM   126 C  CB  . CYS A 1 16  ? 0.408   4.817   0.821   1.00 7.24  ? 16  CYS A CB  1 
ATOM   127 S  SG  . CYS A 1 16  ? -1.285  5.156   0.233   1.00 8.31  ? 16  CYS A SG  1 
ATOM   128 N  N   . PHE A 1 17  ? -0.335  7.548   2.885   1.00 7.23  ? 17  PHE A N   1 
ATOM   129 C  CA  . PHE A 1 17  ? -0.867  8.092   4.108   1.00 7.96  ? 17  PHE A CA  1 
ATOM   130 C  C   . PHE A 1 17  ? -2.187  8.694   3.883   1.00 8.35  ? 17  PHE A C   1 
ATOM   131 O  O   . PHE A 1 17  ? -2.504  9.157   2.754   1.00 9.43  ? 17  PHE A O   1 
ATOM   132 C  CB  . PHE A 1 17  ? 0.026   9.170   4.706   1.00 9.35  ? 17  PHE A CB  1 
ATOM   133 C  CG  . PHE A 1 17  ? 1.378   8.726   5.213   1.00 9.81  ? 17  PHE A CG  1 
ATOM   134 C  CD1 . PHE A 1 17  ? 2.407   8.408   4.330   1.00 10.03 ? 17  PHE A CD1 1 
ATOM   135 C  CD2 . PHE A 1 17  ? 1.672   8.779   6.600   1.00 11.13 ? 17  PHE A CD2 1 
ATOM   136 C  CE1 . PHE A 1 17  ? 3.699   8.080   4.827   1.00 10.34 ? 17  PHE A CE1 1 
ATOM   137 C  CE2 . PHE A 1 17  ? 2.951   8.473   7.059   1.00 10.34 ? 17  PHE A CE2 1 
ATOM   138 C  CZ  . PHE A 1 17  ? 3.944   8.122   6.179   1.00 11.83 ? 17  PHE A CZ  1 
ATOM   139 N  N   . TYR A 1 18  ? -2.993  8.728   4.956   1.00 8.20  ? 18  TYR A N   1 
ATOM   140 C  CA  . TYR A 1 18  ? -4.290  9.508   5.042   1.00 8.51  ? 18  TYR A CA  1 
ATOM   141 C  C   . TYR A 1 18  ? -4.389  9.917   6.485   1.00 9.16  ? 18  TYR A C   1 
ATOM   142 O  O   . TYR A 1 18  ? -3.638  9.510   7.333   1.00 9.29  ? 18  TYR A O   1 
ATOM   143 C  CB  . TYR A 1 18  ? -5.501  8.793   4.474   1.00 8.76  ? 18  TYR A CB  1 
ATOM   144 C  CG  . TYR A 1 18  ? -5.962  7.727   5.387   1.00 8.77  ? 18  TYR A CG  1 
ATOM   145 C  CD1 . TYR A 1 18  ? -5.314  6.492   5.474   1.00 8.76  ? 18  TYR A CD1 1 
ATOM   146 C  CD2 . TYR A 1 18  ? -7.023  7.945   6.243   1.00 9.21  ? 18  TYR A CD2 1 
ATOM   147 C  CE1 . TYR A 1 18  ? -5.703  5.538   6.435   1.00 7.55  ? 18  TYR A CE1 1 
ATOM   148 C  CE2 . TYR A 1 18  ? -7.493  6.967   7.070   1.00 9.59  ? 18  TYR A CE2 1 
ATOM   149 C  CZ  . TYR A 1 18  ? -6.812  5.795   7.249   1.00 8.52  ? 18  TYR A CZ  1 
ATOM   150 O  OH  . TYR A 1 18  ? -7.301  4.870   8.184   1.00 8.20  ? 18  TYR A OH  1 
ATOM   151 N  N   . THR A 1 19  ? -5.309  10.811  6.780   1.00 13.38 ? 19  THR A N   1 
ATOM   152 C  CA  . THR A 1 19  ? -5.493  11.233  8.209   1.00 15.60 ? 19  THR A CA  1 
ATOM   153 C  C   . THR A 1 19  ? -6.812  10.652  8.788   1.00 15.25 ? 19  THR A C   1 
ATOM   154 O  O   . THR A 1 19  ? -7.860  11.045  8.344   1.00 16.98 ? 19  THR A O   1 
ATOM   155 C  CB  . THR A 1 19  ? -5.372  12.799  8.331   1.00 19.31 ? 19  THR A CB  1 
ATOM   156 O  OG1 . THR A 1 19  ? -6.112  13.403  7.266   1.00 34.20 ? 19  THR A OG1 1 
ATOM   157 C  CG2 . THR A 1 19  ? -3.969  13.238  8.147   1.00 15.14 ? 19  THR A CG2 1 
ATOM   158 N  N   . PRO A 1 20  ? -6.750  9.627   9.656   1.00 15.88 ? 20  PRO A N   1 
ATOM   159 C  CA  . PRO A 1 20  ? -7.989  9.066   10.163  1.00 17.17 ? 20  PRO A CA  1 
ATOM   160 C  C   . PRO A 1 20  ? -8.587  9.917   11.281  1.00 19.78 ? 20  PRO A C   1 
ATOM   161 O  O   . PRO A 1 20  ? -7.898  10.728  11.878  1.00 18.04 ? 20  PRO A O   1 
ATOM   162 C  CB  . PRO A 1 20  ? -7.573  7.704   10.726  1.00 17.78 ? 20  PRO A CB  1 
ATOM   163 C  CG  . PRO A 1 20  ? -6.146  7.777   11.008  1.00 17.78 ? 20  PRO A CG  1 
ATOM   164 C  CD  . PRO A 1 20  ? -5.598  8.807   10.061  1.00 17.43 ? 20  PRO A CD  1 
ATOM   165 N  N   . ALA A 1 21  ? -9.842  9.635   11.626  1.00 19.17 ? 21  ALA A N   1 
ATOM   166 C  CA  . ALA A 1 21  ? -10.484 10.266  12.821  1.00 19.05 ? 21  ALA A CA  1 
ATOM   167 C  C   . ALA A 1 21  ? -9.896  9.822   14.128  1.00 17.95 ? 21  ALA A C   1 
ATOM   168 O  O   . ALA A 1 21  ? -9.784  10.625  15.046  1.00 22.55 ? 21  ALA A O   1 
ATOM   169 C  CB  . ALA A 1 21  ? -11.965 9.929   12.846  1.00 20.43 ? 21  ALA A CB  1 
ATOM   170 N  N   . ALA A 1 22  ? -9.592  8.549   14.252  1.00 17.28 ? 22  ALA A N   1 
ATOM   171 C  CA  . ALA A 1 22  ? -9.096  7.961   15.530  1.00 18.15 ? 22  ALA A CA  1 
ATOM   172 C  C   . ALA A 1 22  ? -8.514  6.628   15.259  1.00 18.29 ? 22  ALA A C   1 
ATOM   173 O  O   . ALA A 1 22  ? -8.914  5.991   14.254  1.00 17.91 ? 22  ALA A O   1 
ATOM   174 C  CB  . ALA A 1 22  ? -10.250 7.804   16.529  1.00 19.99 ? 22  ALA A CB  1 
ATOM   175 N  N   . PRO A 1 23  ? -7.647  6.155   16.151  1.00 20.42 ? 23  PRO A N   1 
ATOM   176 C  CA  . PRO A 1 23  ? -6.958  4.898   15.886  1.00 22.01 ? 23  PRO A CA  1 
ATOM   177 C  C   . PRO A 1 23  ? -7.875  3.690   15.714  1.00 21.73 ? 23  PRO A C   1 
ATOM   178 O  O   . PRO A 1 23  ? -7.476  2.692   15.163  1.00 21.75 ? 23  PRO A O   1 
ATOM   179 C  CB  . PRO A 1 23  ? -5.998  4.756   17.080  1.00 20.65 ? 23  PRO A CB  1 
ATOM   180 C  CG  . PRO A 1 23  ? -6.576  5.640   18.160  1.00 22.31 ? 23  PRO A CG  1 
ATOM   181 C  CD  . PRO A 1 23  ? -7.155  6.797   17.401  1.00 21.17 ? 23  PRO A CD  1 
ATOM   182 N  N   . GLY A 1 24  ? -9.094  3.787   16.202  1.00 23.44 ? 24  GLY A N   1 
ATOM   183 C  CA  . GLY A 1 24  ? -9.965  2.657   16.219  1.00 24.10 ? 24  GLY A CA  1 
ATOM   184 C  C   . GLY A 1 24  ? -11.061 2.928   15.248  1.00 23.94 ? 24  GLY A C   1 
ATOM   185 O  O   . GLY A 1 24  ? -12.036 2.160   15.188  1.00 22.17 ? 24  GLY A O   1 
ATOM   186 N  N   . ASN A 1 25  ? -10.863 3.967   14.421  1.00 24.78 ? 25  ASN A N   1 
ATOM   187 C  CA  . ASN A 1 25  ? -11.895 4.503   13.499  1.00 21.94 ? 25  ASN A CA  1 
ATOM   188 C  C   . ASN A 1 25  ? -11.317 4.891   12.095  1.00 18.73 ? 25  ASN A C   1 
ATOM   189 O  O   . ASN A 1 25  ? -11.184 6.058   11.712  1.00 20.93 ? 25  ASN A O   1 
ATOM   190 C  CB  . ASN A 1 25  ? -12.530 5.699   14.170  1.00 22.34 ? 25  ASN A CB  1 
ATOM   191 C  CG  . ASN A 1 25  ? -13.907 6.078   13.567  1.00 26.07 ? 25  ASN A CG  1 
ATOM   192 O  OD1 . ASN A 1 25  ? -14.252 5.615   12.497  1.00 24.68 ? 25  ASN A OD1 1 
ATOM   193 N  ND2 . ASN A 1 25  ? -14.669 6.954   14.257  1.00 23.68 ? 25  ASN A ND2 1 
ATOM   194 N  N   . LEU A 1 26  ? -10.896 3.860   11.422  1.00 12.60 ? 26  LEU A N   1 
ATOM   195 C  CA  . LEU A 1 26  ? -10.033 3.997   10.276  1.00 10.18 ? 26  LEU A CA  1 
ATOM   196 C  C   . LEU A 1 26  ? -10.823 3.774   8.971   1.00 9.75  ? 26  LEU A C   1 
ATOM   197 O  O   . LEU A 1 26  ? -11.997 3.365   8.971   1.00 10.10 ? 26  LEU A O   1 
ATOM   198 C  CB  . LEU A 1 26  ? -8.983  2.931   10.419  1.00 10.26 ? 26  LEU A CB  1 
ATOM   199 C  CG  . LEU A 1 26  ? -8.101  2.909   11.711  1.00 9.99  ? 26  LEU A CG  1 
ATOM   200 C  CD1 . LEU A 1 26  ? -7.151  1.731   11.771  1.00 10.82 ? 26  LEU A CD1 1 
ATOM   201 C  CD2 . LEU A 1 26  ? -7.364  4.247   11.869  1.00 10.25 ? 26  LEU A CD2 1 
ATOM   202 N  N   . VAL A 1 27  ? -10.134 4.004   7.861   1.00 9.14  ? 27  VAL A N   1 
ATOM   203 C  CA  . VAL A 1 27  ? -10.621 3.782   6.565   1.00 9.55  ? 27  VAL A CA  1 
ATOM   204 C  C   . VAL A 1 27  ? -9.907  2.534   6.014   1.00 7.90  ? 27  VAL A C   1 
ATOM   205 O  O   . VAL A 1 27  ? -8.633  2.478   6.116   1.00 8.38  ? 27  VAL A O   1 
ATOM   206 C  CB  . VAL A 1 27  ? -10.263 5.024   5.654   1.00 10.26 ? 27  VAL A CB  1 
ATOM   207 C  CG1 . VAL A 1 27  ? -10.607 4.678   4.251   1.00 10.68 ? 27  VAL A CG1 1 
ATOM   208 C  CG2 . VAL A 1 27  ? -11.086 6.259   6.115   1.00 12.80 ? 27  VAL A CG2 1 
ATOM   209 N  N   . PRO A 1 28  ? -10.635 1.585   5.411   1.00 7.37  ? 28  PRO A N   1 
ATOM   210 C  CA  . PRO A 1 28  ? -9.944  0.423   4.818   1.00 7.07  ? 28  PRO A CA  1 
ATOM   211 C  C   . PRO A 1 28  ? -9.010  0.810   3.669   1.00 6.73  ? 28  PRO A C   1 
ATOM   212 O  O   . PRO A 1 28  ? -9.252  1.774   2.967   1.00 6.07  ? 28  PRO A O   1 
ATOM   213 C  CB  . PRO A 1 28  ? -11.049 -0.451  4.276   1.00 7.71  ? 28  PRO A CB  1 
ATOM   214 C  CG  . PRO A 1 28  ? -12.290 -0.055  5.027   1.00 7.89  ? 28  PRO A CG  1 
ATOM   215 C  CD  . PRO A 1 28  ? -12.129 1.419   5.266   1.00 7.60  ? 28  PRO A CD  1 
ATOM   216 N  N   . VAL A 1 29  ? -7.878  0.095   3.587   1.00 6.24  ? 29  VAL A N   1 
ATOM   217 C  CA  . VAL A 1 29  ? -6.855  0.361   2.571   1.00 6.76  ? 29  VAL A CA  1 
ATOM   218 C  C   . VAL A 1 29  ? -6.460  -0.926  1.932   1.00 6.82  ? 29  VAL A C   1 
ATOM   219 O  O   . VAL A 1 29  ? -6.447  -2.004  2.565   1.00 7.62  ? 29  VAL A O   1 
ATOM   220 C  CB  . VAL A 1 29  ? -5.605  1.004   3.166   1.00 7.35  ? 29  VAL A CB  1 
ATOM   221 C  CG1 . VAL A 1 29  ? -4.444  1.116   2.199   1.00 8.24  ? 29  VAL A CG1 1 
ATOM   222 C  CG2 . VAL A 1 29  ? -5.962  2.359   3.765   1.00 7.36  ? 29  VAL A CG2 1 
ATOM   223 N  N   . CYS A 1 30  ? -6.214  -0.916  0.645   1.00 7.25  ? 30  CYS A N   1 
ATOM   224 C  CA  . CYS A 1 30  ? -5.582  -2.051  0.043   1.00 7.84  ? 30  CYS A CA  1 
ATOM   225 C  C   . CYS A 1 30  ? -4.336  -1.638  -0.746  1.00 7.64  ? 30  CYS A C   1 
ATOM   226 O  O   . CYS A 1 30  ? -4.310  -0.528  -1.313  1.00 7.50  ? 30  CYS A O   1 
ATOM   227 C  CB  . CYS A 1 30  ? -6.591  -2.852  -0.805  1.00 10.68 ? 30  CYS A CB  1 
ATOM   228 S  SG  . CYS A 1 30  ? -7.339  -2.084  -2.257  1.00 13.41 ? 30  CYS A SG  1 
ATOM   229 N  N   . TRP A 1 31  ? -3.400  -2.563  -0.804  1.00 6.19  ? 31  TRP A N   1 
ATOM   230 C  CA  . TRP A 1 31  ? -2.313  -2.504  -1.750  1.00 6.06  ? 31  TRP A CA  1 
ATOM   231 C  C   . TRP A 1 31  ? -2.331  -3.635  -2.723  1.00 6.18  ? 31  TRP A C   1 
ATOM   232 O  O   . TRP A 1 31  ? -2.559  -4.786  -2.354  1.00 5.86  ? 31  TRP A O   1 
ATOM   233 C  CB  . TRP A 1 31  ? -0.981  -2.592  -1.039  1.00 6.09  ? 31  TRP A CB  1 
ATOM   234 C  CG  . TRP A 1 31  ? -0.514  -1.363  -0.306  1.00 6.04  ? 31  TRP A CG  1 
ATOM   235 C  CD1 . TRP A 1 31  ? -0.738  -1.051  0.979   1.00 6.23  ? 31  TRP A CD1 1 
ATOM   236 C  CD2 . TRP A 1 31  ? 0.396   -0.386  -0.818  1.00 5.69  ? 31  TRP A CD2 1 
ATOM   237 N  NE1 . TRP A 1 31  ? -0.073  0.118   1.294   1.00 6.57  ? 31  TRP A NE1 1 
ATOM   238 C  CE2 . TRP A 1 31  ? 0.601   0.560   0.185   1.00 6.32  ? 31  TRP A CE2 1 
ATOM   239 C  CE3 . TRP A 1 31  ? 0.992   -0.186  -2.064  1.00 6.25  ? 31  TRP A CE3 1 
ATOM   240 C  CZ2 . TRP A 1 31  ? 1.493   1.622   0.028   1.00 6.30  ? 31  TRP A CZ2 1 
ATOM   241 C  CZ3 . TRP A 1 31  ? 1.875   0.873   -2.229  1.00 5.62  ? 31  TRP A CZ3 1 
ATOM   242 C  CH2 . TRP A 1 31  ? 2.100   1.771   -1.206  1.00 6.31  ? 31  TRP A CH2 1 
ATOM   243 N  N   . GLY A 1 32  ? -2.013  -3.319  -3.972  1.00 6.59  ? 32  GLY A N   1 
ATOM   244 C  CA  . GLY A 1 32  ? -1.877  -4.331  -5.020  1.00 7.45  ? 32  GLY A CA  1 
ATOM   245 C  C   . GLY A 1 32  ? -0.778  -4.073  -5.992  1.00 7.36  ? 32  GLY A C   1 
ATOM   246 O  O   . GLY A 1 32  ? -0.213  -3.016  -6.059  1.00 7.04  ? 32  GLY A O   1 
ATOM   247 N  N   . LYS A 1 33  ? -0.382  -5.166  -6.683  1.00 8.47  ? 33  LYS A N   1 
ATOM   248 C  CA  . LYS A 1 33  ? 0.543   -5.046  -7.788  1.00 9.79  ? 33  LYS A CA  1 
ATOM   249 C  C   . LYS A 1 33  ? -0.203  -4.629  -9.041  1.00 9.62  ? 33  LYS A C   1 
ATOM   250 O  O   . LYS A 1 33  ? -1.268  -5.167  -9.356  1.00 12.97 ? 33  LYS A O   1 
ATOM   251 C  CB  . LYS A 1 33  ? 1.222   -6.420  -8.043  1.00 11.99 ? 33  LYS A CB  1 
ATOM   252 C  CG  . LYS A 1 33  ? 1.994   -6.945  -6.880  1.00 14.94 ? 33  LYS A CG  1 
ATOM   253 C  CD  . LYS A 1 33  ? 2.512   -8.361  -7.299  1.00 18.79 ? 33  LYS A CD  1 
ATOM   254 C  CE  . LYS A 1 33  ? 3.099   -9.258  -6.238  1.00 23.93 ? 33  LYS A CE  1 
ATOM   255 N  NZ  . LYS A 1 33  ? 3.409   -10.612 -6.885  1.00 27.25 ? 33  LYS A NZ  1 
ATOM   256 N  N   . GLY A 1 34  ? 0.310   -3.647  -9.728  1.00 9.31  ? 34  GLY A N   1 
ATOM   257 C  CA  . GLY A 1 34  ? -0.350  -3.100  -10.892 1.00 9.67  ? 34  GLY A CA  1 
ATOM   258 C  C   . GLY A 1 34  ? -1.039  -1.777  -10.597 1.00 10.21 ? 34  GLY A C   1 
ATOM   259 O  O   . GLY A 1 34  ? -1.428  -1.480  -9.490  1.00 9.69  ? 34  GLY A O   1 
ATOM   260 N  N   . ALA A 1 35  ? -1.118  -0.947  -11.627 1.00 8.47  ? 35  ALA A N   1 
ATOM   261 C  CA  . ALA A 1 35  ? -1.817  0.294   -11.513 1.00 8.35  ? 35  ALA A CA  1 
ATOM   262 C  C   . ALA A 1 35  ? -3.229  0.075   -10.949 1.00 8.40  ? 35  ALA A C   1 
ATOM   263 O  O   . ALA A 1 35  ? -3.913  -0.911  -11.245 1.00 8.98  ? 35  ALA A O   1 
ATOM   264 C  CB  . ALA A 1 35  ? -1.942  0.975   -12.876 1.00 8.14  ? 35  ALA A CB  1 
ATOM   265 N  N   . CYS A 1 36  ? -3.692  1.084   -10.236 1.00 7.59  ? 36  CYS A N   1 
ATOM   266 C  CA  . CYS A 1 36  ? -5.004  0.940   -9.630  1.00 8.26  ? 36  CYS A CA  1 
ATOM   267 C  C   . CYS A 1 36  ? -6.112  0.761   -10.657 1.00 8.44  ? 36  CYS A C   1 
ATOM   268 O  O   . CYS A 1 36  ? -6.260  1.559   -11.590 1.00 7.67  ? 36  CYS A O   1 
ATOM   269 C  CB  . CYS A 1 36  ? -5.347  2.155   -8.813  1.00 8.93  ? 36  CYS A CB  1 
ATOM   270 S  SG  . CYS A 1 36  ? -4.296  2.606   -7.448  1.00 11.80 ? 36  CYS A SG  1 
ATOM   271 N  N   . PRO A 1 37  ? -6.942  -0.270  -10.468 1.00 8.48  ? 37  PRO A N   1 
ATOM   272 C  CA  . PRO A 1 37  ? -8.062  -0.453  -11.336 1.00 8.40  ? 37  PRO A CA  1 
ATOM   273 C  C   . PRO A 1 37  ? -9.270  0.412   -10.973 1.00 8.10  ? 37  PRO A C   1 
ATOM   274 O  O   . PRO A 1 37  ? -9.169  1.248   -10.110 1.00 8.05  ? 37  PRO A O   1 
ATOM   275 C  CB  . PRO A 1 37  ? -8.323  -1.942  -11.171 1.00 9.18  ? 37  PRO A CB  1 
ATOM   276 C  CG  . PRO A 1 37  ? -8.010  -2.240  -9.766  1.00 9.49  ? 37  PRO A CG  1 
ATOM   277 C  CD  . PRO A 1 37  ? -6.835  -1.337  -9.462  1.00 9.04  ? 37  PRO A CD  1 
ATOM   278 N  N   . VAL A 1 38  ? -10.365 0.238   -11.685 1.00 8.21  ? 38  VAL A N   1 
ATOM   279 C  CA  . VAL A 1 38  ? -11.523 1.071   -11.418 1.00 8.85  ? 38  VAL A CA  1 
ATOM   280 C  C   . VAL A 1 38  ? -11.999 0.967   -9.987  1.00 8.28  ? 38  VAL A C   1 
ATOM   281 O  O   . VAL A 1 38  ? -12.394 1.967   -9.347  1.00 7.75  ? 38  VAL A O   1 
ATOM   282 C  CB  . VAL A 1 38  ? -12.698 0.717   -12.385 1.00 9.66  ? 38  VAL A CB  1 
ATOM   283 C  CG1 . VAL A 1 38  ? -13.916 1.557   -12.038 1.00 9.49  ? 38  VAL A CG1 1 
ATOM   284 C  CG2 . VAL A 1 38  ? -12.207 1.018   -13.829 1.00 9.89  ? 38  VAL A CG2 1 
ATOM   285 N  N   . PHE A 1 39  ? -12.027 -0.257  -9.475  1.00 8.21  ? 39  PHE A N   1 
ATOM   286 C  CA  . PHE A 1 39  ? -12.555 -0.562  -8.152  1.00 9.46  ? 39  PHE A CA  1 
ATOM   287 C  C   . PHE A 1 39  ? -11.618 -1.590  -7.527  1.00 9.53  ? 39  PHE A C   1 
ATOM   288 O  O   . PHE A 1 39  ? -11.054 -2.450  -8.257  1.00 10.26 ? 39  PHE A O   1 
ATOM   289 C  CB  . PHE A 1 39  ? -13.975 -1.176  -8.301  1.00 10.19 ? 39  PHE A CB  1 
ATOM   290 C  CG  . PHE A 1 39  ? -14.665 -1.509  -6.974  1.00 11.64 ? 39  PHE A CG  1 
ATOM   291 C  CD1 . PHE A 1 39  ? -15.146 -0.493  -6.124  1.00 12.21 ? 39  PHE A CD1 1 
ATOM   292 C  CD2 . PHE A 1 39  ? -14.751 -2.800  -6.564  1.00 10.95 ? 39  PHE A CD2 1 
ATOM   293 C  CE1 . PHE A 1 39  ? -15.754 -0.830  -4.912  1.00 12.66 ? 39  PHE A CE1 1 
ATOM   294 C  CE2 . PHE A 1 39  ? -15.407 -3.126  -5.405  1.00 12.22 ? 39  PHE A CE2 1 
ATOM   295 C  CZ  . PHE A 1 39  ? -15.868 -2.130  -4.541  1.00 12.48 ? 39  PHE A CZ  1 
ATOM   296 N  N   . GLU A 1 40  ? -11.396 -1.448  -6.208  1.00 9.85  ? 40  GLU A N   1 
ATOM   297 C  CA  . GLU A 1 40  ? -10.613 -2.392  -5.440  1.00 11.26 ? 40  GLU A CA  1 
ATOM   298 C  C   . GLU A 1 40  ? -9.128  -2.288  -5.897  1.00 10.42 ? 40  GLU A C   1 
ATOM   299 O  O   . GLU A 1 40  ? -8.709  -1.354  -6.585  1.00 9.49  ? 40  GLU A O   1 
ATOM   300 C  CB  . GLU A 1 40  ? -11.223 -3.854  -5.574  1.00 13.57 ? 40  GLU A CB  1 
ATOM   301 C  CG  . GLU A 1 40  ? -12.071 -4.303  -4.383  1.00 15.67 ? 40  GLU A CG  1 
ATOM   302 C  CD  . GLU A 1 40  ? -11.159 -4.558  -3.205  1.00 15.80 ? 40  GLU A CD  1 
ATOM   303 O  OE1 . GLU A 1 40  ? -9.968  -4.918  -3.402  1.00 19.83 ? 40  GLU A OE1 1 
ATOM   304 O  OE2 . GLU A 1 40  ? -11.625 -4.362  -2.093  1.00 18.96 ? 40  GLU A OE2 1 
ATOM   305 N  N   . CYS A 1 41  ? -8.337  -3.280  -5.500  1.00 9.89  ? 41  CYS A N   1 
ATOM   306 C  CA  . CYS A 1 41  ? -6.947  -3.459  -5.909  1.00 10.95 ? 41  CYS A CA  1 
ATOM   307 C  C   . CYS A 1 41  ? -6.836  -4.759  -6.656  1.00 11.59 ? 41  CYS A C   1 
ATOM   308 O  O   . CYS A 1 41  ? -7.469  -5.707  -6.353  1.00 13.06 ? 41  CYS A O   1 
ATOM   309 C  CB  . CYS A 1 41  ? -6.020  -3.547  -4.657  1.00 11.79 ? 41  CYS A CB  1 
ATOM   310 S  SG  . CYS A 1 41  ? -5.801  -2.033  -3.721  1.00 14.28 ? 41  CYS A SG  1 
ATOM   311 N  N   . GLY A 1 42  ? -6.007  -4.749  -7.680  1.00 11.08 ? 42  GLY A N   1 
ATOM   312 C  CA  . GLY A 1 42  ? -5.563  -6.002  -8.343  1.00 12.32 ? 42  GLY A CA  1 
ATOM   313 C  C   . GLY A 1 42  ? -4.409  -6.628  -7.683  1.00 12.69 ? 42  GLY A C   1 
ATOM   314 O  O   . GLY A 1 42  ? -3.551  -5.909  -7.166  1.00 10.94 ? 42  GLY A O   1 
ATOM   315 N  N   . ASN A 1 43  ? -4.337  -7.963  -7.725  1.00 12.40 ? 43  ASN A N   1 
ATOM   316 C  CA  . ASN A 1 43  ? -3.188  -8.627  -7.268  1.00 12.05 ? 43  ASN A CA  1 
ATOM   317 C  C   . ASN A 1 43  ? -2.782  -8.102  -5.893  1.00 9.87  ? 43  ASN A C   1 
ATOM   318 O  O   . ASN A 1 43  ? -1.671  -7.605  -5.718  1.00 10.01 ? 43  ASN A O   1 
ATOM   319 C  CB  . ASN A 1 43  ? -2.055  -8.478  -8.255  1.00 14.89 ? 43  ASN A CB  1 
ATOM   320 C  CG  . ASN A 1 43  ? -2.407  -9.005  -9.612  1.00 20.52 ? 43  ASN A CG  1 
ATOM   321 O  OD1 . ASN A 1 43  ? -2.506  -8.224  -10.548 1.00 27.74 ? 43  ASN A OD1 1 
ATOM   322 N  ND2 . ASN A 1 43  ? -2.617  -10.302 -9.726  1.00 25.98 ? 43  ASN A ND2 1 
ATOM   323 N  N   . VAL A 1 44  ? -3.696  -8.265  -4.960  1.00 9.15  ? 44  VAL A N   1 
ATOM   324 C  CA  . VAL A 1 44  ? -3.588  -7.730  -3.572  1.00 8.44  ? 44  VAL A CA  1 
ATOM   325 C  C   . VAL A 1 44  ? -2.395  -8.302  -2.827  1.00 7.87  ? 44  VAL A C   1 
ATOM   326 O  O   . VAL A 1 44  ? -2.141  -9.545  -2.868  1.00 8.79  ? 44  VAL A O   1 
ATOM   327 C  CB  . VAL A 1 44  ? -4.913  -7.938  -2.815  1.00 8.95  ? 44  VAL A CB  1 
ATOM   328 C  CG1 . VAL A 1 44  ? -4.825  -7.471  -1.394  1.00 9.34  ? 44  VAL A CG1 1 
ATOM   329 C  CG2 . VAL A 1 44  ? -6.028  -7.177  -3.492  1.00 9.69  ? 44  VAL A CG2 1 
ATOM   330 N  N   . VAL A 1 45  ? -1.577  -7.399  -2.192  1.00 6.48  ? 45  VAL A N   1 
ATOM   331 C  CA  . VAL A 1 45  ? -0.455  -7.836  -1.303  1.00 6.62  ? 45  VAL A CA  1 
ATOM   332 C  C   . VAL A 1 45  ? -0.691  -7.422  0.125   1.00 6.28  ? 45  VAL A C   1 
ATOM   333 O  O   . VAL A 1 45  ? -0.052  -7.996  0.990   1.00 6.07  ? 45  VAL A O   1 
ATOM   334 C  CB  . VAL A 1 45  ? 0.895   -7.326  -1.775  1.00 6.72  ? 45  VAL A CB  1 
ATOM   335 C  CG1 . VAL A 1 45  ? 1.209   -7.814  -3.152  1.00 7.08  ? 45  VAL A CG1 1 
ATOM   336 C  CG2 . VAL A 1 45  ? 0.931   -5.770  -1.805  1.00 6.66  ? 45  VAL A CG2 1 
ATOM   337 N  N   . LEU A 1 46  ? -1.606  -6.492  0.444   1.00 5.68  ? 46  LEU A N   1 
ATOM   338 C  CA  . LEU A 1 46  ? -1.900  -6.165  1.831   1.00 5.77  ? 46  LEU A CA  1 
ATOM   339 C  C   . LEU A 1 46  ? -3.291  -5.514  1.932   1.00 6.14  ? 46  LEU A C   1 
ATOM   340 O  O   . LEU A 1 46  ? -3.683  -4.768  1.014   1.00 6.26  ? 46  LEU A O   1 
ATOM   341 C  CB  . LEU A 1 46  ? -0.856  -5.179  2.370   1.00 6.43  ? 46  LEU A CB  1 
ATOM   342 C  CG  . LEU A 1 46  ? -0.820  -4.894  3.873   1.00 6.63  ? 46  LEU A CG  1 
ATOM   343 C  CD1 . LEU A 1 46  ? 0.535   -4.836  4.479   1.00 7.09  ? 46  LEU A CD1 1 
ATOM   344 C  CD2 . LEU A 1 46  ? -1.648  -3.673  4.185   1.00 6.61  ? 46  LEU A CD2 1 
ATOM   345 N  N   . ARG A 1 47  ? -4.015  -5.780  3.034   1.00 6.41  ? 47  ARG A N   1 
ATOM   346 C  CA  . ARG A 1 47  ? -5.330  -5.200  3.295   1.00 7.66  ? 47  ARG A CA  1 
ATOM   347 C  C   . ARG A 1 47  ? -5.488  -4.809  4.730   1.00 7.99  ? 47  ARG A C   1 
ATOM   348 O  O   . ARG A 1 47  ? -5.116  -5.578  5.601   1.00 9.62  ? 47  ARG A O   1 
ATOM   349 C  CB  . ARG A 1 47  ? -6.474  -6.134  2.940   1.00 9.59  ? 47  ARG A CB  1 
ATOM   350 C  CG  . ARG A 1 47  ? -6.753  -6.508  1.563   1.00 12.63 ? 47  ARG A CG  1 
ATOM   351 C  CD  . ARG A 1 47  ? -8.187  -7.161  1.550   1.00 13.88 ? 47  ARG A CD  1 
ATOM   352 N  NE  . ARG A 1 47  ? -8.452  -7.468  0.215   1.00 17.03 ? 47  ARG A NE  1 
ATOM   353 C  CZ  . ARG A 1 47  ? -8.994  -6.601  -0.633  1.00 19.31 ? 47  ARG A CZ  1 
ATOM   354 N  NH1 . ARG A 1 47  ? -9.150  -7.000  -1.846  1.00 22.31 ? 47  ARG A NH1 1 
ATOM   355 N  NH2 . ARG A 1 47  ? -9.392  -5.383  -0.230  1.00 19.72 ? 47  ARG A NH2 1 
ATOM   356 N  N   . THR A 1 48  ? -6.062  -3.628  4.961   1.00 7.14  ? 48  THR A N   1 
ATOM   357 C  CA  . THR A 1 48  ? -6.453  -3.190  6.309   1.00 7.07  ? 48  THR A CA  1 
ATOM   358 C  C   . THR A 1 48  ? -7.921  -2.863  6.283   1.00 8.41  ? 48  THR A C   1 
ATOM   359 O  O   . THR A 1 48  ? -8.505  -2.631  5.163   1.00 9.02  ? 48  THR A O   1 
ATOM   360 C  CB  . THR A 1 48  ? -5.687  -1.923  6.744   1.00 7.60  ? 48  THR A CB  1 
ATOM   361 O  OG1 . THR A 1 48  ? -6.121  -0.787  5.986   1.00 7.27  ? 48  THR A OG1 1 
ATOM   362 C  CG2 . THR A 1 48  ? -4.197  -2.103  6.620   1.00 7.65  ? 48  THR A CG2 1 
ATOM   363 N  N   . ASP A 1 49  ? -8.560  -2.838  7.455   1.00 7.84  ? 49  ASP A N   1 
ATOM   364 C  CA  . ASP A 1 49  ? -9.922  -2.334  7.505   1.00 8.68  ? 49  ASP A CA  1 
ATOM   365 C  C   . ASP A 1 49  ? -10.145 -1.257  8.555   1.00 9.15  ? 49  ASP A C   1 
ATOM   366 O  O   . ASP A 1 49  ? -9.234  -0.511  8.899   1.00 9.60  ? 49  ASP A O   1 
ATOM   367 C  CB  . ASP A 1 49  ? -10.968 -3.466  7.598   1.00 9.73  ? 49  ASP A CB  1 
ATOM   368 C  CG  . ASP A 1 49  ? -10.944 -4.198  8.941   1.00 12.26 ? 49  ASP A CG  1 
ATOM   369 O  OD1 . ASP A 1 49  ? -10.191 -3.816  9.884   1.00 12.28 ? 49  ASP A OD1 1 
ATOM   370 O  OD2 . ASP A 1 49  ? -11.730 -5.133  9.022   1.00 14.40 ? 49  ASP A OD2 1 
ATOM   371 N  N   . GLU A 1 50  ? -11.327 -1.160  9.110   1.00 8.43  ? 50  GLU A N   1 
ATOM   372 C  CA  . GLU A 1 50  ? -11.605 -0.099  10.088  1.00 10.02 ? 50  GLU A CA  1 
ATOM   373 C  C   . GLU A 1 50  ? -10.891 -0.276  11.386  1.00 11.71 ? 50  GLU A C   1 
ATOM   374 O  O   . GLU A 1 50  ? -10.879 0.669   12.180  1.00 14.71 ? 50  GLU A O   1 
ATOM   375 C  CB  . GLU A 1 50  ? -13.100 -0.053  10.388  1.00 9.08  ? 50  GLU A CB  1 
ATOM   376 C  CG  . GLU A 1 50  ? -13.967 0.195   9.192   1.00 10.10 ? 50  GLU A CG  1 
ATOM   377 C  CD  . GLU A 1 50  ? -14.280 -0.986  8.375   1.00 10.23 ? 50  GLU A CD  1 
ATOM   378 O  OE1 . GLU A 1 50  ? -13.900 -2.132  8.673   1.00 9.23  ? 50  GLU A OE1 1 
ATOM   379 O  OE2 . GLU A 1 50  ? -14.954 -0.726  7.347   1.00 14.73 ? 50  GLU A OE2 1 
ATOM   380 N  N   . ARG A 1 51  ? -10.319 -1.447  11.665  1.00 11.07 ? 51  ARG A N   1 
ATOM   381 C  CA  . ARG A 1 51  ? -9.661  -1.753  12.942  1.00 13.37 ? 51  ARG A CA  1 
ATOM   382 C  C   . ARG A 1 51  ? -8.378  -2.577  12.892  1.00 11.86 ? 51  ARG A C   1 
ATOM   383 O  O   . ARG A 1 51  ? -7.540  -2.387  13.780  1.00 13.21 ? 51  ARG A O   1 
ATOM   384 C  CB  . ARG A 1 51  ? -10.642 -2.447  13.906  1.00 16.17 ? 51  ARG A CB  1 
ATOM   385 C  CG  . ARG A 1 51  ? -11.074 -3.839  13.392  1.00 17.90 ? 51  ARG A CG  1 
ATOM   386 C  CD  . ARG A 1 51  ? -12.037 -4.554  14.306  1.00 21.29 ? 51  ARG A CD  1 
ATOM   387 N  NE  . ARG A 1 51  ? -11.273 -5.076  15.403  1.00 21.22 ? 51  ARG A NE  1 
ATOM   388 C  CZ  . ARG A 1 51  ? -11.672 -5.104  16.668  1.00 23.98 ? 51  ARG A CZ  1 
ATOM   389 N  NH1 . ARG A 1 51  ? -12.872 -4.699  17.041  1.00 22.48 ? 51  ARG A NH1 1 
ATOM   390 N  NH2 . ARG A 1 51  ? -10.810 -5.542  17.586  1.00 23.81 ? 51  ARG A NH2 1 
ATOM   391 N  N   . ASP A 1 52  ? -8.108  -3.360  11.832  1.00 11.94 ? 52  ASP A N   1 
ATOM   392 C  CA  . ASP A 1 52  ? -7.069  -4.317  11.799  1.00 12.45 ? 52  ASP A CA  1 
ATOM   393 C  C   . ASP A 1 52  ? -6.373  -4.406  10.485  1.00 10.63 ? 52  ASP A C   1 
ATOM   394 O  O   . ASP A 1 52  ? -6.896  -3.931  9.445   1.00 10.55 ? 52  ASP A O   1 
ATOM   395 C  CB  . ASP A 1 52  ? -7.625  -5.746  12.035  1.00 15.76 ? 52  ASP A CB  1 
ATOM   396 C  CG  . ASP A 1 52  ? -8.165  -5.966  13.483  1.00 22.43 ? 52  ASP A CG  1 
ATOM   397 O  OD1 . ASP A 1 52  ? -7.345  -5.664  14.428  1.00 23.48 ? 52  ASP A OD1 1 
ATOM   398 O  OD2 . ASP A 1 52  ? -9.338  -6.457  13.623  1.00 20.35 ? 52  ASP A OD2 1 
ATOM   399 N  N   . VAL A 1 53  ? -5.178  -4.966  10.500  1.00 10.48 ? 53  VAL A N   1 
ATOM   400 C  CA  . VAL A 1 53  ? -4.546  -5.399  9.251   1.00 10.48 ? 53  VAL A CA  1 
ATOM   401 C  C   . VAL A 1 53  ? -5.056  -6.806  9.011   1.00 11.82 ? 53  VAL A C   1 
ATOM   402 O  O   . VAL A 1 53  ? -4.667  -7.740  9.740   1.00 16.30 ? 53  VAL A O   1 
ATOM   403 C  CB  . VAL A 1 53  ? -2.962  -5.375  9.275   1.00 11.16 ? 53  VAL A CB  1 
ATOM   404 C  CG1 . VAL A 1 53  ? -2.371  -5.846  7.942   1.00 12.33 ? 53  VAL A CG1 1 
ATOM   405 C  CG2 . VAL A 1 53  ? -2.431  -4.017  9.581   1.00 11.70 ? 53  VAL A CG2 1 
ATOM   406 N  N   . ASN A 1 54  ? -5.870  -7.009  8.010   1.00 9.48  ? 54  ASN A N   1 
ATOM   407 C  CA  . ASN A 1 54  ? -6.512  -8.305  7.787   1.00 10.09 ? 54  ASN A CA  1 
ATOM   408 C  C   . ASN A 1 54  ? -5.741  -9.187  6.865   1.00 9.08  ? 54  ASN A C   1 
ATOM   409 O  O   . ASN A 1 54  ? -5.987  -10.441 6.854   1.00 10.61 ? 54  ASN A O   1 
ATOM   410 C  CB  . ASN A 1 54  ? -7.892  -8.140  7.226   1.00 10.71 ? 54  ASN A CB  1 
ATOM   411 C  CG  . ASN A 1 54  ? -8.844  -7.491  8.138   1.00 13.43 ? 54  ASN A CG  1 
ATOM   412 O  OD1 . ASN A 1 54  ? -8.773  -7.597  9.362   1.00 16.27 ? 54  ASN A OD1 1 
ATOM   413 N  ND2 . ASN A 1 54  ? -9.837  -6.846  7.509   1.00 14.88 ? 54  ASN A ND2 1 
ATOM   414 N  N   . TYR A 1 55  ? -4.861  -8.671  6.017   1.00 7.90  ? 55  TYR A N   1 
ATOM   415 C  CA  . TYR A 1 55  ? -4.124  -9.502  5.053   1.00 8.01  ? 55  TYR A CA  1 
ATOM   416 C  C   . TYR A 1 55  ? -2.712  -8.934  4.885   1.00 7.67  ? 55  TYR A C   1 
ATOM   417 O  O   . TYR A 1 55  ? -2.555  -7.784  4.609   1.00 6.77  ? 55  TYR A O   1 
ATOM   418 C  CB  . TYR A 1 55  ? -4.794  -9.625  3.675   1.00 8.24  ? 55  TYR A CB  1 
ATOM   419 C  CG  . TYR A 1 55  ? -4.043  -10.471 2.738   1.00 10.11 ? 55  TYR A CG  1 
ATOM   420 C  CD1 . TYR A 1 55  ? -3.946  -11.838 2.904   1.00 12.97 ? 55  TYR A CD1 1 
ATOM   421 C  CD2 . TYR A 1 55  ? -3.351  -9.924  1.702   1.00 10.67 ? 55  TYR A CD2 1 
ATOM   422 C  CE1 . TYR A 1 55  ? -3.187  -12.650 2.024   1.00 13.92 ? 55  TYR A CE1 1 
ATOM   423 C  CE2 . TYR A 1 55  ? -2.584  -10.699 0.852   1.00 11.96 ? 55  TYR A CE2 1 
ATOM   424 C  CZ  . TYR A 1 55  ? -2.513  -12.063 1.045   1.00 13.64 ? 55  TYR A CZ  1 
ATOM   425 O  OH  . TYR A 1 55  ? -1.793  -12.813 0.220   1.00 16.90 ? 55  TYR A OH  1 
ATOM   426 N  N   . TRP A 1 56  ? -1.690  -9.763  5.109   1.00 7.49  ? 56  TRP A N   1 
ATOM   427 C  CA  . TRP A 1 56  ? -0.286  -9.424  4.879   1.00 7.33  ? 56  TRP A CA  1 
ATOM   428 C  C   . TRP A 1 56  ? 0.491   -10.732 4.758   1.00 7.89  ? 56  TRP A C   1 
ATOM   429 O  O   . TRP A 1 56  ? -0.029  -11.808 5.160   1.00 8.49  ? 56  TRP A O   1 
ATOM   430 C  CB  . TRP A 1 56  ? 0.284   -8.529  6.001   1.00 7.97  ? 56  TRP A CB  1 
ATOM   431 C  CG  . TRP A 1 56  ? 0.368   -9.148  7.322   1.00 8.94  ? 56  TRP A CG  1 
ATOM   432 C  CD1 . TRP A 1 56  ? -0.634  -9.374  8.219   1.00 9.89  ? 56  TRP A CD1 1 
ATOM   433 C  CD2 . TRP A 1 56  ? 1.546   -9.644  7.909   1.00 10.82 ? 56  TRP A CD2 1 
ATOM   434 N  NE1 . TRP A 1 56  ? -0.137  -10.018 9.352   1.00 11.44 ? 56  TRP A NE1 1 
ATOM   435 C  CE2 . TRP A 1 56  ? 1.201   -10.202 9.162   1.00 10.80 ? 56  TRP A CE2 1 
ATOM   436 C  CE3 . TRP A 1 56  ? 2.894   -9.673  7.496   1.00 10.72 ? 56  TRP A CE3 1 
ATOM   437 C  CZ2 . TRP A 1 56  ? 2.178   -10.717 10.031  1.00 13.05 ? 56  TRP A CZ2 1 
ATOM   438 C  CZ3 . TRP A 1 56  ? 3.836   -10.196 8.359   1.00 11.36 ? 56  TRP A CZ3 1 
ATOM   439 C  CH2 . TRP A 1 56  ? 3.486   -10.740 9.559   1.00 12.88 ? 56  TRP A CH2 1 
ATOM   440 N  N   . THR A 1 57  ? 1.719   -10.673 4.271   1.00 7.02  ? 57  THR A N   1 
ATOM   441 C  CA  . THR A 1 57  ? 2.530   -11.876 4.161   1.00 8.31  ? 57  THR A CA  1 
ATOM   442 C  C   . THR A 1 57  ? 3.966   -11.526 4.444   1.00 8.10  ? 57  THR A C   1 
ATOM   443 O  O   . THR A 1 57  ? 4.294   -10.349 4.689   1.00 8.25  ? 57  THR A O   1 
ATOM   444 C  CB  . THR A 1 57  ? 2.401   -12.546 2.778   1.00 8.52  ? 57  THR A CB  1 
ATOM   445 O  OG1 . THR A 1 57  ? 2.897   -11.669 1.774   1.00 9.35  ? 57  THR A OG1 1 
ATOM   446 C  CG2 . THR A 1 57  ? 0.973   -12.984 2.482   1.00 9.06  ? 57  THR A CG2 1 
ATOM   447 N  N   . SER A 1 58  ? 4.825   -12.518 4.515   1.00 7.33  ? 58  SER A N   1 
ATOM   448 C  CA  . SER A 1 58  ? 6.187   -12.272 5.127   1.00 7.69  ? 58  SER A CA  1 
ATOM   449 C  C   . SER A 1 58  ? 6.996   -11.147 4.526   1.00 6.98  ? 58  SER A C   1 
ATOM   450 O  O   . SER A 1 58  ? 7.769   -10.509 5.250   1.00 7.55  ? 58  SER A O   1 
ATOM   451 C  CB  . SER A 1 58  ? 7.029   -13.557 5.163   1.00 9.03  ? 58  SER A CB  1 
ATOM   452 O  OG  . SER A 1 58  ? 7.632   -13.792 3.946   1.00 11.46 ? 58  SER A OG  1 
ATOM   453 N  N   . ARG A 1 59  ? 6.819   -10.870 3.235   1.00 6.99  ? 59  ARG A N   1 
ATOM   454 C  CA  . ARG A 1 59  ? 7.572   -9.798  2.573   1.00 7.29  ? 59  ARG A CA  1 
ATOM   455 C  C   . ARG A 1 59  ? 6.780   -8.512  2.282   1.00 6.79  ? 59  ARG A C   1 
ATOM   456 O  O   . ARG A 1 59  ? 7.331   -7.547  1.752   1.00 6.21  ? 59  ARG A O   1 
ATOM   457 C  CB  . ARG A 1 59  ? 8.206   -10.319 1.279   1.00 9.35  ? 59  ARG A CB  1 
ATOM   458 C  CG  . ARG A 1 59  ? 9.081   -11.547 1.467   1.00 12.30 ? 59  ARG A CG  1 
ATOM   459 C  CD  . ARG A 1 59  ? 9.715   -11.980 0.155   1.00 15.43 ? 59  ARG A CD  1 
ATOM   460 N  NE  . ARG A 1 59  ? 10.329  -10.860 -0.552  1.00 19.38 ? 59  ARG A NE  1 
ATOM   461 C  CZ  . ARG A 1 59  ? 9.919   -10.407 -1.732  1.00 15.54 ? 59  ARG A CZ  1 
ATOM   462 N  NH1 . ARG A 1 59  ? 10.538  -9.382  -2.302  1.00 12.66 ? 59  ARG A NH1 1 
ATOM   463 N  NH2 . ARG A 1 59  ? 8.891   -10.979 -2.344  1.00 17.94 ? 59  ARG A NH2 1 
ATOM   464 N  N   . TYR A 1 60  ? 5.498   -8.507  2.628   1.00 6.04  ? 60  TYR A N   1 
ATOM   465 C  CA  . TYR A 1 60  ? 4.617   -7.347  2.410   1.00 6.45  ? 60  TYR A CA  1 
ATOM   466 C  C   . TYR A 1 60  ? 3.983   -6.954  3.731   1.00 6.61  ? 60  TYR A C   1 
ATOM   467 O  O   . TYR A 1 60  ? 3.138   -7.653  4.245   1.00 6.69  ? 60  TYR A O   1 
ATOM   468 C  CB  . TYR A 1 60  ? 3.534   -7.623  1.346   1.00 7.15  ? 60  TYR A CB  1 
ATOM   469 C  CG  . TYR A 1 60  ? 4.056   -8.021  -0.015  1.00 7.40  ? 60  TYR A CG  1 
ATOM   470 C  CD1 . TYR A 1 60  ? 4.470   -7.083  -0.960  1.00 7.82  ? 60  TYR A CD1 1 
ATOM   471 C  CD2 . TYR A 1 60  ? 4.245   -9.357  -0.318  1.00 8.69  ? 60  TYR A CD2 1 
ATOM   472 C  CE1 . TYR A 1 60  ? 4.925   -7.473  -2.222  1.00 8.54  ? 60  TYR A CE1 1 
ATOM   473 C  CE2 . TYR A 1 60  ? 4.750   -9.752  -1.555  1.00 9.60  ? 60  TYR A CE2 1 
ATOM   474 C  CZ  . TYR A 1 60  ? 5.068   -8.836  -2.487  1.00 8.63  ? 60  TYR A CZ  1 
ATOM   475 O  OH  . TYR A 1 60  ? 5.519   -9.257  -3.693  1.00 10.92 ? 60  TYR A OH  1 
ATOM   476 N  N   . TRP A 1 61  ? 4.454   -5.837  4.311   1.00 5.78  ? 61  TRP A N   1 
ATOM   477 C  CA  . TRP A 1 61  ? 4.022   -5.443  5.620   1.00 6.06  ? 61  TRP A CA  1 
ATOM   478 C  C   . TRP A 1 61  ? 4.210   -3.946  5.849   1.00 6.24  ? 61  TRP A C   1 
ATOM   479 O  O   . TRP A 1 61  ? 4.786   -3.197  5.054   1.00 6.23  ? 61  TRP A O   1 
ATOM   480 C  CB  . TRP A 1 61  ? 4.703   -6.282  6.699   1.00 6.23  ? 61  TRP A CB  1 
ATOM   481 C  CG  . TRP A 1 61  ? 6.169   -6.549  6.534   1.00 6.63  ? 61  TRP A CG  1 
ATOM   482 C  CD1 . TRP A 1 61  ? 6.745   -7.618  5.910   1.00 6.37  ? 61  TRP A CD1 1 
ATOM   483 C  CD2 . TRP A 1 61  ? 7.256   -5.733  7.000   1.00 6.86  ? 61  TRP A CD2 1 
ATOM   484 N  NE1 . TRP A 1 61  ? 8.087   -7.524  5.961   1.00 7.18  ? 61  TRP A NE1 1 
ATOM   485 C  CE2 . TRP A 1 61  ? 8.467   -6.429  6.664   1.00 7.33  ? 61  TRP A CE2 1 
ATOM   486 C  CE3 . TRP A 1 61  ? 7.341   -4.515  7.735   1.00 8.20  ? 61  TRP A CE3 1 
ATOM   487 C  CZ2 . TRP A 1 61  ? 9.726   -5.990  7.016   1.00 8.03  ? 61  TRP A CZ2 1 
ATOM   488 C  CZ3 . TRP A 1 61  ? 8.638   -4.077  8.081   1.00 8.56  ? 61  TRP A CZ3 1 
ATOM   489 C  CH2 . TRP A 1 61  ? 9.810   -4.845  7.753   1.00 8.24  ? 61  TRP A CH2 1 
ATOM   490 N  N   . LEU A 1 62  ? 3.586   -3.449  6.908   1.00 6.81  ? 62  LEU A N   1 
ATOM   491 C  CA  . LEU A 1 62  ? 3.666   -2.028  7.284   1.00 7.43  ? 62  LEU A CA  1 
ATOM   492 C  C   . LEU A 1 62  ? 4.784   -1.785  8.340   1.00 8.89  ? 62  LEU A C   1 
ATOM   493 O  O   . LEU A 1 62  ? 4.768   -2.374  9.427   1.00 11.23 ? 62  LEU A O   1 
ATOM   494 C  CB  . LEU A 1 62  ? 2.281   -1.601  7.849   1.00 7.81  ? 62  LEU A CB  1 
ATOM   495 C  CG  . LEU A 1 62  ? 1.089   -1.819  6.949   1.00 8.08  ? 62  LEU A CG  1 
ATOM   496 C  CD1 . LEU A 1 62  ? -0.160  -1.313  7.656   1.00 9.65  ? 62  LEU A CD1 1 
ATOM   497 C  CD2 . LEU A 1 62  ? 1.240   -1.172  5.546   1.00 8.59  ? 62  LEU A CD2 1 
ATOM   498 N  N   . ASN A 1 63  ? 5.684   -0.897  8.061   1.00 11.83 ? 63  ASN A N   1 
ATOM   499 C  CA  . ASN A 1 63  ? 6.686   -0.457  9.102   1.00 12.50 ? 63  ASN A CA  1 
ATOM   500 C  C   . ASN A 1 63  ? 6.206   0.730   9.930   1.00 12.52 ? 63  ASN A C   1 
ATOM   501 O  O   . ASN A 1 63  ? 6.835   1.021   10.938  1.00 16.33 ? 63  ASN A O   1 
ATOM   502 C  CB  . ASN A 1 63  ? 8.020   -0.135  8.425   1.00 13.18 ? 63  ASN A CB  1 
ATOM   503 C  CG  . ASN A 1 63  ? 9.209   -0.065  9.367   1.00 14.19 ? 63  ASN A CG  1 
ATOM   504 O  OD1 . ASN A 1 63  ? 9.942   0.870   9.329   1.00 22.18 ? 63  ASN A OD1 1 
ATOM   505 N  ND2 . ASN A 1 63  ? 9.353   -0.988  10.177  1.00 12.57 ? 63  ASN A ND2 1 
ATOM   506 N  N   . GLY A 1 64  ? 5.140   1.410   9.530   1.00 9.99  ? 64  GLY A N   1 
ATOM   507 C  CA  . GLY A 1 64  ? 4.638   2.499   10.299  1.00 9.73  ? 64  GLY A CA  1 
ATOM   508 C  C   . GLY A 1 64  ? 3.371   2.091   10.954  1.00 11.31 ? 64  GLY A C   1 
ATOM   509 O  O   . GLY A 1 64  ? 3.028   0.899   10.954  1.00 11.88 ? 64  GLY A O   1 
ATOM   510 N  N   . ASP A 1 65  ? 2.689   3.065   11.532  1.00 10.85 ? 65  ASP A N   1 
ATOM   511 C  CA  . ASP A 1 65  ? 1.504   2.798   12.341  1.00 12.13 ? 65  ASP A CA  1 
ATOM   512 C  C   . ASP A 1 65  ? 0.216   3.088   11.561  1.00 10.28 ? 65  ASP A C   1 
ATOM   513 O  O   . ASP A 1 65  ? -0.192  4.258   11.406  1.00 9.18  ? 65  ASP A O   1 
ATOM   514 C  CB  . ASP A 1 65  ? 1.567   3.599   13.633  1.00 14.25 ? 65  ASP A CB  1 
ATOM   515 C  CG  . ASP A 1 65  ? 0.408   3.285   14.629  1.00 15.77 ? 65  ASP A CG  1 
ATOM   516 O  OD1 . ASP A 1 65  ? -0.459  2.472   14.363  1.00 14.01 ? 65  ASP A OD1 1 
ATOM   517 O  OD2 . ASP A 1 65  ? 0.493   3.808   15.786  1.00 19.18 ? 65  ASP A OD2 1 
ATOM   518 N  N   . PHE A 1 66  ? -0.434  2.009   11.133  1.00 10.03 ? 66  PHE A N   1 
ATOM   519 C  CA  . PHE A 1 66  ? -1.673  2.188   10.365  1.00 9.67  ? 66  PHE A CA  1 
ATOM   520 C  C   . PHE A 1 66  ? -2.772  2.874   11.129  1.00 9.08  ? 66  PHE A C   1 
ATOM   521 O  O   . PHE A 1 66  ? -3.658  3.480   10.525  1.00 8.89  ? 66  PHE A O   1 
ATOM   522 C  CB  . PHE A 1 66  ? -2.170  0.880   9.764   1.00 10.54 ? 66  PHE A CB  1 
ATOM   523 C  CG  . PHE A 1 66  ? -2.981  0.010   10.713  1.00 10.89 ? 66  PHE A CG  1 
ATOM   524 C  CD1 . PHE A 1 66  ? -2.395  -0.744  11.680  1.00 12.63 ? 66  PHE A CD1 1 
ATOM   525 C  CD2 . PHE A 1 66  ? -4.359  -0.098  10.541  1.00 11.66 ? 66  PHE A CD2 1 
ATOM   526 C  CE1 . PHE A 1 66  ? -3.137  -1.526  12.559  1.00 12.20 ? 66  PHE A CE1 1 
ATOM   527 C  CE2 . PHE A 1 66  ? -5.099  -0.915  11.366  1.00 12.17 ? 66  PHE A CE2 1 
ATOM   528 C  CZ  . PHE A 1 66  ? -4.487  -1.604  12.370  1.00 11.77 ? 66  PHE A CZ  1 
ATOM   529 N  N   . ARG A 1 67  ? -2.721  2.811   12.461  1.00 10.28 ? 67  ARG A N   1 
ATOM   530 C  CA  . ARG A 1 67  ? -3.771  3.476   13.294  1.00 11.25 ? 67  ARG A CA  1 
ATOM   531 C  C   . ARG A 1 67  ? -3.613  4.981   13.281  1.00 11.37 ? 67  ARG A C   1 
ATOM   532 O  O   . ARG A 1 67  ? -4.535  5.728   13.672  1.00 9.38  ? 67  ARG A O   1 
ATOM   533 C  CB  . ARG A 1 67  ? -3.797  2.905   14.691  1.00 12.37 ? 67  ARG A CB  1 
ATOM   534 C  CG  . ARG A 1 67  ? -4.069  1.452   14.754  1.00 15.28 ? 67  ARG A CG  1 
ATOM   535 C  CD  . ARG A 1 67  ? -4.204  0.942   16.196  1.00 19.48 ? 67  ARG A CD  1 
ATOM   536 N  NE  . ARG A 1 67  ? -4.693  -0.457  16.162  1.00 27.59 ? 67  ARG A NE  1 
ATOM   537 C  CZ  . ARG A 1 67  ? -3.954  -1.600  16.163  1.00 35.77 ? 67  ARG A CZ  1 
ATOM   538 N  NH1 . ARG A 1 67  ? -2.596  -1.609  16.251  1.00 35.50 ? 67  ARG A NH1 1 
ATOM   539 N  NH2 . ARG A 1 67  ? -4.608  -2.787  16.113  1.00 42.06 ? 67  ARG A NH2 1 
ATOM   540 N  N   . LYS A 1 68  ? -2.457  5.443   12.838  1.00 10.87 ? 68  LYS A N   1 
ATOM   541 C  CA  . LYS A 1 68  ? -2.228  6.876   12.580  1.00 12.13 ? 68  LYS A CA  1 
ATOM   542 C  C   . LYS A 1 68  ? -2.378  7.273   11.097  1.00 10.84 ? 68  LYS A C   1 
ATOM   543 O  O   . LYS A 1 68  ? -2.134  8.452   10.700  1.00 11.06 ? 68  LYS A O   1 
ATOM   544 C  CB  . LYS A 1 68  ? -0.849  7.327   13.142  1.00 15.25 ? 68  LYS A CB  1 
ATOM   545 C  CG  . LYS A 1 68  ? -0.693  6.981   14.613  1.00 20.98 ? 68  LYS A CG  1 
ATOM   546 C  CD  . LYS A 1 68  ? 0.627   7.459   15.226  1.00 33.77 ? 68  LYS A CD  1 
ATOM   547 C  CE  . LYS A 1 68  ? 1.914   6.943   14.546  1.00 44.04 ? 68  LYS A CE  1 
ATOM   548 N  NZ  . LYS A 1 68  ? 2.984   8.002   14.466  1.00 53.61 ? 68  LYS A NZ  1 
ATOM   549 N  N   . GLY A 1 69  ? -2.835  6.341   10.243  1.00 9.00  ? 69  GLY A N   1 
ATOM   550 C  CA  . GLY A 1 69  ? -2.966  6.611   8.794   1.00 8.62  ? 69  GLY A CA  1 
ATOM   551 C  C   . GLY A 1 69  ? -1.729  6.353   8.004   1.00 7.99  ? 69  GLY A C   1 
ATOM   552 O  O   . GLY A 1 69  ? -1.743  6.696   6.875   1.00 8.21  ? 69  GLY A O   1 
ATOM   553 N  N   . ASP A 1 70  ? -0.667  5.831   8.626   1.00 7.19  ? 70  ASP A N   1 
ATOM   554 C  CA  . ASP A 1 70  ? 0.583   5.495   7.907   1.00 7.22  ? 70  ASP A CA  1 
ATOM   555 C  C   . ASP A 1 70  ? 0.429   4.074   7.371   1.00 7.66  ? 70  ASP A C   1 
ATOM   556 O  O   . ASP A 1 70  ? 0.685   3.074   8.073   1.00 8.45  ? 70  ASP A O   1 
ATOM   557 C  CB  . ASP A 1 70  ? 1.806   5.592   8.757   1.00 8.10  ? 70  ASP A CB  1 
ATOM   558 C  CG  . ASP A 1 70  ? 3.086   5.377   7.965   1.00 9.14  ? 70  ASP A CG  1 
ATOM   559 O  OD1 . ASP A 1 70  ? 2.915   5.041   6.730   1.00 9.65  ? 70  ASP A OD1 1 
ATOM   560 O  OD2 . ASP A 1 70  ? 4.209   5.586   8.583   1.00 10.07 ? 70  ASP A OD2 1 
ATOM   561 N  N   . VAL A 1 71  ? -0.037  4.024   6.112   1.00 6.57  ? 71  VAL A N   1 
ATOM   562 C  CA  . VAL A 1 71  ? -0.246  2.758   5.405   1.00 6.88  ? 71  VAL A CA  1 
ATOM   563 C  C   . VAL A 1 71  ? 0.859   2.500   4.407   1.00 6.46  ? 71  VAL A C   1 
ATOM   564 O  O   . VAL A 1 71  ? 0.690   1.776   3.410   1.00 7.20  ? 71  VAL A O   1 
ATOM   565 C  CB  . VAL A 1 71  ? -1.638  2.615   4.820   1.00 7.18  ? 71  VAL A CB  1 
ATOM   566 C  CG1 . VAL A 1 71  ? -2.557  2.394   5.984   1.00 7.74  ? 71  VAL A CG1 1 
ATOM   567 C  CG2 . VAL A 1 71  ? -2.057  3.811   4.029   1.00 7.10  ? 71  VAL A CG2 1 
ATOM   568 N  N   . SER A 1 72  ? 2.007   3.112   4.635   1.00 5.83  ? 72  SER A N   1 
ATOM   569 C  CA  . SER A 1 72  ? 3.147   2.897   3.735   1.00 6.08  ? 72  SER A CA  1 
ATOM   570 C  C   . SER A 1 72  ? 3.566   1.409   3.719   1.00 6.56  ? 72  SER A C   1 
ATOM   571 O  O   . SER A 1 72  ? 3.668   0.768   4.765   1.00 7.34  ? 72  SER A O   1 
ATOM   572 C  CB  . SER A 1 72  ? 4.353   3.727   4.152   1.00 6.23  ? 72  SER A CB  1 
ATOM   573 O  OG  . SER A 1 72  ? 3.991   5.089   4.219   1.00 5.85  ? 72  SER A OG  1 
ATOM   574 N  N   . LEU A 1 73  ? 3.860   0.899   2.524   1.00 6.52  ? 73  LEU A N   1 
ATOM   575 C  CA  . LEU A 1 73  ? 4.242   -0.471  2.344   1.00 6.45  ? 73  LEU A CA  1 
ATOM   576 C  C   . LEU A 1 73  ? 5.773   -0.713  2.348   1.00 6.34  ? 73  LEU A C   1 
ATOM   577 O  O   . LEU A 1 73  ? 6.542   0.024   1.723   1.00 6.48  ? 73  LEU A O   1 
ATOM   578 C  CB  . LEU A 1 73  ? 3.697   -0.987  1.026   1.00 6.49  ? 73  LEU A CB  1 
ATOM   579 C  CG  . LEU A 1 73  ? 3.890   -2.502  0.675   1.00 5.92  ? 73  LEU A CG  1 
ATOM   580 C  CD1 . LEU A 1 73  ? 3.163   -3.418  1.650   1.00 6.23  ? 73  LEU A CD1 1 
ATOM   581 C  CD2 . LEU A 1 73  ? 3.553   -2.745  -0.766  1.00 6.03  ? 73  LEU A CD2 1 
ATOM   582 N  N   . THR A 1 74  ? 6.192   -1.727  3.101   1.00 5.94  ? 74  THR A N   1 
ATOM   583 C  CA  . THR A 1 74  ? 7.520   -2.252  3.047   1.00 6.22  ? 74  THR A CA  1 
ATOM   584 C  C   . THR A 1 74  ? 7.471   -3.548  2.227   1.00 6.37  ? 74  THR A C   1 
ATOM   585 O  O   . THR A 1 74  ? 6.594   -4.420  2.463   1.00 5.80  ? 74  THR A O   1 
ATOM   586 C  CB  . THR A 1 74  ? 8.086   -2.550  4.454   1.00 6.90  ? 74  THR A CB  1 
ATOM   587 O  OG1 . THR A 1 74  ? 8.272   -1.288  5.137   1.00 7.55  ? 74  THR A OG1 1 
ATOM   588 C  CG2 . THR A 1 74  ? 9.442   -3.265  4.361   1.00 7.47  ? 74  THR A CG2 1 
ATOM   589 N  N   . ILE A 1 75  ? 8.400   -3.663  1.266   1.00 5.96  ? 75  ILE A N   1 
ATOM   590 C  CA  . ILE A 1 75  ? 8.625   -4.897  0.571   1.00 6.68  ? 75  ILE A CA  1 
ATOM   591 C  C   . ILE A 1 75  ? 10.007  -5.362  0.980   1.00 6.36  ? 75  ILE A C   1 
ATOM   592 O  O   . ILE A 1 75  ? 11.022  -4.696  0.740   1.00 6.02  ? 75  ILE A O   1 
ATOM   593 C  CB  . ILE A 1 75  ? 8.579   -4.809  -0.991  1.00 7.41  ? 75  ILE A CB  1 
ATOM   594 C  CG1 . ILE A 1 75  ? 7.241   -4.175  -1.428  1.00 8.25  ? 75  ILE A CG1 1 
ATOM   595 C  CG2 . ILE A 1 75  ? 8.690   -6.231  -1.534  1.00 7.86  ? 75  ILE A CG2 1 
ATOM   596 C  CD1 . ILE A 1 75  ? 7.122   -3.919  -2.917  1.00 9.02  ? 75  ILE A CD1 1 
ATOM   597 N  N   . GLU A 1 76  ? 10.031  -6.479  1.690   1.00 5.74  ? 76  GLU A N   1 
ATOM   598 C  CA  . GLU A 1 76  ? 11.292  -7.013  2.298   1.00 6.55  ? 76  GLU A CA  1 
ATOM   599 C  C   . GLU A 1 76  ? 12.155  -7.797  1.320   1.00 7.96  ? 76  GLU A C   1 
ATOM   600 O  O   . GLU A 1 76  ? 11.656  -8.671  0.586   1.00 7.95  ? 76  GLU A O   1 
ATOM   601 C  CB  . GLU A 1 76  ? 10.966  -7.893  3.499   1.00 6.39  ? 76  GLU A CB  1 
ATOM   602 C  CG  . GLU A 1 76  ? 12.148  -8.189  4.393   1.00 6.63  ? 76  GLU A CG  1 
ATOM   603 C  CD  . GLU A 1 76  ? 11.762  -8.898  5.679   1.00 6.86  ? 76  GLU A CD  1 
ATOM   604 O  OE1 . GLU A 1 76  ? 10.563  -9.212  5.911   1.00 8.14  ? 76  GLU A OE1 1 
ATOM   605 O  OE2 . GLU A 1 76  ? 12.714  -9.277  6.448   1.00 8.00  ? 76  GLU A OE2 1 
ATOM   606 N  N   . ASN A 1 77  ? 13.464  -7.477  1.293   1.00 8.55  ? 77  ASN A N   1 
ATOM   607 C  CA  . ASN A 1 77  ? 14.461  -8.207  0.494   1.00 10.12 ? 77  ASN A CA  1 
ATOM   608 C  C   . ASN A 1 77  ? 14.089  -8.265  -0.996  1.00 9.26  ? 77  ASN A C   1 
ATOM   609 O  O   . ASN A 1 77  ? 13.785  -9.352  -1.587  1.00 9.59  ? 77  ASN A O   1 
ATOM   610 C  CB  . ASN A 1 77  ? 14.616  -9.583  1.124   1.00 10.95 ? 77  ASN A CB  1 
ATOM   611 C  CG  . ASN A 1 77  ? 15.788  -10.346 0.572   1.00 17.30 ? 77  ASN A CG  1 
ATOM   612 O  OD1 . ASN A 1 77  ? 16.696  -9.768  -0.043  1.00 18.58 ? 77  ASN A OD1 1 
ATOM   613 N  ND2 . ASN A 1 77  ? 15.720  -11.690 0.697   1.00 20.78 ? 77  ASN A ND2 1 
ATOM   614 N  N   . VAL A 1 78  ? 14.119  -7.095  -1.616  1.00 8.66  ? 78  VAL A N   1 
ATOM   615 C  CA  . VAL A 1 78  ? 13.638  -7.059  -2.946  1.00 9.42  ? 78  VAL A CA  1 
ATOM   616 C  C   . VAL A 1 78  ? 14.553  -7.721  -3.944  1.00 10.60 ? 78  VAL A C   1 
ATOM   617 O  O   . VAL A 1 78  ? 15.766  -7.727  -3.719  1.00 11.19 ? 78  VAL A O   1 
ATOM   618 C  CB  . VAL A 1 78  ? 13.306  -5.627  -3.428  1.00 9.75  ? 78  VAL A CB  1 
ATOM   619 C  CG1 . VAL A 1 78  ? 12.246  -4.974  -2.532  1.00 10.48 ? 78  VAL A CG1 1 
ATOM   620 C  CG2 . VAL A 1 78  ? 14.484  -4.722  -3.572  1.00 10.18 ? 78  VAL A CG2 1 
ATOM   621 N  N   . THR A 1 79  ? 13.956  -8.136  -5.060  1.00 11.19 ? 79  THR A N   1 
ATOM   622 C  CA  . THR A 1 79  ? 14.693  -8.614  -6.270  1.00 14.06 ? 79  THR A CA  1 
ATOM   623 C  C   . THR A 1 79  ? 14.233  -7.820  -7.444  1.00 14.82 ? 79  THR A C   1 
ATOM   624 O  O   . THR A 1 79  ? 13.280  -7.063  -7.331  1.00 13.19 ? 79  THR A O   1 
ATOM   625 C  CB  . THR A 1 79  ? 14.418  -10.120 -6.546  1.00 15.55 ? 79  THR A CB  1 
ATOM   626 O  OG1 . THR A 1 79  ? 13.129  -10.354 -7.105  1.00 16.35 ? 79  THR A OG1 1 
ATOM   627 C  CG2 . THR A 1 79  ? 14.559  -10.960 -5.283  1.00 17.46 ? 79  THR A CG2 1 
ATOM   628 N  N   . LEU A 1 80  ? 14.902  -7.989  -8.599  1.00 17.01 ? 80  LEU A N   1 
ATOM   629 C  CA  . LEU A 1 80  ? 14.451  -7.275  -9.802  1.00 17.38 ? 80  LEU A CA  1 
ATOM   630 C  C   . LEU A 1 80  ? 12.983  -7.622  -10.113 1.00 16.40 ? 80  LEU A C   1 
ATOM   631 O  O   . LEU A 1 80  ? 12.309  -6.779  -10.701 1.00 16.87 ? 80  LEU A O   1 
ATOM   632 C  CB  . LEU A 1 80  ? 15.344  -7.574  -10.998 1.00 19.66 ? 80  LEU A CB  1 
ATOM   633 C  CG  . LEU A 1 80  ? 16.776  -7.047  -10.813 1.00 23.71 ? 80  LEU A CG  1 
ATOM   634 C  CD1 . LEU A 1 80  ? 17.626  -7.611  -11.948 1.00 28.61 ? 80  LEU A CD1 1 
ATOM   635 C  CD2 . LEU A 1 80  ? 16.881  -5.553  -10.788 1.00 27.01 ? 80  LEU A CD2 1 
ATOM   636 N  N   . ALA A 1 81  ? 12.464  -8.787  -9.712  1.00 16.85 ? 81  ALA A N   1 
ATOM   637 C  CA  . ALA A 1 81  ? 11.121  -9.156  -10.027 1.00 16.30 ? 81  ALA A CA  1 
ATOM   638 C  C   . ALA A 1 81  ? 10.107  -8.251  -9.348  1.00 15.23 ? 81  ALA A C   1 
ATOM   639 O  O   . ALA A 1 81  ? 8.948   -8.234  -9.740  1.00 18.11 ? 81  ALA A O   1 
ATOM   640 C  CB  . ALA A 1 81  ? 10.875  -10.589 -9.591  1.00 17.98 ? 81  ALA A CB  1 
ATOM   641 N  N   . ASP A 1 82  ? 10.505  -7.502  -8.334  1.00 12.08 ? 82  ASP A N   1 
ATOM   642 C  CA  . ASP A 1 82  ? 9.590   -6.621  -7.599  1.00 11.29 ? 82  ASP A CA  1 
ATOM   643 C  C   . ASP A 1 82  ? 9.423   -5.287  -8.260  1.00 10.31 ? 82  ASP A C   1 
ATOM   644 O  O   . ASP A 1 82  ? 8.626   -4.478  -7.788  1.00 10.18 ? 82  ASP A O   1 
ATOM   645 C  CB  . ASP A 1 82  ? 10.068  -6.421  -6.130  1.00 12.56 ? 82  ASP A CB  1 
ATOM   646 C  CG  . ASP A 1 82  ? 10.050  -7.700  -5.330  1.00 12.40 ? 82  ASP A CG  1 
ATOM   647 O  OD1 . ASP A 1 82  ? 8.993   -8.358  -5.190  1.00 12.20 ? 82  ASP A OD1 1 
ATOM   648 O  OD2 . ASP A 1 82  ? 11.101  -8.105  -4.765  1.00 12.92 ? 82  ASP A OD2 1 
ATOM   649 N  N   . SER A 1 83  ? 10.188  -5.003  -9.312  1.00 11.09 ? 83  SER A N   1 
ATOM   650 C  CA  . SER A 1 83  ? 10.000  -3.792  -10.091 1.00 13.03 ? 83  SER A CA  1 
ATOM   651 C  C   . SER A 1 83  ? 8.576   -3.735  -10.663 1.00 11.28 ? 83  SER A C   1 
ATOM   652 O  O   . SER A 1 83  ? 8.024   -4.742  -11.070 1.00 13.37 ? 83  SER A O   1 
ATOM   653 C  CB  . SER A 1 83  ? 10.990  -3.757  -11.277 1.00 16.48 ? 83  SER A CB  1 
ATOM   654 O  OG  . SER A 1 83  ? 12.287  -3.711  -10.741 1.00 20.70 ? 83  SER A OG  1 
ATOM   655 N  N   . GLY A 1 84  ? 8.051   -2.546  -10.728 1.00 11.23 ? 84  GLY A N   1 
ATOM   656 C  CA  . GLY A 1 84  ? 6.749   -2.305  -11.330 1.00 11.00 ? 84  GLY A CA  1 
ATOM   657 C  C   . GLY A 1 84  ? 5.902   -1.317  -10.595 1.00 9.37  ? 84  GLY A C   1 
ATOM   658 O  O   . GLY A 1 84  ? 6.311   -0.755  -9.632  1.00 9.31  ? 84  GLY A O   1 
ATOM   659 N  N   . ILE A 1 85  ? 4.668   -1.221  -11.055 1.00 9.36  ? 85  ILE A N   1 
ATOM   660 C  CA  . ILE A 1 85  ? 3.728   -0.290  -10.492 1.00 8.74  ? 85  ILE A CA  1 
ATOM   661 C  C   . ILE A 1 85  ? 2.968   -0.987  -9.368  1.00 8.24  ? 85  ILE A C   1 
ATOM   662 O  O   . ILE A 1 85  ? 2.599   -2.185  -9.552  1.00 8.02  ? 85  ILE A O   1 
ATOM   663 C  CB  . ILE A 1 85  ? 2.772   0.276   -11.576 1.00 9.64  ? 85  ILE A CB  1 
ATOM   664 C  CG1 . ILE A 1 85  ? 3.639   0.995   -12.606 1.00 11.94 ? 85  ILE A CG1 1 
ATOM   665 C  CG2 . ILE A 1 85  ? 1.771   1.228   -10.912 1.00 10.04 ? 85  ILE A CG2 1 
ATOM   666 C  CD1 . ILE A 1 85  ? 2.896   1.585   -13.761 1.00 13.34 ? 85  ILE A CD1 1 
ATOM   667 N  N   . TYR A 1 86  ? 2.711   -0.255  -8.278  1.00 7.29  ? 86  TYR A N   1 
ATOM   668 C  CA  . TYR A 1 86  ? 1.867   -0.713  -7.162  1.00 7.23  ? 86  TYR A CA  1 
ATOM   669 C  C   . TYR A 1 86  ? 0.754   0.320   -6.925  1.00 7.46  ? 86  TYR A C   1 
ATOM   670 O  O   . TYR A 1 86  ? 0.961   1.506   -7.184  1.00 8.60  ? 86  TYR A O   1 
ATOM   671 C  CB  . TYR A 1 86  ? 2.695   -0.806  -5.877  1.00 7.11  ? 86  TYR A CB  1 
ATOM   672 C  CG  . TYR A 1 86  ? 3.722   -1.884  -5.930  1.00 7.14  ? 86  TYR A CG  1 
ATOM   673 C  CD1 . TYR A 1 86  ? 4.939   -1.675  -6.582  1.00 8.50  ? 86  TYR A CD1 1 
ATOM   674 C  CD2 . TYR A 1 86  ? 3.489   -3.080  -5.371  1.00 7.14  ? 86  TYR A CD2 1 
ATOM   675 C  CE1 . TYR A 1 86  ? 5.855   -2.731  -6.705  1.00 7.85  ? 86  TYR A CE1 1 
ATOM   676 C  CE2 . TYR A 1 86  ? 4.393   -4.147  -5.490  1.00 8.21  ? 86  TYR A CE2 1 
ATOM   677 C  CZ  . TYR A 1 86  ? 5.572   -3.949  -6.131  1.00 8.53  ? 86  TYR A CZ  1 
ATOM   678 O  OH  . TYR A 1 86  ? 6.504   -4.943  -6.219  1.00 9.75  ? 86  TYR A OH  1 
ATOM   679 N  N   . CYS A 1 87  ? -0.397  -0.156  -6.468  1.00 7.68  ? 87  CYS A N   1 
ATOM   680 C  CA  . CYS A 1 87  ? -1.566  0.647   -6.152  1.00 7.48  ? 87  CYS A CA  1 
ATOM   681 C  C   . CYS A 1 87  ? -1.722  0.661   -4.648  1.00 7.27  ? 87  CYS A C   1 
ATOM   682 O  O   . CYS A 1 87  ? -1.787  -0.424  -4.042  1.00 7.44  ? 87  CYS A O   1 
ATOM   683 C  CB  . CYS A 1 87  ? -2.790  0.035   -6.844  1.00 8.31  ? 87  CYS A CB  1 
ATOM   684 S  SG  . CYS A 1 87  ? -4.326  0.873   -6.319  1.00 10.67 ? 87  CYS A SG  1 
ATOM   685 N  N   . CYS A 1 88  ? -1.825  1.878   -4.073  1.00 6.86  ? 88  CYS A N   1 
ATOM   686 C  CA  . CYS A 1 88  ? -2.314  2.104   -2.701  1.00 6.55  ? 88  CYS A CA  1 
ATOM   687 C  C   . CYS A 1 88  ? -3.673  2.766   -2.818  1.00 6.53  ? 88  CYS A C   1 
ATOM   688 O  O   . CYS A 1 88  ? -3.773  3.846   -3.410  1.00 5.90  ? 88  CYS A O   1 
ATOM   689 C  CB  . CYS A 1 88  ? -1.321  2.979   -1.890  1.00 7.38  ? 88  CYS A CB  1 
ATOM   690 S  SG  . CYS A 1 88  ? -1.936  3.288   -0.203  1.00 7.57  ? 88  CYS A SG  1 
ATOM   691 N  N   . ARG A 1 89  ? -4.724  2.093   -2.334  1.00 5.75  ? 89  ARG A N   1 
ATOM   692 C  CA  . ARG A 1 89  ? -6.075  2.588   -2.463  1.00 6.34  ? 89  ARG A CA  1 
ATOM   693 C  C   . ARG A 1 89  ? -6.692  2.829   -1.098  1.00 6.27  ? 89  ARG A C   1 
ATOM   694 O  O   . ARG A 1 89  ? -6.775  1.887   -0.301  1.00 6.05  ? 89  ARG A O   1 
ATOM   695 C  CB  . ARG A 1 89  ? -6.898  1.557   -3.226  1.00 6.56  ? 89  ARG A CB  1 
ATOM   696 C  CG  . ARG A 1 89  ? -8.226  2.084   -3.682  1.00 7.13  ? 89  ARG A CG  1 
ATOM   697 C  CD  . ARG A 1 89  ? -8.995  1.079   -4.495  1.00 7.48  ? 89  ARG A CD  1 
ATOM   698 N  NE  . ARG A 1 89  ? -10.177 1.744   -5.094  1.00 7.70  ? 89  ARG A NE  1 
ATOM   699 C  CZ  . ARG A 1 89  ? -10.415 1.894   -6.377  1.00 7.19  ? 89  ARG A CZ  1 
ATOM   700 N  NH1 . ARG A 1 89  ? -9.702  1.241   -7.242  1.00 7.67  ? 89  ARG A NH1 1 
ATOM   701 N  NH2 . ARG A 1 89  ? -11.430 2.645   -6.746  1.00 8.56  ? 89  ARG A NH2 1 
ATOM   702 N  N   . ILE A 1 90  ? -7.071  4.115   -0.826  1.00 6.68  ? 90  ILE A N   1 
ATOM   703 C  CA  . ILE A 1 90  ? -7.735  4.498   0.419   1.00 7.88  ? 90  ILE A CA  1 
ATOM   704 C  C   . ILE A 1 90  ? -9.234  4.424   0.145   1.00 8.54  ? 90  ILE A C   1 
ATOM   705 O  O   . ILE A 1 90  ? -9.800  5.175   -0.643  1.00 8.34  ? 90  ILE A O   1 
ATOM   706 C  CB  . ILE A 1 90  ? -7.359  5.915   0.875   1.00 8.71  ? 90  ILE A CB  1 
ATOM   707 C  CG1 . ILE A 1 90  ? -5.869  6.151   0.691   1.00 9.49  ? 90  ILE A CG1 1 
ATOM   708 C  CG2 . ILE A 1 90  ? -7.914  6.237   2.274   1.00 9.02  ? 90  ILE A CG2 1 
ATOM   709 C  CD1 . ILE A 1 90  ? -5.022  5.422   1.629   1.00 10.61 ? 90  ILE A CD1 1 
ATOM   710 N  N   . GLN A 1 91  ? -9.869  3.418   0.752   1.00 9.24  ? 91  GLN A N   1 
ATOM   711 C  CA  . GLN A 1 91  ? -11.237 2.984   0.387   1.00 10.53 ? 91  GLN A CA  1 
ATOM   712 C  C   . GLN A 1 91  ? -12.236 3.740   1.238   1.00 10.73 ? 91  GLN A C   1 
ATOM   713 O  O   . GLN A 1 91  ? -12.935 3.171   2.087   1.00 12.08 ? 91  GLN A O   1 
ATOM   714 C  CB  . GLN A 1 91  ? -11.405 1.441   0.456   1.00 10.76 ? 91  GLN A CB  1 
ATOM   715 C  CG  . GLN A 1 91  ? -10.456 0.736   -0.451  1.00 12.62 ? 91  GLN A CG  1 
ATOM   716 C  CD  . GLN A 1 91  ? -10.595 -0.731  -0.416  1.00 16.21 ? 91  GLN A CD  1 
ATOM   717 O  OE1 . GLN A 1 91  ? -10.246 -1.334  0.565   1.00 17.51 ? 91  GLN A OE1 1 
ATOM   718 N  NE2 . GLN A 1 91  ? -11.009 -1.320  -1.499  1.00 16.02 ? 91  GLN A NE2 1 
ATOM   719 N  N   . ILE A 1 92  ? -12.289 5.009   0.960   1.00 11.05 ? 92  ILE A N   1 
ATOM   720 C  CA  . ILE A 1 92  ? -13.253 5.896   1.588   1.00 13.62 ? 92  ILE A CA  1 
ATOM   721 C  C   . ILE A 1 92  ? -14.665 5.349   1.379   1.00 13.94 ? 92  ILE A C   1 
ATOM   722 O  O   . ILE A 1 92  ? -15.105 4.996   0.276   1.00 11.61 ? 92  ILE A O   1 
ATOM   723 C  CB  . ILE A 1 92  ? -13.153 7.294   1.025   1.00 15.20 ? 92  ILE A CB  1 
ATOM   724 C  CG1 . ILE A 1 92  ? -11.797 7.892   1.329   1.00 17.77 ? 92  ILE A CG1 1 
ATOM   725 C  CG2 . ILE A 1 92  ? -14.220 8.197   1.612   1.00 16.32 ? 92  ILE A CG2 1 
ATOM   726 C  CD1 . ILE A 1 92  ? -11.476 9.028   0.477   1.00 19.82 ? 92  ILE A CD1 1 
ATOM   727 N  N   . PRO A 1 93  ? -15.439 5.195   2.488   1.00 16.81 ? 93  PRO A N   1 
ATOM   728 C  CA  . PRO A 1 93  ? -16.830 4.838   2.276   1.00 16.68 ? 93  PRO A CA  1 
ATOM   729 C  C   . PRO A 1 93  ? -17.603 5.777   1.285   1.00 14.80 ? 93  PRO A C   1 
ATOM   730 O  O   . PRO A 1 93  ? -17.407 6.996   1.276   1.00 14.56 ? 93  PRO A O   1 
ATOM   731 C  CB  . PRO A 1 93  ? -17.442 5.034   3.705   1.00 19.05 ? 93  PRO A CB  1 
ATOM   732 C  CG  . PRO A 1 93  ? -16.294 4.871   4.648   1.00 18.88 ? 93  PRO A CG  1 
ATOM   733 C  CD  . PRO A 1 93  ? -15.175 5.545   3.925   1.00 19.73 ? 93  PRO A CD  1 
ATOM   734 N  N   . GLY A 1 94  ? -18.405 5.158   0.442   1.00 17.99 ? 94  GLY A N   1 
ATOM   735 C  CA  . GLY A 1 94  ? -19.074 5.825   -0.674  1.00 17.13 ? 94  GLY A CA  1 
ATOM   736 C  C   . GLY A 1 94  ? -18.641 5.304   -2.019  1.00 16.13 ? 94  GLY A C   1 
ATOM   737 O  O   . GLY A 1 94  ? -17.652 4.581   -2.147  1.00 18.87 ? 94  GLY A O   1 
ATOM   738 N  N   . ILE A 1 95  ? -19.394 5.661   -3.039  1.00 13.57 ? 95  ILE A N   1 
ATOM   739 C  CA  . ILE A 1 95  ? -19.149 5.276   -4.427  1.00 14.91 ? 95  ILE A CA  1 
ATOM   740 C  C   . ILE A 1 95  ? -18.349 6.325   -5.164  1.00 14.16 ? 95  ILE A C   1 
ATOM   741 O  O   . ILE A 1 95  ? -18.661 7.504   -5.070  1.00 14.67 ? 95  ILE A O   1 
ATOM   742 C  CB  . ILE A 1 95  ? -20.539 5.222   -5.131  1.00 17.65 ? 95  ILE A CB  1 
ATOM   743 C  CG1 . ILE A 1 95  ? -21.324 4.095   -4.433  1.00 19.86 ? 95  ILE A CG1 1 
ATOM   744 C  CG2 . ILE A 1 95  ? -20.430 5.021   -6.626  1.00 20.95 ? 95  ILE A CG2 1 
ATOM   745 C  CD1 . ILE A 1 95  ? -20.717 2.759   -4.607  1.00 20.52 ? 95  ILE A CD1 1 
ATOM   746 N  N   . MET A 1 96  ? -17.413 5.873   -5.982  1.00 12.86 ? 96  MET A N   1 
ATOM   747 C  CA  . MET A 1 96  ? -16.628 6.654   -6.883  1.00 14.31 ? 96  MET A CA  1 
ATOM   748 C  C   . MET A 1 96  ? -15.801 7.739   -6.166  1.00 11.53 ? 96  MET A C   1 
ATOM   749 O  O   . MET A 1 96  ? -15.643 8.847   -6.669  1.00 11.76 ? 96  MET A O   1 
ATOM   750 C  CB  . MET A 1 96  ? -17.534 7.174   -8.052  1.00 17.35 ? 96  MET A CB  1 
ATOM   751 C  CG  . MET A 1 96  ? -17.765 6.083   -9.152  1.00 24.10 ? 96  MET A CG  1 
ATOM   752 S  SD  . MET A 1 96  ? -16.197 5.643   -10.032 1.00 33.29 ? 96  MET A SD  1 
ATOM   753 C  CE  . MET A 1 96  ? -15.135 7.089   -9.955  1.00 41.41 ? 96  MET A CE  1 
ATOM   754 N  N   . ASN A 1 97  ? -15.255 7.416   -5.008  1.00 9.61  ? 97  ASN A N   1 
ATOM   755 C  CA  . ASN A 1 97  ? -14.536 8.386   -4.249  1.00 9.59  ? 97  ASN A CA  1 
ATOM   756 C  C   . ASN A 1 97  ? -13.240 7.917   -3.576  1.00 9.08  ? 97  ASN A C   1 
ATOM   757 O  O   . ASN A 1 97  ? -12.728 8.673   -2.732  1.00 9.69  ? 97  ASN A O   1 
ATOM   758 C  CB  . ASN A 1 97  ? -15.473 8.956   -3.184  1.00 10.48 ? 97  ASN A CB  1 
ATOM   759 C  CG  . ASN A 1 97  ? -15.888 7.943   -2.142  1.00 11.43 ? 97  ASN A CG  1 
ATOM   760 O  OD1 . ASN A 1 97  ? -15.562 6.768   -2.213  1.00 11.20 ? 97  ASN A OD1 1 
ATOM   761 N  ND2 . ASN A 1 97  ? -16.722 8.393   -1.179  1.00 14.20 ? 97  ASN A ND2 1 
ATOM   762 N  N   . ASP A 1 98  ? -12.716 6.735   -3.922  1.00 7.30  ? 98  ASP A N   1 
ATOM   763 C  CA  . ASP A 1 98  ? -11.479 6.288   -3.265  1.00 7.58  ? 98  ASP A CA  1 
ATOM   764 C  C   . ASP A 1 98  ? -10.316 7.144   -3.715  1.00 7.72  ? 98  ASP A C   1 
ATOM   765 O  O   . ASP A 1 98  ? -10.320 7.709   -4.824  1.00 9.40  ? 98  ASP A O   1 
ATOM   766 C  CB  . ASP A 1 98  ? -11.190 4.820   -3.585  1.00 7.37  ? 98  ASP A CB  1 
ATOM   767 C  CG  . ASP A 1 98  ? -12.196 3.835   -3.011  1.00 7.83  ? 98  ASP A CG  1 
ATOM   768 O  OD1 . ASP A 1 98  ? -13.064 4.260   -2.195  1.00 8.22  ? 98  ASP A OD1 1 
ATOM   769 O  OD2 . ASP A 1 98  ? -12.136 2.584   -3.318  1.00 7.03  ? 98  ASP A OD2 1 
ATOM   770 N  N   . GLU A 1 99  ? -9.287  7.230   -2.850  1.00 8.19  ? 99  GLU A N   1 
ATOM   771 C  CA  . GLU A 1 99  ? -8.001  7.844   -3.221  1.00 9.04  ? 99  GLU A CA  1 
ATOM   772 C  C   . GLU A 1 99  ? -7.126  6.748   -3.806  1.00 8.92  ? 99  GLU A C   1 
ATOM   773 O  O   . GLU A 1 99  ? -6.837  5.783   -3.124  1.00 9.11  ? 99  GLU A O   1 
ATOM   774 C  CB  . GLU A 1 99  ? -7.338  8.529   -2.058  1.00 11.43 ? 99  GLU A CB  1 
ATOM   775 C  CG  . GLU A 1 99  ? -8.221  9.540   -1.428  1.00 15.01 ? 99  GLU A CG  1 
ATOM   776 C  CD  . GLU A 1 99  ? -7.596  10.218  -0.217  1.00 20.85 ? 99  GLU A CD  1 
ATOM   777 O  OE1 . GLU A 1 99  ? -6.456  9.852   0.196   1.00 24.35 ? 99  GLU A OE1 1 
ATOM   778 O  OE2 . GLU A 1 99  ? -8.264  11.132  0.330   1.00 26.66 ? 99  GLU A OE2 1 
ATOM   779 N  N   . LYS A 1 100 ? -6.712  6.922   -5.048  1.00 7.64  ? 100 LYS A N   1 
ATOM   780 C  CA  . LYS A 1 100 ? -5.958  5.931   -5.778  1.00 7.77  ? 100 LYS A CA  1 
ATOM   781 C  C   . LYS A 1 100 ? -4.566  6.443   -6.073  1.00 8.25  ? 100 LYS A C   1 
ATOM   782 O  O   . LYS A 1 100 ? -4.414  7.372   -6.876  1.00 10.75 ? 100 LYS A O   1 
ATOM   783 C  CB  . LYS A 1 100 ? -6.677  5.643   -7.102  1.00 8.69  ? 100 LYS A CB  1 
ATOM   784 C  CG  . LYS A 1 100 ? -8.099  5.066   -7.010  1.00 10.77 ? 100 LYS A CG  1 
ATOM   785 C  CD  . LYS A 1 100 ? -8.658  4.647   -8.376  1.00 13.47 ? 100 LYS A CD  1 
ATOM   786 C  CE  . LYS A 1 100 ? -8.958  5.752   -9.281  1.00 17.49 ? 100 LYS A CE  1 
ATOM   787 N  NZ  . LYS A 1 100 ? -9.651  5.234   -10.532 1.00 15.95 ? 100 LYS A NZ  1 
ATOM   788 N  N   . PHE A 1 101 ? -3.572  5.865   -5.423  1.00 7.23  ? 101 PHE A N   1 
ATOM   789 C  CA  . PHE A 1 101 ? -2.201  6.231   -5.587  1.00 7.12  ? 101 PHE A CA  1 
ATOM   790 C  C   . PHE A 1 101 ? -1.419  5.166   -6.359  1.00 6.98  ? 101 PHE A C   1 
ATOM   791 O  O   . PHE A 1 101 ? -1.415  4.003   -5.964  1.00 7.39  ? 101 PHE A O   1 
ATOM   792 C  CB  . PHE A 1 101 ? -1.466  6.493   -4.255  1.00 7.32  ? 101 PHE A CB  1 
ATOM   793 C  CG  . PHE A 1 101 ? -2.092  7.618   -3.447  1.00 8.69  ? 101 PHE A CG  1 
ATOM   794 C  CD1 . PHE A 1 101 ? -1.751  8.913   -3.649  1.00 8.98  ? 101 PHE A CD1 1 
ATOM   795 C  CD2 . PHE A 1 101 ? -3.068  7.348   -2.449  1.00 8.86  ? 101 PHE A CD2 1 
ATOM   796 C  CE1 . PHE A 1 101 ? -2.321  9.973   -2.936  1.00 10.12 ? 101 PHE A CE1 1 
ATOM   797 C  CE2 . PHE A 1 101 ? -3.650  8.372   -1.755  1.00 10.52 ? 101 PHE A CE2 1 
ATOM   798 C  CZ  . PHE A 1 101 ? -3.287  9.694   -2.001  1.00 10.08 ? 101 PHE A CZ  1 
ATOM   799 N  N   . ASN A 1 102 ? -0.845  5.593   -7.492  1.00 6.61  ? 102 ASN A N   1 
ATOM   800 C  CA  . ASN A 1 102 ? 0.050   4.706   -8.285  1.00 6.96  ? 102 ASN A CA  1 
ATOM   801 C  C   . ASN A 1 102 ? 1.494   5.021   -8.006  1.00 7.38  ? 102 ASN A C   1 
ATOM   802 O  O   . ASN A 1 102 ? 1.885   6.215   -8.052  1.00 7.55  ? 102 ASN A O   1 
ATOM   803 C  CB  . ASN A 1 102 ? -0.247  4.887   -9.760  1.00 7.28  ? 102 ASN A CB  1 
ATOM   804 C  CG  . ASN A 1 102 ? -1.607  4.325   -10.157 1.00 6.89  ? 102 ASN A CG  1 
ATOM   805 O  OD1 . ASN A 1 102 ? -1.815  3.135   -9.974  1.00 7.37  ? 102 ASN A OD1 1 
ATOM   806 N  ND2 . ASN A 1 102 ? -2.494  5.132   -10.630 1.00 6.51  ? 102 ASN A ND2 1 
ATOM   807 N  N   . LEU A 1 103 ? 2.258   4.020   -7.635  1.00 8.26  ? 103 LEU A N   1 
ATOM   808 C  CA  . LEU A 1 103 ? 3.657   4.130   -7.212  1.00 8.23  ? 103 LEU A CA  1 
ATOM   809 C  C   . LEU A 1 103 ? 4.505   3.216   -8.085  1.00 9.43  ? 103 LEU A C   1 
ATOM   810 O  O   . LEU A 1 103 ? 4.342   2.014   -7.992  1.00 11.10 ? 103 LEU A O   1 
ATOM   811 C  CB  . LEU A 1 103 ? 3.829   3.747   -5.774  1.00 8.79  ? 103 LEU A CB  1 
ATOM   812 C  CG  . LEU A 1 103 ? 3.199   4.640   -4.758  1.00 10.28 ? 103 LEU A CG  1 
ATOM   813 C  CD1 . LEU A 1 103 ? 1.722   4.491   -4.572  1.00 11.21 ? 103 LEU A CD1 1 
ATOM   814 C  CD2 . LEU A 1 103 ? 3.968   4.526   -3.410  1.00 11.36 ? 103 LEU A CD2 1 
ATOM   815 N  N   . LYS A 1 104 ? 5.489   3.732   -8.801  1.00 8.67  ? 104 LYS A N   1 
ATOM   816 C  CA  . LYS A 1 104 ? 6.353   2.829   -9.594  1.00 10.28 ? 104 LYS A CA  1 
ATOM   817 C  C   . LYS A 1 104 ? 7.618   2.549   -8.812  1.00 10.85 ? 104 LYS A C   1 
ATOM   818 O  O   . LYS A 1 104 ? 8.250   3.503   -8.428  1.00 11.92 ? 104 LYS A O   1 
ATOM   819 C  CB  . LYS A 1 104 ? 6.713   3.436   -10.931 1.00 13.37 ? 104 LYS A CB  1 
ATOM   820 C  CG  . LYS A 1 104 ? 7.520   2.508   -11.783 1.00 17.04 ? 104 LYS A CG  1 
ATOM   821 C  CD  . LYS A 1 104 ? 7.368   2.797   -13.266 1.00 22.23 ? 104 LYS A CD  1 
ATOM   822 C  CE  . LYS A 1 104 ? 8.342   2.029   -14.133 1.00 29.53 ? 104 LYS A CE  1 
ATOM   823 N  NZ  . LYS A 1 104 ? 9.638   2.774   -14.114 1.00 32.60 ? 104 LYS A NZ  1 
ATOM   824 N  N   . LEU A 1 105 ? 7.947   1.288   -8.619  1.00 10.76 ? 105 LEU A N   1 
ATOM   825 C  CA  . LEU A 1 105 ? 9.181   0.913   -7.939  1.00 10.16 ? 105 LEU A CA  1 
ATOM   826 C  C   . LEU A 1 105 ? 10.236  0.527   -9.011  1.00 9.84  ? 105 LEU A C   1 
ATOM   827 O  O   . LEU A 1 105 ? 10.001  -0.380  -9.777  1.00 10.06 ? 105 LEU A O   1 
ATOM   828 C  CB  . LEU A 1 105 ? 8.875   -0.224  -6.982  1.00 10.12 ? 105 LEU A CB  1 
ATOM   829 C  CG  . LEU A 1 105 ? 10.074  -0.756  -6.196  1.00 10.03 ? 105 LEU A CG  1 
ATOM   830 C  CD1 . LEU A 1 105 ? 10.652  0.360   -5.388  1.00 10.50 ? 105 LEU A CD1 1 
ATOM   831 C  CD2 . LEU A 1 105 ? 9.678   -1.954  -5.340  1.00 10.18 ? 105 LEU A CD2 1 
ATOM   832 N  N   . VAL A 1 106 ? 11.378  1.205   -8.994  1.00 11.14 ? 106 VAL A N   1 
ATOM   833 C  CA  . VAL A 1 106 ? 12.508  0.913   -9.840  1.00 14.27 ? 106 VAL A CA  1 
ATOM   834 C  C   . VAL A 1 106 ? 13.565  0.280   -8.954  1.00 14.63 ? 106 VAL A C   1 
ATOM   835 O  O   . VAL A 1 106 ? 13.899  0.848   -7.924  1.00 14.95 ? 106 VAL A O   1 
ATOM   836 C  CB  . VAL A 1 106 ? 13.036  2.232   -10.467 1.00 17.37 ? 106 VAL A CB  1 
ATOM   837 C  CG1 . VAL A 1 106 ? 14.268  1.965   -11.297 1.00 20.53 ? 106 VAL A CG1 1 
ATOM   838 C  CG2 . VAL A 1 106 ? 11.955  2.873   -11.313 1.00 20.66 ? 106 VAL A CG2 1 
ATOM   839 N  N   . ILE A 1 107 ? 14.042  -0.863  -9.364  1.00 16.90 ? 107 ILE A N   1 
ATOM   840 C  CA  . ILE A 1 107 ? 15.020  -1.584  -8.580  1.00 22.31 ? 107 ILE A CA  1 
ATOM   841 C  C   . ILE A 1 107 ? 16.307  -1.729  -9.352  1.00 24.03 ? 107 ILE A C   1 
ATOM   842 O  O   . ILE A 1 107 ? 16.272  -2.121  -10.486 1.00 21.84 ? 107 ILE A O   1 
ATOM   843 C  CB  . ILE A 1 107 ? 14.587  -2.982  -8.234  1.00 21.92 ? 107 ILE A CB  1 
ATOM   844 C  CG1 . ILE A 1 107 ? 13.142  -3.015  -7.699  1.00 23.93 ? 107 ILE A CG1 1 
ATOM   845 C  CG2 . ILE A 1 107 ? 15.595  -3.615  -7.239  1.00 24.81 ? 107 ILE A CG2 1 
ATOM   846 C  CD1 . ILE A 1 107 ? 13.000  -3.153  -6.263  1.00 25.45 ? 107 ILE A CD1 1 
ATOM   847 N  N   . LYS A 1 108 ? 17.404  -1.449  -8.676  1.00 27.87 ? 108 LYS A N   1 
ATOM   848 C  CA  . LYS A 1 108 ? 18.789  -1.583  -9.228  1.00 36.31 ? 108 LYS A CA  1 
ATOM   849 C  C   . LYS A 1 108 ? 19.627  -2.504  -8.335  1.00 36.64 ? 108 LYS A C   1 
ATOM   850 O  O   . LYS A 1 108 ? 19.512  -2.470  -7.108  1.00 27.83 ? 108 LYS A O   1 
ATOM   851 C  CB  . LYS A 1 108 ? 19.481  -0.209  -9.290  1.00 41.49 ? 108 LYS A CB  1 
ATOM   852 C  CG  . LYS A 1 108 ? 19.189  0.654   -8.068  1.00 48.07 ? 108 LYS A CG  1 
ATOM   853 C  CD  . LYS A 1 108 ? 20.214  1.750   -7.796  1.00 52.15 ? 108 LYS A CD  1 
ATOM   854 C  CE  . LYS A 1 108 ? 19.548  2.932   -7.054  1.00 56.48 ? 108 LYS A CE  1 
ATOM   855 N  NZ  . LYS A 1 108 ? 18.450  2.623   -6.071  1.00 50.39 ? 108 LYS A NZ  1 
ATOM   856 O  OXT . LYS A 1 108 ? 20.463  -3.274  -8.796  1.00 40.13 ? 108 LYS A OXT 1 
HETATM 857 CA CA  . CA  B 2 .   ? -15.332 4.515   -1.920  1.00 10.70 ? 201 CA  A CA  1 
HETATM 858 C  C   . BEZ C 3 .   ? -14.719 4.066   -5.313  1.00 10.00 ? 202 BEZ A C   1 
HETATM 859 O  O1  . BEZ C 3 .   ? -13.625 4.477   -5.722  1.00 9.12  ? 202 BEZ A O1  1 
HETATM 860 O  O2  . BEZ C 3 .   ? -15.221 4.384   -4.223  1.00 10.90 ? 202 BEZ A O2  1 
HETATM 861 C  C1  . BEZ C 3 .   ? -15.556 3.220   -6.244  1.00 10.13 ? 202 BEZ A C1  1 
HETATM 862 C  C2  . BEZ C 3 .   ? -15.147 2.951   -7.521  1.00 10.27 ? 202 BEZ A C2  1 
HETATM 863 C  C3  . BEZ C 3 .   ? -15.957 2.224   -8.429  1.00 11.39 ? 202 BEZ A C3  1 
HETATM 864 C  C4  . BEZ C 3 .   ? -17.133 1.697   -7.909  1.00 10.45 ? 202 BEZ A C4  1 
HETATM 865 C  C5  . BEZ C 3 .   ? -17.511 1.916   -6.596  1.00 10.82 ? 202 BEZ A C5  1 
HETATM 866 C  C6  . BEZ C 3 .   ? -16.725 2.634   -5.738  1.00 10.76 ? 202 BEZ A C6  1 
HETATM 867 C  C1  . EDO D 4 .   ? 4.640   -4.720  -9.378  1.00 23.29 ? 203 EDO A C1  1 
HETATM 868 O  O1  . EDO D 4 .   ? 3.811   -4.510  -10.507 1.00 23.99 ? 203 EDO A O1  1 
HETATM 869 C  C2  . EDO D 4 .   ? 5.029   -6.152  -9.231  1.00 25.08 ? 203 EDO A C2  1 
HETATM 870 O  O2  . EDO D 4 .   ? 5.755   -6.528  -10.326 1.00 27.57 ? 203 EDO A O2  1 
HETATM 871 C  C1  . EDO E 4 .   ? 0.928   -6.580  10.268  1.00 23.21 ? 204 EDO A C1  1 
HETATM 872 O  O1  . EDO E 4 .   ? 2.083   -6.901  11.052  1.00 26.27 ? 204 EDO A O1  1 
HETATM 873 C  C2  . EDO E 4 .   ? 1.364   -6.158  8.870   1.00 19.14 ? 204 EDO A C2  1 
HETATM 874 O  O2  . EDO E 4 .   ? 2.049   -4.903  8.942   1.00 16.59 ? 204 EDO A O2  1 
HETATM 875 O  O   . HOH F 5 .   ? 11.360  -10.780 -5.578  1.00 27.20 ? 301 HOH A O   1 
HETATM 876 O  O   . HOH F 5 .   ? -7.900  -5.406  16.777  1.00 34.73 ? 302 HOH A O   1 
HETATM 877 O  O   . HOH F 5 .   ? -10.961 7.594   9.733   1.00 27.85 ? 303 HOH A O   1 
HETATM 878 O  O   . HOH F 5 .   ? -9.596  -8.239  15.404  1.00 26.21 ? 304 HOH A O   1 
HETATM 879 O  O   . HOH F 5 .   ? -12.895 -6.227  11.029  1.00 10.71 ? 305 HOH A O   1 
HETATM 880 O  O   . HOH F 5 .   ? 3.931   5.686   11.165  1.00 15.60 ? 306 HOH A O   1 
HETATM 881 O  O   . HOH F 5 .   ? 6.491   -7.644  -5.513  1.00 12.25 ? 307 HOH A O   1 
HETATM 882 O  O   . HOH F 5 .   ? 6.322   5.488   7.016   1.00 17.34 ? 308 HOH A O   1 
HETATM 883 O  O   . HOH F 5 .   ? 11.829  5.551   -15.249 1.00 28.48 ? 309 HOH A O   1 
HETATM 884 O  O   . HOH F 5 .   ? -6.496  12.414  4.840   1.00 24.85 ? 310 HOH A O   1 
HETATM 885 O  O   . HOH F 5 .   ? -5.417  3.022   8.453   1.00 8.09  ? 311 HOH A O   1 
HETATM 886 O  O   . HOH F 5 .   ? 10.521  -0.399  12.486  1.00 19.85 ? 312 HOH A O   1 
HETATM 887 O  O   . HOH F 5 .   ? 12.112  8.766   -13.880 1.00 30.64 ? 313 HOH A O   1 
HETATM 888 O  O   . HOH F 5 .   ? 0.968   -10.381 0.380   1.00 10.10 ? 314 HOH A O   1 
HETATM 889 O  O   . HOH F 5 .   ? 12.409  -11.044 8.439   1.00 10.21 ? 315 HOH A O   1 
HETATM 890 O  O   . HOH F 5 .   ? 12.875  2.133   -1.182  1.00 17.45 ? 316 HOH A O   1 
HETATM 891 O  O   . HOH F 5 .   ? -9.178  -3.402  1.894   1.00 18.59 ? 317 HOH A O   1 
HETATM 892 O  O   . HOH F 5 .   ? 15.377  -9.178  6.141   1.00 11.76 ? 318 HOH A O   1 
HETATM 893 O  O   . HOH F 5 .   ? -7.168  0.921   7.777   1.00 7.08  ? 319 HOH A O   1 
HETATM 894 O  O   . HOH F 5 .   ? -15.650 -2.075  5.123   1.00 23.87 ? 320 HOH A O   1 
HETATM 895 O  O   . HOH F 5 .   ? 0.881   -0.664  11.488  1.00 14.71 ? 321 HOH A O   1 
HETATM 896 O  O   . HOH F 5 .   ? 6.212   0.490   5.788   1.00 11.92 ? 322 HOH A O   1 
HETATM 897 O  O   . HOH F 5 .   ? 13.256  -12.015 -1.584  1.00 18.48 ? 323 HOH A O   1 
HETATM 898 O  O   . HOH F 5 .   ? -12.246 4.659   -9.978  1.00 11.67 ? 324 HOH A O   1 
HETATM 899 O  O   . HOH F 5 .   ? -4.275  10.905  1.428   1.00 25.35 ? 325 HOH A O   1 
HETATM 900 O  O   . HOH F 5 .   ? -14.119 3.479   10.819  1.00 18.21 ? 326 HOH A O   1 
HETATM 901 O  O   . HOH F 5 .   ? 10.434  0.167   4.354   1.00 21.33 ? 327 HOH A O   1 
HETATM 902 O  O   . HOH F 5 .   ? -15.647 1.756   6.468   1.00 19.31 ? 328 HOH A O   1 
HETATM 903 O  O   . HOH F 5 .   ? 8.238   -8.856  -12.294 1.00 35.54 ? 329 HOH A O   1 
HETATM 904 O  O   . HOH F 5 .   ? -7.310  -0.175  15.464  1.00 27.11 ? 330 HOH A O   1 
HETATM 905 O  O   . HOH F 5 .   ? -13.007 6.129   -7.797  1.00 17.55 ? 331 HOH A O   1 
HETATM 906 O  O   . HOH F 5 .   ? 16.951  -2.363  3.557   1.00 16.60 ? 332 HOH A O   1 
HETATM 907 O  O   . HOH F 5 .   ? 13.159  -1.520  -12.118 1.00 35.95 ? 333 HOH A O   1 
HETATM 908 O  O   . HOH F 5 .   ? -8.013  3.604   -12.051 1.00 19.38 ? 334 HOH A O   1 
HETATM 909 O  O   . HOH F 5 .   ? -10.543 -7.649  11.449  1.00 17.04 ? 335 HOH A O   1 
HETATM 910 O  O   . HOH F 5 .   ? -5.173  8.161   14.770  1.00 28.05 ? 336 HOH A O   1 
HETATM 911 O  O   . HOH F 5 .   ? 6.013   11.547  -10.941 1.00 19.32 ? 337 HOH A O   1 
HETATM 912 O  O   . HOH F 5 .   ? 21.908  -5.398  -1.024  1.00 20.19 ? 338 HOH A O   1 
HETATM 913 O  O   . HOH F 5 .   ? -12.652 11.286  -1.874  1.00 28.98 ? 339 HOH A O   1 
HETATM 914 O  O   . HOH F 5 .   ? 22.109  -4.194  -4.314  1.00 26.05 ? 340 HOH A O   1 
HETATM 915 O  O   . HOH F 5 .   ? 11.499  4.850   -1.164  1.00 15.43 ? 341 HOH A O   1 
HETATM 916 O  O   . HOH F 5 .   ? -3.955  -3.410  -12.472 1.00 33.47 ? 342 HOH A O   1 
HETATM 917 O  O   . HOH F 5 .   ? 10.223  -0.421  -12.560 1.00 21.70 ? 343 HOH A O   1 
HETATM 918 O  O   . HOH F 5 .   ? -11.948 8.268   -7.022  1.00 26.21 ? 344 HOH A O   1 
HETATM 919 O  O   . HOH F 5 .   ? -3.716  -11.856 -3.108  1.00 33.75 ? 345 HOH A O   1 
HETATM 920 O  O   . HOH F 5 .   ? 0.851   11.296  -8.918  1.00 23.68 ? 346 HOH A O   1 
HETATM 921 O  O   . HOH F 5 .   ? 1.166   7.499   -2.018  1.00 12.67 ? 347 HOH A O   1 
HETATM 922 O  O   . HOH F 5 .   ? -14.195 3.850   7.270   1.00 23.66 ? 348 HOH A O   1 
HETATM 923 O  O   . HOH F 5 .   ? -15.106 1.370   2.204   1.00 35.38 ? 349 HOH A O   1 
HETATM 924 O  O   . HOH F 5 .   ? 0.851   -3.338  10.964  1.00 19.48 ? 350 HOH A O   1 
HETATM 925 O  O   . HOH F 5 .   ? 1.266   8.323   -6.270  1.00 12.55 ? 351 HOH A O   1 
HETATM 926 O  O   . HOH F 5 .   ? 3.215   1.717   7.393   1.00 9.86  ? 352 HOH A O   1 
HETATM 927 O  O   . HOH F 5 .   ? -5.420  10.737  13.252  1.00 33.89 ? 353 HOH A O   1 
HETATM 928 O  O   . HOH F 5 .   ? -6.361  -9.423  -9.084  1.00 26.75 ? 354 HOH A O   1 
HETATM 929 O  O   . HOH F 5 .   ? -12.422 -0.214  -3.763  1.00 14.20 ? 355 HOH A O   1 
HETATM 930 O  O   . HOH F 5 .   ? -7.584  -9.411  11.217  1.00 21.42 ? 356 HOH A O   1 
HETATM 931 O  O   . HOH F 5 .   ? 17.137  -10.088 -2.866  1.00 16.49 ? 357 HOH A O   1 
HETATM 932 O  O   . HOH F 5 .   ? -0.710  -13.242 7.563   1.00 34.53 ? 358 HOH A O   1 
HETATM 933 O  O   . HOH F 5 .   ? -5.806  -10.144 -5.556  1.00 18.11 ? 359 HOH A O   1 
HETATM 934 O  O   . HOH F 5 .   ? -5.273  4.638   -11.274 1.00 15.62 ? 360 HOH A O   1 
HETATM 935 O  O   . HOH F 5 .   ? -2.744  11.024  11.918  1.00 26.90 ? 361 HOH A O   1 
HETATM 936 O  O   . HOH F 5 .   ? -3.478  -3.179  -8.290  1.00 13.82 ? 362 HOH A O   1 
HETATM 937 O  O   . HOH F 5 .   ? -17.584 11.205  -1.221  1.00 36.69 ? 363 HOH A O   1 
HETATM 938 O  O   . HOH F 5 .   ? 3.773   -2.743  -13.408 1.00 22.99 ? 364 HOH A O   1 
HETATM 939 O  O   . HOH F 5 .   ? -4.191  -5.677  13.182  1.00 27.05 ? 365 HOH A O   1 
HETATM 940 O  O   . HOH F 5 .   ? -3.582  -5.563  -11.235 1.00 29.18 ? 366 HOH A O   1 
HETATM 941 O  O   . HOH F 5 .   ? 8.374   10.448  -9.876  1.00 18.83 ? 367 HOH A O   1 
HETATM 942 O  O   . HOH F 5 .   ? 4.354   -1.980  12.344  1.00 33.16 ? 368 HOH A O   1 
HETATM 943 O  O   . HOH F 5 .   ? -14.987 11.651  -5.932  1.00 21.09 ? 369 HOH A O   1 
HETATM 944 O  O   . HOH F 5 .   ? -17.564 -1.735  8.368   1.00 26.39 ? 370 HOH A O   1 
HETATM 945 O  O   . HOH F 5 .   ? -0.993  10.604  8.158   1.00 23.68 ? 371 HOH A O   1 
HETATM 946 O  O   . HOH F 5 .   ? -9.617  -1.264  -14.169 1.00 28.76 ? 372 HOH A O   1 
HETATM 947 O  O   . HOH F 5 .   ? 16.351  -0.034  -1.016  1.00 23.45 ? 373 HOH A O   1 
HETATM 948 O  O   . HOH F 5 .   ? -5.809  0.542   -14.379 1.00 21.76 ? 374 HOH A O   1 
HETATM 949 O  O   . HOH F 5 .   ? 17.169  -9.971  -8.411  1.00 28.43 ? 375 HOH A O   1 
HETATM 950 O  O   . HOH F 5 .   ? 2.812   8.350   11.466  1.00 28.41 ? 376 HOH A O   1 
HETATM 951 O  O   . HOH F 5 .   ? 10.752  0.972   -16.287 1.00 40.79 ? 377 HOH A O   1 
HETATM 952 O  O   . HOH F 5 .   ? -10.599 -4.475  3.962   1.00 29.80 ? 378 HOH A O   1 
HETATM 953 O  O   . HOH F 5 .   ? -21.919 7.143   -2.222  1.00 23.61 ? 379 HOH A O   1 
HETATM 954 O  O   . HOH F 5 .   ? 12.667  -1.463  6.188   1.00 17.50 ? 380 HOH A O   1 
HETATM 955 O  O   . HOH F 5 .   ? -7.704  9.280   -6.707  1.00 25.83 ? 381 HOH A O   1 
HETATM 956 O  O   . HOH F 5 .   ? 0.732   9.419   10.215  1.00 23.39 ? 382 HOH A O   1 
HETATM 957 O  O   . HOH F 5 .   ? -0.718  8.835   0.093   1.00 12.88 ? 383 HOH A O   1 
HETATM 958 O  O   . HOH F 5 .   ? -9.876  -7.405  -5.350  1.00 22.47 ? 384 HOH A O   1 
HETATM 959 O  O   . HOH F 5 .   ? 11.079  3.318   -16.819 1.00 33.49 ? 385 HOH A O   1 
HETATM 960 O  O   . HOH F 5 .   ? 12.569  6.205   -3.112  1.00 23.22 ? 386 HOH A O   1 
HETATM 961 O  O   . HOH F 5 .   ? -15.617 2.256   -1.360  1.00 24.48 ? 387 HOH A O   1 
HETATM 962 O  O   . HOH F 5 .   ? -19.597 2.161   0.660   1.00 35.25 ? 388 HOH A O   1 
HETATM 963 O  O   . HOH F 5 .   ? -13.794 7.400   17.346  1.00 22.48 ? 389 HOH A O   1 
HETATM 964 O  O   . HOH F 5 .   ? -7.207  -10.457 -0.094  1.00 34.59 ? 390 HOH A O   1 
HETATM 965 O  O   . HOH F 5 .   ? 12.861  -13.252 0.813   1.00 22.99 ? 391 HOH A O   1 
HETATM 966 O  O   . HOH F 5 .   ? -2.837  -12.273 6.858   1.00 17.87 ? 392 HOH A O   1 
HETATM 967 O  O   . HOH F 5 .   ? -7.397  -11.672 9.547   1.00 15.31 ? 393 HOH A O   1 
HETATM 968 O  O   . HOH F 5 .   ? 2.554   8.895   -3.880  1.00 19.80 ? 394 HOH A O   1 
HETATM 969 O  O   . HOH F 5 .   ? 7.371   2.716   7.187   1.00 30.57 ? 395 HOH A O   1 
HETATM 970 O  O   . HOH F 5 .   ? 21.848  -7.987  0.384   1.00 24.84 ? 396 HOH A O   1 
HETATM 971 O  O   . HOH F 5 .   ? -12.565 4.999   17.663  1.00 24.61 ? 397 HOH A O   1 
HETATM 972 O  O   . HOH F 5 .   ? -9.419  2.774   19.953  1.00 30.31 ? 398 HOH A O   1 
HETATM 973 O  O   . HOH F 5 .   ? 12.294  -11.888 3.070   1.00 24.14 ? 399 HOH A O   1 
HETATM 974 O  O   . HOH F 5 .   ? 19.210  -10.219 3.342   1.00 32.17 ? 400 HOH A O   1 
# 
